data_5SX9
#
_entry.id   5SX9
#
_cell.length_a   113.447
_cell.length_b   116.100
_cell.length_c   147.979
_cell.angle_alpha   90.000
_cell.angle_beta   90.000
_cell.angle_gamma   90.000
#
_symmetry.space_group_name_H-M   'P 21 21 21'
#
loop_
_entity.id
_entity.type
_entity.pdbx_description
1 polymer 'Phosphatidylinositol 4,5-bisphosphate 3-kinase catalytic subunit alpha isoform'
2 polymer 'Phosphatidylinositol 3-kinase regulatory subunit alpha'
3 non-polymer 4,6-dimethylpyridin-2-amine
#
loop_
_entity_poly.entity_id
_entity_poly.type
_entity_poly.pdbx_seq_one_letter_code
_entity_poly.pdbx_strand_id
1 'polypeptide(L)'
;MSYYHHHHHHDYDIPTTENLYFQGAMGSMPPRPSSGELWGIHLMPPRILVECLLPNGMIVTLECLREATLITIKHELFKE
ARKYPLHQLLQDESSYIFVSVTQEAEREEFFDETRRLCDLRLFQPFLKVIEPVGNREEKILNREIGFAIGMPVCEFDMVK
DPEVQDFRRNILNVCKEAVDLRDLNSPHSRAMYVYPPNVESSPELPKHIYNKLDKGQIIVVIWVIVSPNNDKQKYTLKIN
HDCVPEQVIAEAIRKKTRSMLLSSEQLKLCVLEYQGKYILKVCGCDEYFLEKYPLSQYKYIRSCIMLGRMPNLMLMAKES
LYSQLPMDCFTMPSYSRRISTATPYMNGETSTKSLWVINSALRIKILCATYVNVNIRDIDKIYVRTGIYHGGEPLCDNVN
TQRVPCSNPRWNEWLNYDIYIPDLPRAARLCLSICSVKGRKGAKEEHCPLAWGNINLFDYTDTLVSGKMALNLWPVPHGL
EDLLNPIGVTGSNPNKETPCLELEFDWFSSVVKFPDMSVIEEHANWSVSREAGFSYSHAGLSNRLARDNELRENDKEQLK
AISTRDPLSEITEQEKDFLWSHRHYCVTIPEILPKLLLSVKWNSRDEVAQMYCLVKDWPPIKPEQAMELLDCNYPDPMVR
GFAVRCLEKYLTDDKLSQYLIQLVQVLKYEQYLDNLLVRFLLKKALTNQRIGHFFFWHLKSEMHNKTVSQRFGLLLESYC
RACGMYLKHLNRQVEAMEKLINLTDILKQEKKDETQKVQMKFLVEQMRRPDFMDALQGFLSPLNPAHQLGNLRLEECRIM
SSAKRPLWLNWENPDIM(SEP)ELLFQNNEIIFKNGDDLRQDMLTLQIIRIMENIWQNQGLDLRMLPYGCLSIGDCVGLI
EVVRNSHTIMQIQCKGGLKGALQFNSHTLHQWLKDKNKGEIYDAAIDLFTRSCAGYCVATFILGIGDRHNSNIMVKDDGQ
LFHIDFGHFLDHKKKKFGYKRERVPFVLTQDFLIVISKGAQECTKTREFERFQEMCYKAYLAIRQHANLFINLFSMMLGS
GMPELQSFDDIAYIRKTLALDKTEQEALEYFMKQMNDAHHGGWTTKMDWIFHTIKQHALN
;
A
2 'polypeptide(L)'
;MNNNMSLQDAEWYWGDISREEVNEKLRDTADGTFLVRDASTKMHGDYTLTLRKGGNNKLIKIFHRDGKYGFSDPLTFSSV
VELINHYRNESLAQYNPKLDVKLLYPVSKYQQDQVVKEDNIEAVGKKLHEYNTQFQEKSREYDRLYEEYTRTSQEIQMKR
TAIEAFNETIKIFEEQCQTQERYSKEYIEKFKREGNEKEIQRIMHNYDKLKSRISEIIDSRRRLEEDLKKQAAEYREIDK
RMNSIKPDLIQLRKTRDQYLMWLTQKGVRQKKLNEWLGN
;
B
#
loop_
_chem_comp.id
_chem_comp.type
_chem_comp.name
_chem_comp.formula
71L non-polymer 4,6-dimethylpyridin-2-amine 'C7 H10 N2'
#
# COMPACT_ATOMS: atom_id res chain seq x y z
N SER A 2 -40.55 19.83 27.40
CA SER A 2 -39.72 20.98 27.90
C SER A 2 -38.29 20.85 27.47
N TYR A 3 -37.80 19.62 27.42
CA TYR A 3 -36.45 19.33 26.94
C TYR A 3 -36.35 19.61 25.43
N TYR A 4 -37.29 19.03 24.67
CA TYR A 4 -37.26 19.07 23.20
C TYR A 4 -38.33 19.97 22.57
N HIS A 5 -38.91 20.88 23.36
CA HIS A 5 -40.03 21.71 22.90
C HIS A 5 -41.14 20.88 22.24
N HIS A 6 -41.42 19.72 22.85
CA HIS A 6 -42.41 18.76 22.37
C HIS A 6 -42.34 18.52 20.87
N HIS A 7 -41.13 18.64 20.30
CA HIS A 7 -40.92 18.48 18.86
C HIS A 7 -40.72 17.01 18.53
N HIS A 8 -41.72 16.44 17.84
CA HIS A 8 -41.68 15.06 17.40
C HIS A 8 -40.85 14.99 16.11
N HIS A 9 -40.02 13.96 16.02
CA HIS A 9 -39.47 13.49 14.74
C HIS A 9 -40.32 12.31 14.31
N HIS A 10 -41.14 12.50 13.30
CA HIS A 10 -42.03 11.44 12.83
C HIS A 10 -41.27 10.31 12.09
N ASP A 11 -40.22 10.69 11.36
CA ASP A 11 -39.39 9.74 10.58
C ASP A 11 -38.72 8.64 11.43
N TYR A 12 -38.24 9.01 12.61
CA TYR A 12 -37.52 8.07 13.50
C TYR A 12 -38.25 6.74 13.66
N ASP A 13 -37.75 5.72 12.97
CA ASP A 13 -38.29 4.38 13.11
C ASP A 13 -37.68 3.69 14.34
N ILE A 14 -38.49 2.84 14.95
CA ILE A 14 -38.18 2.27 16.26
C ILE A 14 -37.05 1.21 16.23
N PRO A 15 -37.16 0.12 15.42
CA PRO A 15 -35.89 -0.55 15.09
C PRO A 15 -35.12 0.37 14.11
N THR A 16 -33.80 0.21 14.06
CA THR A 16 -32.88 1.18 13.43
C THR A 16 -33.15 2.64 13.86
N GLN A 23 -24.28 1.55 11.08
CA GLN A 23 -25.04 1.36 12.31
C GLN A 23 -24.14 1.60 13.52
N GLY A 24 -24.75 2.06 14.61
CA GLY A 24 -24.06 2.26 15.89
C GLY A 24 -24.11 1.02 16.76
N ALA A 25 -25.28 0.37 16.83
CA ALA A 25 -25.49 -0.84 17.65
C ALA A 25 -24.48 -1.95 17.25
N MET A 26 -23.39 -2.05 18.03
CA MET A 26 -22.19 -2.87 17.76
C MET A 26 -21.43 -2.42 16.50
N GLY A 27 -21.23 -1.11 16.39
CA GLY A 27 -20.58 -0.49 15.24
C GLY A 27 -19.05 -0.45 15.35
N SER A 28 -18.43 -1.59 15.02
CA SER A 28 -16.97 -1.76 15.14
C SER A 28 -16.42 -3.00 14.39
N MET A 29 -16.64 -3.07 13.06
CA MET A 29 -16.10 -4.17 12.22
C MET A 29 -16.42 -4.05 10.70
N PRO A 30 -16.01 -2.94 10.03
CA PRO A 30 -16.60 -2.58 8.70
C PRO A 30 -16.50 -3.56 7.50
N PRO A 31 -15.28 -3.99 7.11
CA PRO A 31 -15.01 -4.66 5.81
C PRO A 31 -15.54 -6.11 5.63
N ARG A 32 -16.20 -6.34 4.49
CA ARG A 32 -16.71 -7.66 4.06
C ARG A 32 -16.71 -7.66 2.52
N PRO A 33 -17.19 -8.70 1.83
CA PRO A 33 -17.48 -10.05 2.33
C PRO A 33 -16.66 -11.07 1.55
N SER A 34 -16.97 -12.36 1.72
CA SER A 34 -16.43 -13.40 0.85
C SER A 34 -17.14 -14.74 1.01
N SER A 35 -16.99 -15.55 -0.03
CA SER A 35 -17.40 -16.95 0.00
C SER A 35 -16.15 -17.78 0.32
N GLY A 36 -16.38 -18.85 1.08
CA GLY A 36 -15.31 -19.59 1.73
C GLY A 36 -14.88 -20.88 1.06
N GLU A 37 -15.18 -22.00 1.71
CA GLU A 37 -14.74 -23.33 1.28
C GLU A 37 -15.67 -24.02 0.26
N LEU A 38 -16.87 -23.44 0.13
CA LEU A 38 -17.83 -23.81 -0.89
C LEU A 38 -18.63 -22.54 -1.26
N TRP A 39 -19.35 -22.57 -2.38
CA TRP A 39 -20.11 -21.40 -2.82
C TRP A 39 -21.16 -21.00 -1.78
N GLY A 40 -21.20 -19.73 -1.44
CA GLY A 40 -22.24 -19.18 -0.58
C GLY A 40 -22.09 -19.47 0.89
N ILE A 41 -21.13 -20.32 1.26
CA ILE A 41 -21.05 -20.83 2.64
C ILE A 41 -19.60 -20.86 3.11
N HIS A 42 -19.38 -20.48 4.36
CA HIS A 42 -18.03 -20.22 4.87
C HIS A 42 -17.16 -21.46 5.13
N LEU A 43 -17.82 -22.54 5.54
CA LEU A 43 -17.17 -23.66 6.19
C LEU A 43 -17.99 -24.90 5.87
N MET A 44 -17.44 -25.85 5.11
CA MET A 44 -18.34 -26.88 4.58
C MET A 44 -18.80 -27.79 5.73
N PRO A 45 -20.04 -28.30 5.65
CA PRO A 45 -20.60 -29.18 6.68
C PRO A 45 -19.68 -30.33 6.99
N PRO A 46 -19.53 -30.68 8.27
CA PRO A 46 -18.50 -31.66 8.67
C PRO A 46 -18.58 -32.98 7.92
N ARG A 47 -19.80 -33.36 7.56
CA ARG A 47 -20.13 -34.53 6.79
C ARG A 47 -21.02 -34.01 5.66
N ILE A 48 -20.53 -34.14 4.43
CA ILE A 48 -21.23 -33.64 3.22
C ILE A 48 -21.30 -34.76 2.21
N LEU A 49 -22.29 -34.73 1.33
CA LEU A 49 -22.22 -35.66 0.20
C LEU A 49 -21.85 -34.92 -1.09
N VAL A 50 -20.98 -35.61 -1.85
CA VAL A 50 -20.44 -35.12 -3.12
C VAL A 50 -20.79 -36.09 -4.25
N GLU A 51 -21.04 -35.53 -5.43
CA GLU A 51 -21.42 -36.31 -6.60
C GLU A 51 -20.17 -36.56 -7.42
N CYS A 52 -19.92 -37.83 -7.70
CA CYS A 52 -18.75 -38.24 -8.45
C CYS A 52 -19.07 -38.64 -9.86
N LEU A 53 -18.85 -37.71 -10.79
CA LEU A 53 -19.02 -37.99 -12.20
C LEU A 53 -17.89 -38.92 -12.68
N LEU A 54 -18.23 -40.20 -12.89
CA LEU A 54 -17.31 -41.18 -13.47
C LEU A 54 -17.05 -41.01 -15.00
N PRO A 55 -16.03 -41.73 -15.57
CA PRO A 55 -15.85 -41.71 -17.04
C PRO A 55 -16.95 -42.50 -17.76
N ASN A 56 -17.49 -43.53 -17.08
CA ASN A 56 -18.61 -44.32 -17.58
C ASN A 56 -20.02 -43.64 -17.55
N GLY A 57 -20.13 -42.41 -17.04
CA GLY A 57 -21.39 -41.62 -17.08
C GLY A 57 -22.29 -41.70 -15.84
N MET A 58 -21.88 -42.58 -14.90
CA MET A 58 -22.62 -42.85 -13.68
C MET A 58 -22.33 -41.78 -12.65
N ILE A 59 -23.36 -41.18 -12.07
CA ILE A 59 -23.23 -40.29 -10.91
C ILE A 59 -23.46 -41.11 -9.63
N VAL A 60 -22.37 -41.49 -8.96
CA VAL A 60 -22.46 -42.13 -7.65
C VAL A 60 -22.18 -41.05 -6.60
N THR A 61 -23.07 -40.93 -5.62
CA THR A 61 -23.08 -39.81 -4.68
C THR A 61 -22.48 -40.21 -3.33
N LEU A 62 -21.18 -40.01 -3.16
CA LEU A 62 -20.48 -40.39 -1.93
C LEU A 62 -20.78 -39.45 -0.78
N GLU A 63 -21.17 -40.04 0.35
CA GLU A 63 -21.15 -39.37 1.63
C GLU A 63 -19.68 -39.21 2.00
N CYS A 64 -19.25 -37.95 2.18
CA CYS A 64 -17.85 -37.63 2.50
C CYS A 64 -17.70 -36.83 3.80
N LEU A 65 -16.54 -36.92 4.43
CA LEU A 65 -16.22 -35.97 5.48
C LEU A 65 -15.53 -34.76 4.88
N ARG A 66 -15.83 -33.56 5.38
CA ARG A 66 -15.27 -32.31 4.83
C ARG A 66 -13.75 -32.30 4.71
N GLU A 67 -13.09 -32.87 5.71
CA GLU A 67 -11.62 -32.86 5.81
C GLU A 67 -10.94 -34.02 5.04
N ALA A 68 -11.72 -34.81 4.29
CA ALA A 68 -11.25 -36.08 3.66
C ALA A 68 -10.38 -35.89 2.42
N THR A 69 -9.23 -36.56 2.43
CA THR A 69 -8.19 -36.34 1.42
C THR A 69 -8.59 -36.98 0.13
N LEU A 70 -8.01 -36.53 -0.98
CA LEU A 70 -8.50 -36.96 -2.29
C LEU A 70 -8.24 -38.45 -2.59
N ILE A 71 -7.06 -38.96 -2.24
CA ILE A 71 -6.83 -40.42 -2.24
C ILE A 71 -7.81 -41.18 -1.36
N THR A 72 -8.16 -40.64 -0.19
CA THR A 72 -9.15 -41.28 0.70
C THR A 72 -10.48 -41.36 -0.02
N ILE A 73 -10.84 -40.28 -0.74
CA ILE A 73 -12.07 -40.23 -1.53
C ILE A 73 -12.04 -41.20 -2.72
N LYS A 74 -10.98 -41.16 -3.49
CA LYS A 74 -10.88 -42.00 -4.69
C LYS A 74 -11.05 -43.46 -4.28
N HIS A 75 -10.18 -43.91 -3.38
CA HIS A 75 -10.17 -45.31 -2.91
C HIS A 75 -11.56 -45.75 -2.44
N GLU A 76 -12.30 -44.85 -1.78
CA GLU A 76 -13.70 -45.12 -1.40
C GLU A 76 -14.63 -45.06 -2.62
N LEU A 77 -14.42 -44.11 -3.55
CA LEU A 77 -15.25 -44.02 -4.77
C LEU A 77 -15.20 -45.26 -5.59
N PHE A 78 -14.00 -45.75 -5.85
CA PHE A 78 -13.82 -46.93 -6.68
C PHE A 78 -14.20 -48.24 -5.98
N LYS A 79 -14.14 -48.28 -4.65
CA LYS A 79 -14.84 -49.37 -3.92
C LYS A 79 -16.35 -49.31 -4.17
N GLU A 80 -16.93 -48.12 -4.07
CA GLU A 80 -18.36 -47.90 -4.24
C GLU A 80 -18.87 -47.96 -5.69
N ALA A 81 -17.98 -47.82 -6.67
CA ALA A 81 -18.38 -47.87 -8.08
C ALA A 81 -18.47 -49.30 -8.61
N ARG A 82 -17.91 -50.24 -7.84
CA ARG A 82 -18.07 -51.68 -8.11
C ARG A 82 -19.52 -52.08 -7.91
N LYS A 83 -20.19 -51.42 -6.98
CA LYS A 83 -21.60 -51.71 -6.68
C LYS A 83 -22.57 -51.08 -7.69
N TYR A 84 -22.09 -50.15 -8.51
CA TYR A 84 -22.93 -49.45 -9.50
C TYR A 84 -22.81 -50.12 -10.89
N PRO A 85 -23.66 -49.73 -11.87
CA PRO A 85 -23.54 -50.34 -13.22
C PRO A 85 -22.35 -49.87 -14.04
N LEU A 86 -22.07 -50.67 -15.07
CA LEU A 86 -20.98 -50.47 -16.04
C LEU A 86 -19.55 -50.57 -15.45
N HIS A 87 -19.36 -51.29 -14.33
CA HIS A 87 -18.05 -51.35 -13.67
C HIS A 87 -16.89 -51.83 -14.56
N GLN A 88 -17.14 -52.82 -15.42
CA GLN A 88 -16.11 -53.34 -16.35
C GLN A 88 -15.39 -52.25 -17.17
N LEU A 89 -16.10 -51.17 -17.49
CA LEU A 89 -15.51 -50.02 -18.21
C LEU A 89 -14.44 -49.20 -17.46
N LEU A 90 -14.29 -49.32 -16.14
CA LEU A 90 -13.33 -48.49 -15.40
C LEU A 90 -11.94 -49.12 -15.33
N GLN A 91 -10.91 -48.26 -15.44
CA GLN A 91 -9.50 -48.68 -15.31
C GLN A 91 -9.18 -49.00 -13.86
N ASP A 92 -7.91 -49.30 -13.55
CA ASP A 92 -7.44 -49.24 -12.16
C ASP A 92 -7.64 -47.80 -11.66
N GLU A 93 -7.92 -47.65 -10.35
CA GLU A 93 -8.09 -46.32 -9.73
C GLU A 93 -6.86 -45.42 -9.89
N SER A 94 -5.67 -46.02 -9.91
CA SER A 94 -4.42 -45.28 -10.13
C SER A 94 -4.28 -44.58 -11.51
N SER A 95 -5.02 -45.02 -12.52
CA SER A 95 -4.97 -44.37 -13.85
C SER A 95 -5.99 -43.21 -13.99
N TYR A 96 -6.24 -42.49 -12.91
CA TYR A 96 -7.23 -41.40 -12.91
C TYR A 96 -6.89 -40.23 -11.97
N ILE A 97 -7.37 -39.04 -12.33
CA ILE A 97 -7.15 -37.81 -11.57
C ILE A 97 -8.54 -37.18 -11.35
N PHE A 98 -8.68 -36.35 -10.31
CA PHE A 98 -9.96 -35.67 -10.05
C PHE A 98 -10.00 -34.34 -10.76
N VAL A 99 -11.20 -33.86 -11.09
CA VAL A 99 -11.38 -32.49 -11.65
C VAL A 99 -12.74 -31.87 -11.33
N SER A 100 -12.81 -30.55 -11.16
CA SER A 100 -14.09 -29.88 -10.92
C SER A 100 -14.02 -28.38 -11.16
N VAL A 101 -15.19 -27.74 -11.12
CA VAL A 101 -15.30 -26.30 -11.19
C VAL A 101 -15.09 -25.66 -9.82
N THR A 102 -14.21 -24.66 -9.80
CA THR A 102 -13.80 -23.92 -8.59
C THR A 102 -14.56 -22.59 -8.43
N GLN A 103 -14.30 -21.91 -7.31
CA GLN A 103 -14.93 -20.62 -7.01
C GLN A 103 -14.40 -19.44 -7.83
N GLU A 104 -13.24 -19.62 -8.48
CA GLU A 104 -12.79 -18.69 -9.51
C GLU A 104 -13.40 -19.05 -10.89
N ALA A 105 -14.24 -20.09 -10.93
CA ALA A 105 -14.97 -20.54 -12.13
C ALA A 105 -14.07 -21.08 -13.24
N GLU A 106 -12.95 -21.67 -12.85
CA GLU A 106 -12.15 -22.49 -13.76
C GLU A 106 -12.35 -23.97 -13.42
N ARG A 107 -11.78 -24.82 -14.28
CA ARG A 107 -11.93 -26.26 -14.16
C ARG A 107 -10.61 -26.84 -13.70
N GLU A 108 -10.29 -26.66 -12.42
CA GLU A 108 -9.01 -27.14 -11.91
C GLU A 108 -8.95 -28.68 -11.96
N GLU A 109 -7.81 -29.21 -12.41
CA GLU A 109 -7.49 -30.63 -12.24
C GLU A 109 -6.79 -30.76 -10.90
N PHE A 110 -7.17 -31.79 -10.14
CA PHE A 110 -6.67 -31.99 -8.79
C PHE A 110 -5.60 -33.07 -8.77
N PHE A 111 -4.37 -32.60 -9.03
CA PHE A 111 -3.19 -33.45 -9.14
C PHE A 111 -2.69 -33.90 -7.79
N ASP A 112 -2.71 -33.00 -6.78
CA ASP A 112 -2.15 -33.31 -5.45
C ASP A 112 -3.16 -33.99 -4.52
N GLU A 113 -3.32 -35.30 -4.67
CA GLU A 113 -4.40 -36.05 -4.02
C GLU A 113 -4.12 -36.34 -2.54
N THR A 114 -3.15 -35.65 -1.96
CA THR A 114 -3.12 -35.39 -0.51
C THR A 114 -4.13 -34.31 -0.09
N ARG A 115 -4.43 -33.35 -0.98
CA ARG A 115 -5.30 -32.21 -0.64
C ARG A 115 -6.66 -32.68 -0.18
N ARG A 116 -7.24 -31.93 0.76
CA ARG A 116 -8.51 -32.30 1.37
C ARG A 116 -9.66 -31.52 0.76
N LEU A 117 -10.86 -32.09 0.84
CA LEU A 117 -12.05 -31.61 0.17
C LEU A 117 -12.42 -30.13 0.47
N CYS A 118 -12.28 -29.71 1.72
CA CYS A 118 -12.60 -28.31 2.08
C CYS A 118 -11.61 -27.27 1.52
N ASP A 119 -10.34 -27.69 1.44
CA ASP A 119 -9.27 -26.85 0.93
C ASP A 119 -9.24 -26.68 -0.61
N LEU A 120 -10.12 -27.35 -1.37
CA LEU A 120 -10.08 -27.30 -2.85
C LEU A 120 -10.67 -26.02 -3.46
N ARG A 121 -11.45 -25.30 -2.65
CA ARG A 121 -12.18 -24.13 -3.13
C ARG A 121 -13.14 -24.54 -4.27
N LEU A 122 -13.82 -25.66 -4.09
CA LEU A 122 -14.87 -26.08 -5.01
C LEU A 122 -15.99 -25.08 -5.08
N PHE A 123 -16.90 -25.27 -6.04
CA PHE A 123 -18.06 -24.40 -6.20
C PHE A 123 -19.37 -25.09 -5.77
N GLN A 124 -19.70 -26.20 -6.42
CA GLN A 124 -20.70 -27.14 -5.95
C GLN A 124 -19.88 -28.38 -5.59
N PRO A 125 -20.33 -29.15 -4.60
CA PRO A 125 -19.60 -30.34 -4.15
C PRO A 125 -19.73 -31.48 -5.14
N PHE A 126 -18.87 -31.49 -6.15
CA PHE A 126 -18.84 -32.56 -7.15
C PHE A 126 -17.46 -32.69 -7.74
N LEU A 127 -17.12 -33.91 -8.12
CA LEU A 127 -15.80 -34.25 -8.60
C LEU A 127 -16.02 -35.10 -9.83
N LYS A 128 -15.38 -34.74 -10.93
CA LYS A 128 -15.36 -35.58 -12.13
C LYS A 128 -14.04 -36.40 -12.24
N VAL A 129 -14.19 -37.65 -12.67
CA VAL A 129 -13.07 -38.55 -12.88
C VAL A 129 -12.69 -38.48 -14.35
N ILE A 130 -11.38 -38.51 -14.60
CA ILE A 130 -10.79 -38.37 -15.93
C ILE A 130 -9.37 -38.94 -15.93
N GLU A 131 -8.75 -39.02 -17.11
CA GLU A 131 -7.36 -39.47 -17.21
C GLU A 131 -6.49 -38.19 -17.35
N PRO A 132 -5.25 -38.20 -16.81
CA PRO A 132 -4.33 -37.04 -16.84
C PRO A 132 -4.15 -36.32 -18.20
N VAL A 133 -4.72 -35.12 -18.34
CA VAL A 133 -4.66 -34.40 -19.64
C VAL A 133 -3.31 -33.65 -19.75
N GLY A 134 -2.61 -33.86 -20.86
CA GLY A 134 -1.26 -33.30 -21.02
C GLY A 134 -0.23 -34.23 -20.40
N ASN A 135 0.75 -34.66 -21.18
CA ASN A 135 1.83 -35.55 -20.71
C ASN A 135 2.70 -34.82 -19.66
N ARG A 136 2.83 -33.50 -19.83
CA ARG A 136 3.43 -32.60 -18.81
C ARG A 136 2.36 -32.17 -17.80
N GLU A 137 2.26 -32.99 -16.75
CA GLU A 137 1.58 -32.65 -15.50
C GLU A 137 2.46 -31.61 -14.87
N GLU A 138 3.76 -31.89 -14.82
CA GLU A 138 4.80 -30.97 -14.31
C GLU A 138 4.50 -29.51 -14.59
N LYS A 139 4.06 -29.21 -15.81
CA LYS A 139 3.79 -27.84 -16.23
C LYS A 139 2.53 -27.28 -15.55
N ILE A 140 1.52 -28.12 -15.33
CA ILE A 140 0.23 -27.64 -14.79
C ILE A 140 0.28 -27.58 -13.25
N LEU A 141 1.48 -27.45 -12.67
CA LEU A 141 1.67 -26.84 -11.34
C LEU A 141 2.13 -25.35 -11.54
N ASN A 142 1.17 -24.71 -12.20
CA ASN A 142 0.90 -23.32 -12.16
C ASN A 142 -0.13 -23.08 -11.11
N ARG A 143 -0.99 -24.07 -10.78
CA ARG A 143 -1.99 -23.82 -9.74
C ARG A 143 -1.31 -23.31 -8.48
N GLU A 144 -0.10 -23.83 -8.21
CA GLU A 144 0.76 -23.26 -7.15
C GLU A 144 0.82 -21.74 -7.24
N ILE A 145 1.22 -21.25 -8.40
CA ILE A 145 1.25 -19.82 -8.70
C ILE A 145 -0.15 -19.20 -8.52
N GLY A 146 -1.17 -19.84 -9.11
CA GLY A 146 -2.56 -19.39 -8.99
C GLY A 146 -3.03 -19.26 -7.56
N PHE A 147 -2.57 -20.17 -6.69
CA PHE A 147 -2.94 -20.13 -5.28
C PHE A 147 -2.25 -18.98 -4.58
N ALA A 148 -0.93 -18.87 -4.77
CA ALA A 148 -0.18 -17.76 -4.19
C ALA A 148 -0.70 -16.40 -4.66
N ILE A 149 -0.99 -16.24 -5.95
CA ILE A 149 -1.48 -14.96 -6.47
C ILE A 149 -2.93 -14.73 -6.06
N GLY A 150 -3.71 -15.81 -6.07
CA GLY A 150 -5.16 -15.75 -5.82
C GLY A 150 -6.00 -15.35 -7.03
N MET A 151 -5.62 -15.88 -8.18
CA MET A 151 -6.40 -15.86 -9.41
C MET A 151 -5.65 -16.73 -10.41
N PRO A 152 -6.37 -17.59 -11.14
CA PRO A 152 -5.74 -18.68 -11.87
C PRO A 152 -4.98 -18.17 -13.11
N VAL A 153 -3.91 -18.89 -13.48
CA VAL A 153 -3.00 -18.38 -14.51
C VAL A 153 -3.76 -18.40 -15.85
N CYS A 154 -4.51 -19.47 -16.11
CA CYS A 154 -5.41 -19.54 -17.27
C CYS A 154 -6.25 -18.27 -17.53
N GLU A 155 -6.48 -17.45 -16.51
CA GLU A 155 -7.16 -16.16 -16.65
C GLU A 155 -6.37 -15.13 -17.48
N PHE A 156 -5.05 -15.12 -17.34
CA PHE A 156 -4.20 -14.22 -18.15
C PHE A 156 -4.08 -14.68 -19.60
N ASP A 157 -4.04 -15.99 -19.84
CA ASP A 157 -3.82 -16.51 -21.19
C ASP A 157 -4.86 -16.00 -22.17
N MET A 158 -6.11 -15.97 -21.75
CA MET A 158 -7.22 -15.48 -22.57
C MET A 158 -7.48 -13.99 -22.27
N VAL A 159 -6.42 -13.17 -22.31
CA VAL A 159 -6.52 -11.70 -22.29
C VAL A 159 -6.20 -11.20 -23.70
N LYS A 160 -6.95 -10.20 -24.17
CA LYS A 160 -6.80 -9.64 -25.52
C LYS A 160 -5.49 -8.85 -25.60
N ASP A 161 -5.47 -7.73 -24.89
CA ASP A 161 -4.35 -6.77 -24.81
C ASP A 161 -2.97 -7.35 -25.18
N PRO A 162 -2.35 -6.81 -26.24
CA PRO A 162 -0.99 -7.21 -26.57
C PRO A 162 0.02 -6.75 -25.55
N GLU A 163 -0.29 -5.66 -24.82
CA GLU A 163 0.65 -5.17 -23.79
C GLU A 163 0.84 -6.18 -22.69
N VAL A 164 -0.28 -6.72 -22.22
CA VAL A 164 -0.31 -7.74 -21.16
C VAL A 164 0.51 -8.93 -21.59
N GLN A 165 0.25 -9.37 -22.82
CA GLN A 165 0.93 -10.51 -23.39
C GLN A 165 2.39 -10.19 -23.59
N ASP A 166 2.69 -8.98 -24.06
CA ASP A 166 4.07 -8.54 -24.24
C ASP A 166 4.80 -8.47 -22.89
N PHE A 167 4.20 -7.84 -21.87
CA PHE A 167 4.80 -7.88 -20.54
C PHE A 167 5.12 -9.30 -20.09
N ARG A 168 4.17 -10.21 -20.22
CA ARG A 168 4.34 -11.56 -19.68
C ARG A 168 5.57 -12.31 -20.23
N ARG A 169 5.82 -12.16 -21.52
CA ARG A 169 6.90 -12.83 -22.22
C ARG A 169 8.18 -12.01 -22.16
N ASN A 170 8.09 -10.68 -22.26
CA ASN A 170 9.29 -9.80 -22.19
C ASN A 170 9.99 -9.80 -20.84
N ILE A 171 9.20 -9.73 -19.76
CA ILE A 171 9.71 -9.62 -18.37
C ILE A 171 10.55 -10.83 -17.93
N LEU A 172 10.32 -12.01 -18.54
CA LEU A 172 11.18 -13.20 -18.34
C LEU A 172 12.68 -12.99 -18.49
N ASN A 173 13.07 -11.96 -19.27
CA ASN A 173 14.48 -11.49 -19.34
C ASN A 173 15.04 -11.35 -17.92
N VAL A 174 14.30 -10.60 -17.09
CA VAL A 174 14.68 -10.29 -15.70
C VAL A 174 14.81 -11.54 -14.85
N CYS A 175 13.77 -12.37 -14.89
CA CYS A 175 13.71 -13.63 -14.17
C CYS A 175 14.98 -14.45 -14.37
N LYS A 176 15.37 -14.64 -15.63
CA LYS A 176 16.57 -15.43 -15.93
C LYS A 176 17.85 -14.76 -15.45
N GLU A 177 17.96 -13.44 -15.59
CA GLU A 177 19.18 -12.72 -15.16
C GLU A 177 19.48 -12.81 -13.66
N ALA A 178 18.44 -12.86 -12.83
CA ALA A 178 18.64 -13.07 -11.40
C ALA A 178 18.81 -14.56 -11.04
N VAL A 179 18.12 -15.48 -11.71
CA VAL A 179 18.29 -16.92 -11.41
C VAL A 179 19.71 -17.35 -11.73
N ASP A 180 20.29 -16.71 -12.73
CA ASP A 180 21.66 -16.97 -13.14
C ASP A 180 22.64 -16.47 -12.08
N LEU A 181 22.36 -15.33 -11.46
CA LEU A 181 23.11 -14.92 -10.25
C LEU A 181 23.02 -15.86 -9.03
N ARG A 182 21.86 -16.49 -8.85
CA ARG A 182 21.65 -17.42 -7.73
C ARG A 182 22.49 -18.70 -7.81
N ASP A 183 22.72 -19.22 -9.01
CA ASP A 183 23.52 -20.44 -9.18
C ASP A 183 24.89 -20.08 -9.75
N LEU A 184 25.45 -18.99 -9.22
CA LEU A 184 26.75 -18.48 -9.62
C LEU A 184 27.86 -19.20 -8.84
N ASN A 185 27.76 -19.17 -7.51
CA ASN A 185 28.70 -19.87 -6.61
C ASN A 185 28.00 -20.96 -5.77
N SER A 186 26.97 -21.58 -6.35
CA SER A 186 26.14 -22.57 -5.63
C SER A 186 27.04 -23.64 -4.98
N PRO A 187 26.86 -24.01 -3.70
CA PRO A 187 25.67 -23.72 -2.93
C PRO A 187 25.73 -22.42 -2.12
N HIS A 188 26.85 -21.72 -2.12
CA HIS A 188 26.97 -20.52 -1.29
C HIS A 188 25.97 -19.45 -1.69
N SER A 189 25.97 -19.08 -2.97
CA SER A 189 25.04 -18.06 -3.46
C SER A 189 23.57 -18.40 -3.22
N ARG A 190 23.20 -19.67 -3.38
CA ARG A 190 21.83 -20.09 -3.11
C ARG A 190 21.47 -19.78 -1.64
N ALA A 191 22.35 -20.14 -0.71
CA ALA A 191 22.18 -19.75 0.70
C ALA A 191 22.15 -18.25 0.89
N MET A 192 23.02 -17.57 0.17
CA MET A 192 23.07 -16.12 0.17
C MET A 192 21.72 -15.43 -0.29
N TYR A 193 21.02 -16.05 -1.26
CA TYR A 193 19.66 -15.63 -1.68
C TYR A 193 18.71 -15.87 -0.50
N VAL A 194 18.59 -17.14 -0.14
CA VAL A 194 17.66 -17.61 0.87
C VAL A 194 17.81 -16.92 2.21
N TYR A 195 19.03 -16.79 2.70
CA TYR A 195 19.32 -16.27 4.04
C TYR A 195 20.30 -15.12 3.93
N PRO A 196 19.86 -14.01 3.32
CA PRO A 196 20.76 -12.87 3.18
C PRO A 196 21.15 -12.27 4.53
N PRO A 197 22.29 -11.59 4.57
CA PRO A 197 22.80 -11.07 5.82
C PRO A 197 21.97 -9.87 6.30
N ASN A 198 21.47 -9.94 7.53
CA ASN A 198 20.55 -8.93 8.08
C ASN A 198 21.29 -7.83 8.84
N VAL A 199 21.65 -6.79 8.10
CA VAL A 199 22.71 -5.88 8.48
C VAL A 199 22.15 -4.49 8.55
N GLU A 200 22.73 -3.66 9.42
CA GLU A 200 22.45 -2.22 9.47
C GLU A 200 23.14 -1.59 8.29
N SER A 201 22.87 -0.30 8.08
CA SER A 201 23.28 0.37 6.85
C SER A 201 24.79 0.63 6.84
N SER A 202 25.29 1.21 7.94
CA SER A 202 26.71 1.58 8.09
C SER A 202 27.40 0.71 9.14
N PRO A 203 28.69 0.35 8.94
CA PRO A 203 29.47 -0.33 9.99
C PRO A 203 29.84 0.61 11.14
N GLU A 204 30.10 1.88 10.80
CA GLU A 204 30.16 2.98 11.77
C GLU A 204 29.12 2.84 12.91
N LEU A 205 29.56 3.01 14.14
CA LEU A 205 28.74 2.78 15.33
C LEU A 205 28.43 4.13 16.00
N PRO A 206 27.17 4.36 16.41
CA PRO A 206 26.91 5.57 17.21
C PRO A 206 27.50 5.50 18.63
N LYS A 207 27.82 6.68 19.18
CA LYS A 207 28.59 6.77 20.43
C LYS A 207 27.94 6.04 21.60
N HIS A 208 26.62 6.17 21.72
CA HIS A 208 25.89 5.53 22.82
C HIS A 208 25.86 3.99 22.71
N ILE A 209 25.88 3.46 21.49
CA ILE A 209 26.06 2.03 21.28
C ILE A 209 27.50 1.66 21.63
N TYR A 210 28.47 2.44 21.13
CA TYR A 210 29.91 2.21 21.40
C TYR A 210 30.23 2.17 22.89
N ASN A 211 29.73 3.17 23.62
CA ASN A 211 29.95 3.29 25.07
C ASN A 211 29.43 2.12 25.92
N LYS A 212 28.52 1.31 25.36
CA LYS A 212 28.17 0.02 25.97
C LYS A 212 29.23 -1.06 25.71
N LEU A 213 30.42 -0.73 25.20
CA LEU A 213 31.37 -1.75 24.73
C LEU A 213 32.70 -1.93 25.48
N ASP A 214 33.00 -1.18 26.54
CA ASP A 214 34.34 -1.22 27.17
C ASP A 214 35.52 -1.40 26.13
N LYS A 215 35.85 -0.26 25.52
CA LYS A 215 36.87 -0.16 24.47
C LYS A 215 36.56 -1.12 23.31
N GLY A 216 35.34 -1.04 22.82
CA GLY A 216 34.91 -1.80 21.66
C GLY A 216 34.97 -3.32 21.73
N GLN A 217 34.55 -3.92 22.85
CA GLN A 217 34.44 -5.40 22.98
C GLN A 217 33.05 -5.90 23.41
N ILE A 218 32.73 -7.13 23.06
CA ILE A 218 31.43 -7.76 23.43
C ILE A 218 31.70 -9.18 23.93
N ILE A 219 30.96 -9.60 24.95
CA ILE A 219 30.93 -10.99 25.32
C ILE A 219 29.83 -11.62 24.45
N VAL A 220 30.18 -12.73 23.80
CA VAL A 220 29.30 -13.49 22.88
C VAL A 220 28.99 -14.80 23.57
N VAL A 221 28.21 -15.66 22.93
CA VAL A 221 28.13 -17.09 23.30
C VAL A 221 28.01 -17.86 22.01
N ILE A 222 28.96 -18.73 21.73
CA ILE A 222 28.89 -19.58 20.55
C ILE A 222 28.57 -21.01 20.98
N TRP A 223 27.38 -21.48 20.64
CA TRP A 223 26.93 -22.81 21.04
C TRP A 223 27.33 -23.80 19.98
N VAL A 224 27.41 -25.06 20.37
CA VAL A 224 27.77 -26.17 19.47
C VAL A 224 27.05 -27.40 19.96
N ILE A 225 26.86 -28.38 19.07
CA ILE A 225 26.19 -29.64 19.40
C ILE A 225 27.13 -30.84 19.04
N VAL A 226 26.99 -32.01 19.72
CA VAL A 226 27.90 -33.17 19.46
C VAL A 226 27.26 -34.58 19.19
N SER A 227 26.67 -35.25 20.20
CA SER A 227 26.14 -36.66 20.04
C SER A 227 25.14 -37.23 21.14
N PRO A 228 23.86 -37.51 20.83
CA PRO A 228 23.24 -37.37 19.50
C PRO A 228 23.12 -35.91 19.07
N ASN A 229 22.53 -35.08 19.94
CA ASN A 229 22.63 -33.62 19.85
C ASN A 229 22.58 -33.06 21.28
N ASN A 230 21.49 -32.38 21.65
CA ASN A 230 20.95 -32.37 23.02
C ASN A 230 21.80 -31.70 24.10
N ASP A 231 22.98 -32.26 24.40
CA ASP A 231 23.96 -31.52 25.19
C ASP A 231 24.65 -30.59 24.18
N LYS A 232 24.45 -29.31 24.44
CA LYS A 232 24.96 -28.24 23.64
C LYS A 232 25.96 -27.61 24.57
N GLN A 233 27.01 -26.99 24.05
CA GLN A 233 28.04 -26.44 24.94
C GLN A 233 28.41 -25.01 24.66
N LYS A 234 28.17 -24.16 25.65
CA LYS A 234 28.50 -22.74 25.62
C LYS A 234 30.00 -22.56 25.47
N TYR A 235 30.40 -21.55 24.70
CA TYR A 235 31.79 -21.10 24.61
C TYR A 235 31.75 -19.57 24.55
N THR A 236 32.21 -18.96 25.64
CA THR A 236 31.83 -17.61 26.00
C THR A 236 32.97 -16.66 25.67
N LEU A 237 33.09 -16.35 24.38
CA LEU A 237 34.12 -15.41 23.84
C LEU A 237 34.02 -14.01 24.42
N LYS A 238 35.04 -13.21 24.21
CA LYS A 238 34.93 -11.77 24.48
C LYS A 238 35.77 -11.06 23.45
N ILE A 239 35.15 -10.78 22.32
CA ILE A 239 35.83 -10.38 21.09
C ILE A 239 35.51 -8.93 20.74
N ASN A 240 36.36 -8.30 19.93
CA ASN A 240 36.09 -6.96 19.42
C ASN A 240 34.80 -6.90 18.65
N HIS A 241 34.15 -5.74 18.71
CA HIS A 241 32.87 -5.62 18.05
C HIS A 241 33.05 -5.73 16.52
N ASP A 242 34.11 -5.12 16.01
CA ASP A 242 34.32 -5.04 14.57
C ASP A 242 35.10 -6.21 13.96
N CYS A 243 35.27 -7.31 14.70
CA CYS A 243 35.79 -8.56 14.09
C CYS A 243 34.68 -9.26 13.28
N VAL A 244 35.06 -10.14 12.37
CA VAL A 244 34.08 -10.77 11.45
C VAL A 244 33.73 -12.21 11.86
N PRO A 245 32.70 -12.81 11.22
CA PRO A 245 32.27 -14.15 11.61
C PRO A 245 33.34 -15.22 11.52
N GLU A 246 34.13 -15.22 10.44
CA GLU A 246 35.16 -16.24 10.25
C GLU A 246 36.20 -16.21 11.36
N GLN A 247 36.44 -15.01 11.93
CA GLN A 247 37.33 -14.86 13.09
C GLN A 247 36.69 -15.41 14.36
N VAL A 248 35.43 -15.04 14.60
CA VAL A 248 34.67 -15.55 15.75
C VAL A 248 34.53 -17.07 15.71
N ILE A 249 34.37 -17.66 14.51
CA ILE A 249 34.30 -19.13 14.37
C ILE A 249 35.65 -19.82 14.70
N ALA A 250 36.78 -19.17 14.40
CA ALA A 250 38.11 -19.66 14.78
C ALA A 250 38.25 -19.70 16.28
N GLU A 251 38.05 -18.53 16.92
CA GLU A 251 38.14 -18.38 18.38
C GLU A 251 37.30 -19.44 19.11
N ALA A 252 36.09 -19.68 18.61
CA ALA A 252 35.19 -20.67 19.18
C ALA A 252 35.64 -22.08 18.94
N ILE A 253 36.36 -22.33 17.84
CA ILE A 253 36.93 -23.65 17.65
C ILE A 253 38.20 -23.76 18.49
N ARG A 254 39.06 -22.74 18.47
CA ARG A 254 40.22 -22.68 19.36
C ARG A 254 39.84 -23.16 20.73
N LYS A 255 38.86 -22.49 21.34
CA LYS A 255 38.39 -22.80 22.68
C LYS A 255 37.82 -24.22 22.79
N LYS A 256 36.94 -24.58 21.86
CA LYS A 256 36.34 -25.94 21.78
C LYS A 256 37.44 -27.03 21.83
N THR A 257 38.51 -26.79 21.05
CA THR A 257 39.55 -27.80 20.78
C THR A 257 40.97 -27.50 21.35
N ARG A 258 41.12 -26.64 22.37
CA ARG A 258 42.34 -26.64 23.21
C ARG A 258 42.24 -27.90 24.05
N SER A 259 43.38 -28.36 24.53
CA SER A 259 43.45 -29.63 25.25
C SER A 259 44.79 -29.82 25.93
N MET A 260 44.81 -30.76 26.88
CA MET A 260 46.05 -31.17 27.55
C MET A 260 46.74 -32.28 26.77
N LEU A 261 46.12 -32.73 25.68
CA LEU A 261 46.75 -33.67 24.78
C LEU A 261 47.04 -33.05 23.43
N LEU A 262 47.09 -31.72 23.33
CA LEU A 262 47.38 -31.05 22.04
C LEU A 262 48.36 -29.90 22.20
N SER A 263 49.48 -29.99 21.49
CA SER A 263 50.49 -28.93 21.53
C SER A 263 49.93 -27.63 20.97
N SER A 264 50.71 -26.57 21.09
CA SER A 264 50.36 -25.27 20.52
C SER A 264 50.24 -25.33 18.98
N GLU A 265 51.20 -25.98 18.35
CA GLU A 265 51.18 -26.12 16.90
C GLU A 265 50.02 -27.02 16.54
N GLN A 266 49.96 -28.20 17.15
CA GLN A 266 48.89 -29.20 16.89
C GLN A 266 47.48 -28.62 16.89
N LEU A 267 47.23 -27.64 17.78
CA LEU A 267 45.97 -26.91 17.79
C LEU A 267 45.84 -26.12 16.50
N LYS A 268 46.79 -25.22 16.21
CA LYS A 268 46.76 -24.43 14.96
C LYS A 268 46.40 -25.22 13.70
N LEU A 269 46.94 -26.43 13.58
CA LEU A 269 46.69 -27.31 12.45
C LEU A 269 45.34 -28.02 12.55
N CYS A 270 44.83 -28.23 13.76
CA CYS A 270 43.43 -28.59 13.98
C CYS A 270 42.48 -27.44 13.60
N VAL A 271 42.86 -26.21 13.92
CA VAL A 271 41.99 -25.03 13.69
C VAL A 271 41.71 -24.82 12.21
N LEU A 272 42.74 -24.94 11.38
CA LEU A 272 42.56 -24.72 9.94
C LEU A 272 41.58 -25.70 9.32
N GLU A 273 41.81 -27.01 9.50
CA GLU A 273 40.90 -28.04 8.98
C GLU A 273 39.44 -27.94 9.47
N TYR A 274 39.23 -27.43 10.68
CA TYR A 274 37.89 -27.26 11.26
C TYR A 274 37.23 -25.90 10.91
N GLN A 275 38.02 -24.84 10.73
CA GLN A 275 37.52 -23.45 10.65
C GLN A 275 36.46 -23.23 9.55
N GLY A 276 36.78 -23.64 8.33
CA GLY A 276 35.92 -23.42 7.15
C GLY A 276 34.69 -24.31 6.96
N LYS A 277 34.53 -25.35 7.77
CA LYS A 277 33.42 -26.28 7.58
C LYS A 277 32.12 -25.85 8.30
N TYR A 278 32.16 -24.72 9.01
CA TYR A 278 31.03 -24.23 9.79
C TYR A 278 30.65 -22.82 9.38
N ILE A 279 29.44 -22.39 9.77
CA ILE A 279 28.99 -20.96 9.73
C ILE A 279 28.15 -20.54 10.97
N LEU A 280 28.03 -19.23 11.19
CA LEU A 280 27.27 -18.67 12.33
C LEU A 280 25.75 -18.45 12.10
N LYS A 281 24.93 -19.13 12.90
CA LYS A 281 23.48 -18.95 12.95
C LYS A 281 23.09 -18.14 14.21
N VAL A 282 22.01 -17.38 14.18
CA VAL A 282 21.45 -16.85 15.43
C VAL A 282 20.65 -17.98 16.08
N CYS A 283 20.77 -18.12 17.39
CA CYS A 283 19.95 -19.09 18.08
C CYS A 283 18.51 -18.54 18.09
N GLY A 284 17.54 -19.40 17.77
CA GLY A 284 16.10 -19.11 17.92
C GLY A 284 15.30 -18.79 16.66
N CYS A 285 16.00 -18.48 15.59
CA CYS A 285 15.37 -18.08 14.36
C CYS A 285 16.30 -18.46 13.22
N ASP A 286 15.82 -18.45 11.99
CA ASP A 286 16.69 -18.69 10.82
C ASP A 286 17.21 -17.37 10.35
N GLU A 287 18.31 -16.93 10.98
CA GLU A 287 19.15 -15.82 10.51
C GLU A 287 20.58 -16.35 10.50
N TYR A 288 21.41 -15.84 9.59
CA TYR A 288 22.81 -16.28 9.47
C TYR A 288 23.74 -15.08 9.25
N PHE A 289 25.05 -15.35 9.31
CA PHE A 289 26.08 -14.32 9.24
C PHE A 289 26.98 -14.62 8.09
N LEU A 290 26.40 -14.65 6.91
CA LEU A 290 27.04 -15.30 5.79
C LEU A 290 28.15 -14.51 5.12
N GLU A 291 28.24 -13.19 5.26
CA GLU A 291 29.42 -12.52 4.70
C GLU A 291 30.13 -11.56 5.66
N LYS A 292 31.38 -11.23 5.28
CA LYS A 292 32.28 -10.40 6.07
C LYS A 292 31.74 -9.00 6.30
N TYR A 293 30.93 -8.89 7.33
CA TYR A 293 30.57 -7.61 7.86
C TYR A 293 31.21 -7.60 9.23
N PRO A 294 31.67 -6.45 9.70
CA PRO A 294 31.91 -6.32 11.12
C PRO A 294 30.73 -6.81 11.95
N LEU A 295 30.97 -7.71 12.91
CA LEU A 295 29.86 -8.33 13.68
C LEU A 295 28.84 -7.34 14.21
N SER A 296 29.31 -6.23 14.79
CA SER A 296 28.41 -5.14 15.25
C SER A 296 27.32 -4.75 14.25
N GLN A 297 27.72 -4.70 12.99
CA GLN A 297 26.83 -4.30 11.89
C GLN A 297 25.63 -5.22 11.55
N TYR A 298 25.61 -6.47 12.00
CA TYR A 298 24.39 -7.29 11.87
C TYR A 298 23.33 -6.80 12.85
N LYS A 299 22.07 -6.86 12.44
CA LYS A 299 21.04 -6.23 13.23
C LYS A 299 20.98 -6.91 14.55
N TYR A 300 21.04 -8.25 14.55
CA TYR A 300 20.97 -9.06 15.79
C TYR A 300 21.92 -8.66 16.95
N ILE A 301 23.11 -8.22 16.60
CA ILE A 301 24.12 -7.85 17.58
C ILE A 301 23.70 -6.49 18.11
N ARG A 302 23.62 -5.52 17.21
CA ARG A 302 23.35 -4.16 17.58
C ARG A 302 22.10 -4.01 18.49
N SER A 303 21.13 -4.91 18.35
CA SER A 303 19.99 -4.99 19.30
C SER A 303 20.48 -5.49 20.66
N CYS A 304 21.19 -6.61 20.61
CA CYS A 304 21.74 -7.25 21.81
C CYS A 304 22.56 -6.26 22.63
N ILE A 305 23.35 -5.42 21.95
CA ILE A 305 24.07 -4.33 22.62
C ILE A 305 23.10 -3.35 23.31
N MET A 306 22.12 -2.87 22.54
CA MET A 306 21.14 -1.88 23.01
C MET A 306 20.25 -2.40 24.11
N LEU A 307 19.99 -3.70 24.10
CA LEU A 307 19.11 -4.32 25.09
C LEU A 307 19.84 -4.88 26.34
N GLY A 308 21.16 -4.74 26.39
CA GLY A 308 21.96 -5.31 27.48
C GLY A 308 21.83 -6.81 27.47
N ARG A 309 22.04 -7.40 26.29
CA ARG A 309 21.95 -8.86 26.08
C ARG A 309 23.23 -9.42 25.45
N MET A 310 23.50 -10.68 25.75
CA MET A 310 24.73 -11.34 25.34
C MET A 310 24.31 -12.15 24.13
N PRO A 311 24.93 -11.89 22.96
CA PRO A 311 24.44 -12.57 21.74
C PRO A 311 24.59 -14.07 21.84
N ASN A 312 23.66 -14.80 21.22
CA ASN A 312 23.66 -16.27 21.24
C ASN A 312 23.62 -16.88 19.85
N LEU A 313 24.83 -17.13 19.35
CA LEU A 313 25.04 -17.68 18.02
C LEU A 313 25.08 -19.23 18.07
N MET A 314 25.40 -19.86 16.95
CA MET A 314 25.48 -21.32 16.87
C MET A 314 26.45 -21.64 15.75
N LEU A 315 27.42 -22.52 16.04
CA LEU A 315 28.23 -23.12 14.98
C LEU A 315 27.36 -24.17 14.34
N MET A 316 27.27 -24.07 13.02
CA MET A 316 26.42 -24.90 12.20
C MET A 316 27.24 -25.28 10.96
N ALA A 317 27.32 -26.58 10.68
CA ALA A 317 28.03 -27.06 9.50
C ALA A 317 27.41 -26.54 8.21
N LYS A 318 28.24 -26.31 7.19
CA LYS A 318 27.71 -25.91 5.90
C LYS A 318 26.92 -27.03 5.23
N GLU A 319 27.29 -28.29 5.46
CA GLU A 319 26.50 -29.39 4.90
C GLU A 319 25.17 -29.63 5.63
N SER A 320 25.03 -29.23 6.89
CA SER A 320 23.69 -29.22 7.50
C SER A 320 22.87 -27.94 7.14
N LEU A 321 23.51 -26.97 6.47
CA LEU A 321 22.79 -25.83 5.84
C LEU A 321 22.56 -26.02 4.35
N TYR A 322 23.52 -26.60 3.64
CA TYR A 322 23.34 -26.96 2.23
C TYR A 322 22.50 -28.26 2.08
N SER A 323 22.32 -28.99 3.17
CA SER A 323 21.23 -29.94 3.32
C SER A 323 19.88 -29.28 3.06
N GLN A 324 19.59 -28.25 3.86
CA GLN A 324 18.27 -27.61 3.93
C GLN A 324 17.83 -26.79 2.69
N LEU A 325 18.77 -26.41 1.81
CA LEU A 325 18.45 -25.65 0.57
C LEU A 325 18.22 -26.60 -0.60
N PRO A 326 16.98 -26.70 -1.11
CA PRO A 326 16.77 -27.54 -2.30
C PRO A 326 16.98 -26.71 -3.55
N MET A 327 16.89 -27.33 -4.73
CA MET A 327 17.26 -26.63 -5.96
C MET A 327 16.14 -25.68 -6.40
N ASP A 328 16.54 -24.49 -6.86
CA ASP A 328 15.61 -23.42 -7.28
C ASP A 328 15.12 -23.61 -8.72
N CYS A 329 16.03 -24.08 -9.59
CA CYS A 329 15.69 -24.72 -10.86
C CYS A 329 14.54 -24.06 -11.66
N PHE A 330 14.86 -22.94 -12.28
CA PHE A 330 13.89 -22.16 -13.05
C PHE A 330 13.66 -22.74 -14.43
N THR A 331 12.42 -22.62 -14.90
CA THR A 331 12.00 -23.13 -16.20
C THR A 331 11.23 -22.06 -16.96
N MET A 332 11.57 -21.88 -18.23
CA MET A 332 10.81 -21.00 -19.13
C MET A 332 9.42 -21.60 -19.36
N PRO A 333 8.39 -20.75 -19.40
CA PRO A 333 7.02 -21.25 -19.44
C PRO A 333 6.55 -21.65 -20.84
N SER A 334 5.28 -22.07 -20.91
CA SER A 334 4.65 -22.47 -22.17
C SER A 334 4.39 -21.31 -23.13
N TYR A 335 4.51 -20.06 -22.66
CA TYR A 335 4.32 -18.88 -23.51
C TYR A 335 5.70 -18.31 -23.94
N SER A 336 6.56 -19.20 -24.45
CA SER A 336 7.99 -18.94 -24.69
C SER A 336 8.72 -18.64 -23.37
N THR A 352 4.16 3.92 -40.09
CA THR A 352 4.84 4.81 -39.14
C THR A 352 5.14 6.16 -39.78
N LYS A 353 4.87 7.24 -39.05
CA LYS A 353 5.34 8.56 -39.45
C LYS A 353 5.44 9.50 -38.22
N SER A 354 6.65 10.05 -38.00
CA SER A 354 6.98 10.84 -36.78
C SER A 354 5.89 11.85 -36.37
N LEU A 355 5.62 11.88 -35.07
CA LEU A 355 4.64 12.76 -34.49
C LEU A 355 4.90 14.20 -34.89
N TRP A 356 6.19 14.54 -35.04
CA TRP A 356 6.61 15.92 -35.33
C TRP A 356 6.22 16.43 -36.74
N VAL A 357 5.97 15.50 -37.67
CA VAL A 357 5.45 15.84 -39.00
C VAL A 357 4.00 16.37 -38.91
N ILE A 358 3.19 15.84 -37.99
CA ILE A 358 1.74 16.09 -37.98
C ILE A 358 1.46 17.60 -37.86
N ASN A 359 0.86 18.17 -38.90
CA ASN A 359 0.66 19.60 -38.94
C ASN A 359 -0.79 19.92 -38.66
N SER A 360 -1.19 19.71 -37.41
CA SER A 360 -2.51 20.13 -36.94
C SER A 360 -2.44 20.34 -35.43
N ALA A 361 -3.55 20.78 -34.85
CA ALA A 361 -3.69 20.87 -33.39
C ALA A 361 -4.31 19.58 -32.86
N LEU A 362 -4.53 19.51 -31.55
CA LEU A 362 -5.28 18.40 -30.99
C LEU A 362 -6.78 18.69 -30.99
N ARG A 363 -7.51 17.66 -31.36
CA ARG A 363 -8.93 17.65 -31.13
C ARG A 363 -9.36 16.24 -30.85
N ILE A 364 -10.30 16.11 -29.91
CA ILE A 364 -10.80 14.83 -29.46
C ILE A 364 -12.33 14.87 -29.54
N LYS A 365 -12.91 13.87 -30.23
CA LYS A 365 -14.36 13.78 -30.43
C LYS A 365 -15.04 12.98 -29.33
N ILE A 366 -15.77 13.67 -28.48
CA ILE A 366 -16.67 13.03 -27.52
C ILE A 366 -17.86 12.50 -28.35
N LEU A 367 -18.43 11.36 -27.96
CA LEU A 367 -19.58 10.76 -28.69
C LEU A 367 -20.84 10.63 -27.81
N CYS A 368 -20.75 9.80 -26.77
CA CYS A 368 -21.89 9.51 -25.90
C CYS A 368 -21.44 8.85 -24.62
N ALA A 369 -22.15 9.14 -23.53
CA ALA A 369 -21.99 8.44 -22.26
C ALA A 369 -23.30 7.70 -21.99
N THR A 370 -23.21 6.39 -21.80
CA THR A 370 -24.39 5.52 -21.87
C THR A 370 -25.09 5.32 -20.53
N TYR A 371 -24.32 5.07 -19.48
CA TYR A 371 -24.84 4.47 -18.24
C TYR A 371 -24.74 5.42 -17.05
N VAL A 372 -25.22 6.66 -17.21
CA VAL A 372 -25.13 7.69 -16.16
C VAL A 372 -26.36 7.69 -15.23
N ASN A 373 -26.14 7.72 -13.92
CA ASN A 373 -27.17 7.51 -12.89
C ASN A 373 -27.38 8.78 -12.07
N VAL A 374 -28.35 9.60 -12.48
CA VAL A 374 -28.55 10.95 -11.93
C VAL A 374 -30.04 11.23 -11.64
N ASN A 375 -30.31 12.00 -10.59
CA ASN A 375 -31.66 12.53 -10.36
C ASN A 375 -32.02 13.63 -11.36
N ILE A 376 -33.01 13.38 -12.20
CA ILE A 376 -33.53 14.40 -13.12
C ILE A 376 -34.23 15.51 -12.31
N ARG A 377 -34.81 15.13 -11.16
CA ARG A 377 -35.46 16.05 -10.22
C ARG A 377 -34.50 17.01 -9.49
N ASP A 378 -33.25 16.59 -9.33
CA ASP A 378 -32.29 17.33 -8.53
C ASP A 378 -31.30 18.14 -9.37
N ILE A 379 -30.80 17.52 -10.46
CA ILE A 379 -29.81 18.12 -11.35
C ILE A 379 -30.48 18.80 -12.54
N ASP A 380 -29.85 19.88 -13.01
CA ASP A 380 -30.24 20.58 -14.21
C ASP A 380 -29.60 19.89 -15.42
N LYS A 381 -28.28 19.97 -15.47
CA LYS A 381 -27.57 19.71 -16.71
C LYS A 381 -26.23 19.04 -16.49
N ILE A 382 -25.88 18.17 -17.44
CA ILE A 382 -24.64 17.38 -17.39
C ILE A 382 -23.79 17.51 -18.68
N TYR A 383 -22.48 17.66 -18.50
CA TYR A 383 -21.50 17.83 -19.59
C TYR A 383 -20.26 16.99 -19.38
N VAL A 384 -19.34 17.00 -20.36
CA VAL A 384 -18.01 16.38 -20.21
C VAL A 384 -16.92 17.46 -20.12
N ARG A 385 -16.23 17.53 -18.97
CA ARG A 385 -14.99 18.31 -18.84
C ARG A 385 -13.83 17.45 -19.34
N THR A 386 -12.81 18.09 -19.92
CA THR A 386 -11.63 17.38 -20.47
C THR A 386 -10.38 18.23 -20.40
N GLY A 387 -9.23 17.58 -20.35
CA GLY A 387 -7.93 18.27 -20.32
C GLY A 387 -6.82 17.35 -20.81
N ILE A 388 -5.68 17.96 -21.12
CA ILE A 388 -4.45 17.21 -21.39
C ILE A 388 -3.60 17.48 -20.16
N TYR A 389 -2.75 16.53 -19.79
CA TYR A 389 -1.92 16.64 -18.58
C TYR A 389 -0.49 16.04 -18.68
N HIS A 390 0.26 16.23 -17.57
CA HIS A 390 1.56 15.58 -17.29
C HIS A 390 1.71 15.42 -15.71
N GLY A 391 0.58 15.26 -14.97
CA GLY A 391 0.50 15.71 -13.55
C GLY A 391 -0.07 17.15 -13.42
N GLY A 392 0.71 18.19 -13.79
CA GLY A 392 0.19 19.56 -14.12
C GLY A 392 -0.05 19.70 -15.65
N GLU A 393 -0.94 20.63 -16.10
CA GLU A 393 -1.59 20.53 -17.48
C GLU A 393 -1.04 21.38 -18.67
N PRO A 394 -0.71 20.78 -19.87
CA PRO A 394 -0.18 21.52 -21.06
C PRO A 394 -1.05 22.57 -21.85
N LEU A 395 -2.28 22.85 -21.43
CA LEU A 395 -3.14 23.86 -22.09
C LEU A 395 -4.37 24.22 -21.27
N CYS A 396 -4.96 25.37 -21.58
CA CYS A 396 -6.24 25.75 -20.97
C CYS A 396 -7.23 24.60 -21.08
N ASP A 397 -7.80 24.25 -19.93
CA ASP A 397 -8.75 23.15 -19.82
C ASP A 397 -10.07 23.55 -20.46
N ASN A 398 -10.70 22.62 -21.17
CA ASN A 398 -12.02 22.88 -21.78
C ASN A 398 -13.15 21.98 -21.23
N VAL A 399 -14.36 22.19 -21.75
CA VAL A 399 -15.54 21.38 -21.43
C VAL A 399 -16.14 20.96 -22.77
N ASN A 400 -17.46 20.73 -22.82
CA ASN A 400 -18.24 20.88 -24.04
C ASN A 400 -19.59 21.47 -23.66
N THR A 401 -20.43 21.82 -24.63
CA THR A 401 -21.75 22.47 -24.36
C THR A 401 -22.64 21.51 -23.52
N GLN A 402 -23.54 22.09 -22.71
CA GLN A 402 -24.28 21.36 -21.66
C GLN A 402 -25.47 20.54 -22.20
N ARG A 403 -25.26 19.92 -23.36
CA ARG A 403 -26.32 19.40 -24.23
C ARG A 403 -26.95 18.13 -23.65
N VAL A 404 -28.04 17.72 -24.31
CA VAL A 404 -28.98 16.64 -23.89
C VAL A 404 -28.73 16.23 -22.44
N PRO A 405 -29.14 17.10 -21.51
CA PRO A 405 -28.77 16.91 -20.12
C PRO A 405 -29.46 15.68 -19.52
N CYS A 406 -28.98 15.27 -18.34
CA CYS A 406 -29.52 14.10 -17.63
C CYS A 406 -29.87 12.93 -18.58
N SER A 407 -31.15 12.62 -18.83
CA SER A 407 -31.50 11.46 -19.68
C SER A 407 -31.04 11.66 -21.14
N ASN A 408 -30.87 10.55 -21.86
CA ASN A 408 -30.52 10.57 -23.29
C ASN A 408 -29.18 11.28 -23.63
N PRO A 409 -28.20 11.30 -22.70
CA PRO A 409 -27.08 12.24 -22.82
C PRO A 409 -25.99 11.85 -23.84
N ARG A 410 -25.92 12.62 -24.92
CA ARG A 410 -24.92 12.47 -25.98
C ARG A 410 -24.40 13.87 -26.34
N TRP A 411 -23.14 13.93 -26.76
CA TRP A 411 -22.55 15.11 -27.40
C TRP A 411 -21.79 14.54 -28.58
N ASN A 412 -22.03 15.08 -29.77
CA ASN A 412 -21.15 14.82 -30.89
C ASN A 412 -20.40 16.09 -31.17
N GLU A 413 -19.27 16.25 -30.47
CA GLU A 413 -18.45 17.46 -30.55
C GLU A 413 -16.96 17.14 -30.67
N TRP A 414 -16.28 17.73 -31.66
CA TRP A 414 -14.82 17.78 -31.67
C TRP A 414 -14.44 18.86 -30.66
N LEU A 415 -13.62 18.48 -29.67
CA LEU A 415 -13.13 19.44 -28.68
C LEU A 415 -11.77 19.93 -29.11
N ASN A 416 -11.58 21.25 -29.01
CA ASN A 416 -10.45 21.92 -29.65
C ASN A 416 -9.44 22.44 -28.64
N TYR A 417 -8.25 21.81 -28.65
CA TYR A 417 -7.21 21.97 -27.62
C TYR A 417 -6.12 22.85 -28.18
N ASP A 418 -5.90 24.01 -27.56
CA ASP A 418 -4.78 24.91 -27.97
C ASP A 418 -3.38 24.34 -27.66
N ILE A 419 -2.95 23.44 -28.56
CA ILE A 419 -1.63 22.79 -28.55
C ILE A 419 -1.41 22.07 -29.88
N TYR A 420 -0.24 22.23 -30.51
CA TYR A 420 0.06 21.43 -31.71
C TYR A 420 0.44 20.01 -31.31
N ILE A 421 0.20 19.07 -32.21
CA ILE A 421 0.42 17.64 -31.98
C ILE A 421 1.90 17.25 -31.79
N PRO A 422 2.86 17.98 -32.38
CA PRO A 422 4.27 17.75 -32.00
C PRO A 422 4.66 18.21 -30.56
N ASP A 423 3.88 19.11 -29.98
CA ASP A 423 4.10 19.57 -28.60
C ASP A 423 3.44 18.71 -27.50
N LEU A 424 3.06 17.47 -27.81
CA LEU A 424 2.67 16.52 -26.79
C LEU A 424 3.91 15.77 -26.31
N PRO A 425 4.11 15.72 -24.98
CA PRO A 425 5.27 15.01 -24.43
C PRO A 425 5.01 13.53 -24.36
N ARG A 426 6.06 12.71 -24.44
CA ARG A 426 5.92 11.24 -24.51
C ARG A 426 4.85 10.65 -23.60
N ALA A 427 4.74 11.21 -22.40
CA ALA A 427 3.85 10.68 -21.40
C ALA A 427 2.61 11.54 -21.26
N ALA A 428 2.08 12.02 -22.37
CA ALA A 428 0.94 12.92 -22.29
C ALA A 428 -0.29 12.09 -22.03
N ARG A 429 -1.26 12.71 -21.35
CA ARG A 429 -2.45 12.00 -20.87
C ARG A 429 -3.69 12.91 -20.92
N LEU A 430 -4.76 12.40 -21.54
CA LEU A 430 -6.08 13.01 -21.49
C LEU A 430 -6.73 12.68 -20.15
N CYS A 431 -7.23 13.68 -19.45
CA CYS A 431 -8.01 13.46 -18.21
C CYS A 431 -9.41 14.02 -18.36
N LEU A 432 -10.42 13.16 -18.29
CA LEU A 432 -11.81 13.60 -18.47
C LEU A 432 -12.71 13.22 -17.30
N SER A 433 -13.90 13.83 -17.30
CA SER A 433 -14.98 13.62 -16.33
C SER A 433 -16.34 14.10 -16.86
N ILE A 434 -17.40 13.38 -16.48
CA ILE A 434 -18.77 13.86 -16.63
C ILE A 434 -19.07 14.68 -15.36
N CYS A 435 -19.86 15.75 -15.51
CA CYS A 435 -20.14 16.65 -14.38
C CYS A 435 -21.60 17.15 -14.38
N SER A 436 -22.03 17.73 -13.26
CA SER A 436 -23.38 18.27 -13.06
C SER A 436 -23.30 19.74 -12.64
N VAL A 437 -24.34 20.53 -12.93
CA VAL A 437 -24.43 21.92 -12.42
C VAL A 437 -25.78 22.19 -11.75
N HIS A 447 -21.82 22.90 -9.97
CA HIS A 447 -20.61 22.26 -10.48
C HIS A 447 -20.16 21.10 -9.57
N CYS A 448 -20.32 19.86 -10.03
CA CYS A 448 -19.86 18.68 -9.27
C CYS A 448 -19.67 17.44 -10.19
N PRO A 449 -18.56 16.68 -10.00
CA PRO A 449 -18.31 15.51 -10.90
C PRO A 449 -19.16 14.28 -10.58
N LEU A 450 -19.60 13.56 -11.62
CA LEU A 450 -20.33 12.28 -11.48
C LEU A 450 -19.43 11.05 -11.58
N ALA A 451 -18.58 11.04 -12.62
CA ALA A 451 -17.62 9.95 -12.91
C ALA A 451 -16.29 10.56 -13.38
N TRP A 452 -15.32 9.72 -13.74
CA TRP A 452 -14.08 10.18 -14.42
C TRP A 452 -13.31 9.02 -15.04
N GLY A 453 -12.30 9.34 -15.83
CA GLY A 453 -11.41 8.32 -16.40
C GLY A 453 -10.33 8.96 -17.23
N ASN A 454 -9.11 8.43 -17.15
CA ASN A 454 -7.99 9.05 -17.83
C ASN A 454 -7.35 8.08 -18.82
N ILE A 455 -7.08 8.56 -20.04
CA ILE A 455 -6.35 7.77 -21.04
C ILE A 455 -4.94 8.35 -21.29
N ASN A 456 -4.01 7.47 -21.64
CA ASN A 456 -2.70 7.84 -22.17
C ASN A 456 -2.82 8.09 -23.66
N LEU A 457 -2.36 9.27 -24.09
CA LEU A 457 -2.47 9.68 -25.50
C LEU A 457 -1.52 8.91 -26.36
N PHE A 458 -0.54 8.23 -25.76
CA PHE A 458 0.26 7.24 -26.45
C PHE A 458 0.06 5.87 -25.84
N ASP A 459 0.38 4.84 -26.63
CA ASP A 459 0.38 3.45 -26.17
C ASP A 459 1.81 3.02 -25.81
N TYR A 460 1.92 1.81 -25.26
CA TYR A 460 3.20 1.25 -24.83
C TYR A 460 4.27 1.12 -25.91
N THR A 461 3.87 0.96 -27.19
CA THR A 461 4.81 0.93 -28.33
C THR A 461 5.05 2.31 -29.00
N ASP A 462 5.03 3.38 -28.18
CA ASP A 462 5.24 4.78 -28.61
C ASP A 462 4.14 5.39 -29.50
N THR A 463 3.09 4.63 -29.82
CA THR A 463 2.18 4.97 -30.93
C THR A 463 1.04 5.90 -30.49
N LEU A 464 0.91 7.02 -31.20
CA LEU A 464 -0.12 8.02 -30.89
C LEU A 464 -1.52 7.43 -31.07
N VAL A 465 -2.37 7.65 -30.06
CA VAL A 465 -3.75 7.14 -30.02
C VAL A 465 -4.59 7.75 -31.15
N SER A 466 -5.29 6.89 -31.89
CA SER A 466 -6.20 7.30 -32.97
C SER A 466 -7.45 6.45 -32.91
N GLY A 467 -8.50 6.91 -33.55
CA GLY A 467 -9.70 6.09 -33.74
C GLY A 467 -10.73 6.07 -32.61
N LYS A 468 -11.28 4.89 -32.34
CA LYS A 468 -12.36 4.79 -31.38
C LYS A 468 -11.93 4.03 -30.13
N MET A 469 -12.27 4.59 -28.96
CA MET A 469 -11.92 4.02 -27.65
C MET A 469 -13.17 4.08 -26.76
N ALA A 470 -13.47 2.97 -26.07
CA ALA A 470 -14.60 2.91 -25.14
C ALA A 470 -14.10 2.90 -23.69
N LEU A 471 -14.24 4.04 -23.02
CA LEU A 471 -13.68 4.24 -21.69
C LEU A 471 -14.76 4.03 -20.63
N ASN A 472 -14.62 2.93 -19.89
CA ASN A 472 -15.38 2.74 -18.64
C ASN A 472 -14.82 3.60 -17.51
N LEU A 473 -15.70 4.20 -16.71
CA LEU A 473 -15.27 5.24 -15.78
C LEU A 473 -15.15 4.79 -14.32
N TRP A 474 -14.50 5.66 -13.53
CA TRP A 474 -14.23 5.49 -12.10
C TRP A 474 -15.07 6.45 -11.28
N PRO A 475 -15.63 5.99 -10.14
CA PRO A 475 -16.45 6.87 -9.30
C PRO A 475 -15.65 7.86 -8.50
N VAL A 476 -16.15 9.09 -8.41
CA VAL A 476 -15.54 10.14 -7.62
C VAL A 476 -15.28 9.66 -6.20
N PRO A 477 -14.03 9.81 -5.70
CA PRO A 477 -13.74 9.40 -4.34
C PRO A 477 -14.25 10.38 -3.27
N HIS A 478 -13.84 10.11 -2.02
CA HIS A 478 -14.18 10.96 -0.89
C HIS A 478 -13.50 12.33 -1.00
N GLY A 479 -12.17 12.32 -1.10
CA GLY A 479 -11.36 13.53 -1.02
C GLY A 479 -11.49 14.47 -2.21
N LEU A 480 -11.62 13.91 -3.41
CA LEU A 480 -11.70 14.72 -4.62
C LEU A 480 -13.02 15.49 -4.68
N GLU A 481 -12.93 16.80 -4.44
CA GLU A 481 -13.98 17.75 -4.85
C GLU A 481 -13.69 18.32 -6.24
N ASP A 482 -12.40 18.57 -6.53
CA ASP A 482 -11.93 19.01 -7.86
C ASP A 482 -12.59 18.24 -9.00
N LEU A 483 -12.82 18.93 -10.11
CA LEU A 483 -13.66 18.41 -11.20
C LEU A 483 -13.14 17.20 -11.96
N LEU A 484 -11.82 17.12 -12.15
CA LEU A 484 -11.26 16.26 -13.18
C LEU A 484 -10.37 15.07 -12.75
N ASN A 485 -9.70 15.15 -11.59
CA ASN A 485 -8.81 14.06 -11.10
C ASN A 485 -7.74 13.59 -12.13
N PRO A 486 -6.61 14.31 -12.20
CA PRO A 486 -5.50 13.92 -13.07
C PRO A 486 -4.42 13.07 -12.40
N ILE A 487 -4.47 12.92 -11.08
CA ILE A 487 -3.55 12.03 -10.36
C ILE A 487 -4.08 10.59 -10.51
N GLY A 488 -5.40 10.46 -10.69
CA GLY A 488 -6.09 9.17 -10.86
C GLY A 488 -5.57 8.23 -11.94
N VAL A 489 -5.87 6.95 -11.79
CA VAL A 489 -5.21 5.88 -12.55
C VAL A 489 -5.54 5.78 -14.06
N THR A 490 -4.50 5.48 -14.80
CA THR A 490 -4.52 5.55 -16.24
C THR A 490 -5.18 4.26 -16.78
N GLY A 491 -6.25 4.45 -17.56
CA GLY A 491 -6.97 3.36 -18.19
C GLY A 491 -8.43 3.30 -17.73
N SER A 492 -9.17 2.40 -18.37
CA SER A 492 -10.60 2.20 -18.08
C SER A 492 -10.81 1.27 -16.89
N ASN A 493 -11.82 1.55 -16.08
CA ASN A 493 -12.32 0.61 -15.06
C ASN A 493 -12.66 -0.76 -15.74
N PRO A 494 -12.20 -1.89 -15.13
CA PRO A 494 -12.69 -3.18 -15.62
C PRO A 494 -14.18 -3.39 -15.36
N ASN A 495 -14.68 -2.94 -14.20
CA ASN A 495 -16.12 -3.01 -13.87
C ASN A 495 -16.99 -2.39 -15.00
N LYS A 496 -17.62 -3.28 -15.76
CA LYS A 496 -18.44 -2.96 -16.94
C LYS A 496 -19.64 -2.08 -16.59
N GLU A 497 -20.45 -2.48 -15.61
CA GLU A 497 -21.66 -1.75 -15.26
C GLU A 497 -21.33 -0.43 -14.50
N THR A 498 -20.74 0.52 -15.25
CA THR A 498 -20.42 1.91 -14.82
C THR A 498 -20.54 2.81 -16.05
N PRO A 499 -20.60 4.15 -15.84
CA PRO A 499 -20.57 5.08 -16.97
C PRO A 499 -19.48 4.77 -18.01
N CYS A 500 -19.88 4.18 -19.14
CA CYS A 500 -18.99 3.96 -20.28
C CYS A 500 -19.13 5.13 -21.26
N LEU A 501 -18.17 6.05 -21.21
CA LEU A 501 -18.15 7.20 -22.12
C LEU A 501 -17.24 6.89 -23.32
N GLU A 502 -17.84 6.61 -24.48
CA GLU A 502 -17.06 6.30 -25.70
C GLU A 502 -16.76 7.58 -26.49
N LEU A 503 -15.66 7.55 -27.26
CA LEU A 503 -15.08 8.75 -27.91
C LEU A 503 -14.19 8.41 -29.13
N GLU A 504 -13.85 9.43 -29.91
CA GLU A 504 -13.11 9.26 -31.15
C GLU A 504 -11.93 10.27 -31.28
N PHE A 505 -10.78 9.70 -31.65
CA PHE A 505 -9.51 10.42 -31.88
C PHE A 505 -9.18 10.59 -33.37
N ASP A 506 -8.64 11.75 -33.69
CA ASP A 506 -8.28 12.12 -35.08
C ASP A 506 -7.31 11.10 -35.68
N TRP A 507 -7.43 10.90 -36.98
CA TRP A 507 -6.63 9.90 -37.69
C TRP A 507 -5.81 10.61 -38.76
N PHE A 508 -4.52 10.27 -38.82
CA PHE A 508 -3.57 10.93 -39.71
C PHE A 508 -2.92 9.90 -40.65
N SER A 509 -3.76 9.11 -41.31
CA SER A 509 -3.35 8.25 -42.42
C SER A 509 -2.09 7.37 -42.20
N SER A 510 -1.84 7.02 -40.94
CA SER A 510 -0.72 6.14 -40.54
C SER A 510 -0.70 6.06 -39.01
N VAL A 511 -0.09 5.01 -38.49
CA VAL A 511 0.34 5.02 -37.08
C VAL A 511 1.35 6.15 -36.91
N VAL A 512 1.02 7.11 -36.05
CA VAL A 512 1.89 8.24 -35.74
C VAL A 512 2.74 7.86 -34.53
N LYS A 513 4.04 7.75 -34.70
CA LYS A 513 4.92 7.32 -33.61
C LYS A 513 5.78 8.48 -33.05
N PHE A 514 6.13 8.37 -31.78
CA PHE A 514 6.93 9.38 -31.10
C PHE A 514 8.37 9.22 -31.58
N PRO A 515 9.08 10.35 -31.76
CA PRO A 515 10.49 10.40 -32.20
C PRO A 515 11.43 9.45 -31.50
N ASP A 516 12.37 8.83 -32.23
CA ASP A 516 13.55 8.16 -31.60
C ASP A 516 14.39 9.15 -30.79
N MET A 517 15.33 8.65 -29.99
CA MET A 517 16.16 9.54 -29.18
C MET A 517 17.30 10.15 -30.00
N SER A 518 17.81 9.39 -30.97
CA SER A 518 18.72 9.94 -31.99
C SER A 518 18.17 11.22 -32.66
N VAL A 519 16.84 11.27 -32.82
CA VAL A 519 16.14 12.42 -33.40
C VAL A 519 15.82 13.52 -32.40
N ILE A 520 15.49 13.15 -31.16
CA ILE A 520 15.23 14.16 -30.12
C ILE A 520 16.56 14.81 -29.71
N GLU A 521 17.64 14.04 -29.72
CA GLU A 521 19.01 14.56 -29.56
C GLU A 521 19.34 15.61 -30.60
N GLU A 522 19.28 15.21 -31.87
CA GLU A 522 19.58 16.13 -32.97
C GLU A 522 18.84 17.46 -32.86
N HIS A 523 17.53 17.39 -32.56
CA HIS A 523 16.72 18.57 -32.41
C HIS A 523 17.07 19.41 -31.18
N ALA A 524 17.68 18.79 -30.17
CA ALA A 524 18.26 19.57 -29.07
C ALA A 524 19.52 20.32 -29.52
N ASN A 525 20.49 19.58 -30.08
CA ASN A 525 21.76 20.16 -30.59
C ASN A 525 21.58 21.27 -31.59
N TRP A 526 20.40 21.31 -32.23
CA TRP A 526 19.94 22.46 -33.01
C TRP A 526 19.32 23.53 -32.14
N SER A 527 18.38 23.17 -31.26
CA SER A 527 17.72 24.16 -30.38
C SER A 527 18.72 25.03 -29.58
N VAL A 528 19.86 24.43 -29.25
CA VAL A 528 20.97 25.11 -28.59
C VAL A 528 21.75 26.00 -29.59
N SER A 529 22.14 25.45 -30.74
CA SER A 529 22.89 26.22 -31.78
C SER A 529 22.13 27.47 -32.29
N ARG A 530 20.81 27.34 -32.42
CA ARG A 530 19.93 28.44 -32.79
C ARG A 530 19.83 29.49 -31.65
N GLU A 531 19.71 29.02 -30.40
CA GLU A 531 19.72 29.88 -29.18
C GLU A 531 20.94 30.79 -29.02
N ALA A 532 22.08 30.36 -29.59
CA ALA A 532 23.33 31.12 -29.56
C ALA A 532 23.46 32.28 -30.59
N GLY A 533 22.48 32.44 -31.49
CA GLY A 533 22.52 33.48 -32.53
C GLY A 533 21.39 34.49 -32.51
N PHE A 534 20.57 34.48 -31.45
CA PHE A 534 19.50 35.46 -31.27
C PHE A 534 20.12 36.80 -30.88
N SER A 535 19.37 37.89 -31.02
CA SER A 535 19.85 39.24 -30.67
C SER A 535 19.79 39.45 -29.16
N TYR A 536 20.62 40.36 -28.64
CA TYR A 536 20.54 40.71 -27.21
C TYR A 536 19.26 41.48 -26.89
N SER A 537 18.74 42.28 -27.84
CA SER A 537 17.40 42.91 -27.70
C SER A 537 16.38 41.85 -27.28
N HIS A 538 16.52 40.65 -27.86
CA HIS A 538 15.64 39.53 -27.59
C HIS A 538 15.78 38.91 -26.19
N ALA A 539 16.92 39.07 -25.54
CA ALA A 539 17.09 38.63 -24.13
C ALA A 539 16.17 39.31 -23.07
N GLY A 540 15.26 40.22 -23.50
CA GLY A 540 14.06 40.58 -22.73
C GLY A 540 12.89 39.58 -22.79
N LEU A 541 13.20 38.33 -23.19
CA LEU A 541 12.27 37.17 -23.15
C LEU A 541 12.17 36.66 -21.71
N SER A 542 13.34 36.60 -21.05
CA SER A 542 13.50 36.19 -19.64
C SER A 542 13.58 34.67 -19.41
N ASN A 543 13.32 33.87 -20.44
CA ASN A 543 13.61 32.44 -20.42
C ASN A 543 14.86 32.27 -21.24
N ARG A 544 15.81 33.19 -21.06
CA ARG A 544 16.90 33.40 -21.99
C ARG A 544 18.17 33.75 -21.18
N LEU A 545 19.05 32.74 -20.99
CA LEU A 545 20.32 32.86 -20.24
C LEU A 545 21.34 33.71 -21.00
N ALA A 546 21.16 35.02 -20.97
CA ALA A 546 22.08 35.92 -21.68
C ALA A 546 23.42 36.04 -20.93
N ARG A 547 23.40 35.86 -19.60
CA ARG A 547 24.62 35.57 -18.79
C ARG A 547 25.16 34.20 -19.22
N ASP A 548 25.81 34.19 -20.39
CA ASP A 548 26.08 32.95 -21.16
C ASP A 548 26.79 31.81 -20.40
N ASN A 549 28.07 31.98 -20.09
CA ASN A 549 28.82 31.06 -19.22
C ASN A 549 29.19 31.73 -17.88
N GLU A 550 29.45 33.05 -17.90
CA GLU A 550 29.64 33.83 -16.68
C GLU A 550 28.30 34.31 -16.11
N LEU A 551 28.28 34.44 -14.79
CA LEU A 551 27.07 34.69 -14.00
C LEU A 551 27.35 35.48 -12.73
N ARG A 552 26.28 35.94 -12.08
CA ARG A 552 26.36 36.69 -10.81
C ARG A 552 26.49 35.71 -9.61
N GLU A 553 27.18 36.15 -8.55
CA GLU A 553 27.34 35.35 -7.31
C GLU A 553 26.03 35.32 -6.52
N ASN A 554 25.22 36.37 -6.65
CA ASN A 554 23.88 36.46 -6.03
C ASN A 554 22.95 35.42 -6.65
N ASP A 555 22.96 35.36 -7.98
CA ASP A 555 22.28 34.31 -8.77
C ASP A 555 22.74 32.91 -8.34
N LYS A 556 24.02 32.58 -8.55
CA LYS A 556 24.60 31.27 -8.19
C LYS A 556 24.31 30.79 -6.76
N GLU A 557 24.10 31.73 -5.84
CA GLU A 557 23.67 31.44 -4.47
C GLU A 557 22.14 31.26 -4.38
N GLN A 558 21.36 32.08 -5.07
CA GLN A 558 19.89 31.98 -5.08
C GLN A 558 19.36 30.68 -5.70
N LEU A 559 20.18 30.05 -6.55
CA LEU A 559 19.85 28.71 -7.06
C LEU A 559 19.91 27.66 -5.96
N LYS A 560 21.04 27.53 -5.28
CA LYS A 560 21.16 26.56 -4.19
C LYS A 560 20.14 26.80 -3.07
N ALA A 561 19.71 28.07 -2.89
CA ALA A 561 18.60 28.44 -2.00
C ALA A 561 17.25 27.81 -2.40
N ILE A 562 17.10 27.52 -3.68
CA ILE A 562 15.96 26.76 -4.19
C ILE A 562 16.16 25.28 -3.85
N SER A 563 17.29 24.74 -4.25
CA SER A 563 17.71 23.36 -4.00
C SER A 563 17.27 22.83 -2.62
N THR A 564 17.51 23.63 -1.57
CA THR A 564 17.22 23.24 -0.17
C THR A 564 15.75 23.06 0.13
N ARG A 565 14.91 23.81 -0.59
CA ARG A 565 13.45 23.81 -0.37
C ARG A 565 12.79 22.46 -0.61
N ASP A 566 11.83 22.13 0.26
CA ASP A 566 11.08 20.86 0.18
C ASP A 566 10.30 20.78 -1.14
N PRO A 567 9.89 19.56 -1.56
CA PRO A 567 9.09 19.43 -2.77
C PRO A 567 7.79 20.25 -2.75
N LEU A 568 7.15 20.33 -1.59
CA LEU A 568 5.79 20.88 -1.43
C LEU A 568 5.66 22.45 -1.42
N SER A 569 6.79 23.17 -1.34
CA SER A 569 6.79 24.63 -1.56
C SER A 569 6.69 24.99 -3.05
N GLU A 570 5.51 25.48 -3.46
CA GLU A 570 5.26 25.78 -4.89
C GLU A 570 6.31 26.78 -5.42
N ILE A 571 6.74 26.55 -6.66
CA ILE A 571 7.79 27.34 -7.31
C ILE A 571 7.14 28.36 -8.23
N THR A 572 7.70 29.58 -8.23
CA THR A 572 7.14 30.71 -8.97
C THR A 572 7.63 30.78 -10.41
N GLU A 573 6.73 31.11 -11.34
CA GLU A 573 7.09 31.26 -12.76
C GLU A 573 8.44 31.92 -12.96
N GLN A 574 8.70 32.95 -12.16
CA GLN A 574 9.99 33.64 -12.21
C GLN A 574 11.12 32.66 -11.90
N GLU A 575 11.01 31.96 -10.78
CA GLU A 575 11.98 30.93 -10.40
C GLU A 575 12.12 29.83 -11.45
N LYS A 576 10.99 29.43 -12.02
CA LYS A 576 10.98 28.38 -13.04
C LYS A 576 11.78 28.86 -14.23
N ASP A 577 11.39 30.01 -14.77
CA ASP A 577 12.10 30.60 -15.90
C ASP A 577 13.58 30.80 -15.54
N PHE A 578 13.81 31.41 -14.38
CA PHE A 578 15.16 31.61 -13.83
C PHE A 578 15.97 30.31 -13.81
N LEU A 579 15.34 29.22 -13.39
CA LEU A 579 15.97 27.91 -13.45
C LEU A 579 16.19 27.50 -14.91
N TRP A 580 15.12 27.57 -15.70
CA TRP A 580 15.09 27.03 -17.06
C TRP A 580 16.24 27.61 -17.90
N SER A 581 16.44 28.91 -17.82
CA SER A 581 17.56 29.55 -18.51
C SER A 581 18.90 28.97 -18.02
N HIS A 582 19.07 28.92 -16.71
CA HIS A 582 20.37 28.60 -16.10
C HIS A 582 20.64 27.10 -16.03
N ARG A 583 19.65 26.28 -16.41
CA ARG A 583 19.74 24.81 -16.53
C ARG A 583 21.12 24.18 -16.69
N HIS A 584 21.99 24.86 -17.43
CA HIS A 584 23.34 24.38 -17.63
C HIS A 584 24.23 24.56 -16.37
N TYR A 585 24.04 25.64 -15.61
CA TYR A 585 24.65 25.74 -14.27
C TYR A 585 23.99 24.75 -13.28
N CYS A 586 22.71 24.43 -13.48
CA CYS A 586 22.01 23.47 -12.63
C CYS A 586 22.56 22.04 -12.59
N VAL A 587 23.48 21.68 -13.48
CA VAL A 587 24.21 20.40 -13.38
C VAL A 587 25.22 20.40 -12.22
N THR A 588 25.72 21.58 -11.84
CA THR A 588 26.57 21.72 -10.67
C THR A 588 25.87 21.26 -9.38
N ILE A 589 24.57 21.50 -9.30
CA ILE A 589 23.78 21.12 -8.14
C ILE A 589 22.81 20.00 -8.58
N PRO A 590 23.33 18.76 -8.81
CA PRO A 590 22.45 17.65 -9.19
C PRO A 590 21.07 17.66 -8.52
N GLU A 591 21.06 18.00 -7.23
CA GLU A 591 19.91 17.98 -6.34
C GLU A 591 18.79 18.96 -6.73
N ILE A 592 19.10 19.97 -7.54
CA ILE A 592 18.09 20.87 -8.01
C ILE A 592 17.14 20.18 -9.00
N LEU A 593 17.60 19.11 -9.68
CA LEU A 593 16.89 18.47 -10.82
C LEU A 593 15.36 18.40 -10.74
N PRO A 594 14.80 17.88 -9.62
CA PRO A 594 13.34 17.94 -9.41
C PRO A 594 12.68 19.29 -9.64
N LYS A 595 13.35 20.38 -9.25
CA LYS A 595 12.83 21.76 -9.35
C LYS A 595 12.94 22.28 -10.79
N LEU A 596 14.06 21.95 -11.41
CA LEU A 596 14.26 22.21 -12.83
C LEU A 596 13.21 21.49 -13.65
N LEU A 597 13.10 20.16 -13.48
CA LEU A 597 12.14 19.37 -14.25
C LEU A 597 10.72 19.93 -14.23
N LEU A 598 10.30 20.44 -13.07
CA LEU A 598 8.99 21.09 -12.92
C LEU A 598 8.96 22.48 -13.55
N SER A 599 10.14 23.05 -13.74
CA SER A 599 10.28 24.32 -14.45
C SER A 599 10.30 24.22 -15.99
N VAL A 600 10.47 23.02 -16.55
CA VAL A 600 10.40 22.82 -18.00
C VAL A 600 8.95 22.94 -18.49
N LYS A 601 8.77 23.66 -19.61
CA LYS A 601 7.49 23.69 -20.32
C LYS A 601 7.42 22.40 -21.11
N TRP A 602 6.60 21.46 -20.61
CA TRP A 602 6.41 20.15 -21.24
C TRP A 602 5.50 20.23 -22.47
N ASN A 603 4.80 21.35 -22.59
CA ASN A 603 4.09 21.72 -23.83
C ASN A 603 4.97 22.33 -24.93
N SER A 604 6.29 22.31 -24.80
CA SER A 604 7.16 23.00 -25.76
C SER A 604 8.33 22.11 -26.16
N ARG A 605 8.13 21.35 -27.22
CA ARG A 605 9.02 20.22 -27.50
C ARG A 605 10.51 20.57 -27.63
N ASP A 606 10.82 21.85 -27.91
CA ASP A 606 12.21 22.34 -27.88
C ASP A 606 12.78 22.21 -26.48
N GLU A 607 12.09 22.84 -25.52
CA GLU A 607 12.44 22.73 -24.09
C GLU A 607 12.57 21.27 -23.61
N VAL A 608 11.61 20.43 -24.00
CA VAL A 608 11.59 19.01 -23.60
C VAL A 608 12.73 18.15 -24.21
N ALA A 609 13.02 18.37 -25.49
CA ALA A 609 14.09 17.64 -26.16
C ALA A 609 15.45 18.01 -25.60
N GLN A 610 15.56 19.25 -25.11
CA GLN A 610 16.79 19.69 -24.48
C GLN A 610 16.90 19.03 -23.11
N MET A 611 15.82 19.09 -22.31
CA MET A 611 15.83 18.54 -20.95
C MET A 611 16.16 17.05 -20.98
N TYR A 612 15.52 16.31 -21.88
CA TYR A 612 15.93 14.93 -22.23
C TYR A 612 17.46 14.74 -22.36
N CYS A 613 18.15 15.73 -22.95
CA CYS A 613 19.60 15.69 -23.21
C CYS A 613 20.47 15.98 -22.00
N LEU A 614 19.92 16.75 -21.05
CA LEU A 614 20.57 16.95 -19.75
C LEU A 614 20.43 15.67 -18.92
N VAL A 615 19.18 15.24 -18.77
CA VAL A 615 18.84 14.08 -17.97
C VAL A 615 19.65 12.86 -18.41
N LYS A 616 19.90 12.74 -19.71
CA LYS A 616 20.75 11.69 -20.31
C LYS A 616 22.08 11.39 -19.56
N ASP A 617 22.71 12.43 -19.02
CA ASP A 617 24.01 12.30 -18.34
C ASP A 617 24.12 13.38 -17.26
N TRP A 618 23.12 13.39 -16.40
CA TRP A 618 23.07 14.25 -15.25
C TRP A 618 23.67 13.42 -14.09
N PRO A 619 24.46 14.06 -13.21
CA PRO A 619 25.11 13.33 -12.12
C PRO A 619 24.09 12.64 -11.24
N PRO A 620 24.33 11.37 -10.89
CA PRO A 620 23.37 10.73 -10.02
C PRO A 620 23.15 11.46 -8.71
N ILE A 621 22.07 11.05 -8.04
CA ILE A 621 21.72 11.61 -6.77
C ILE A 621 21.35 10.52 -5.73
N LYS A 622 21.18 10.97 -4.49
CA LYS A 622 20.87 10.10 -3.38
C LYS A 622 19.41 9.60 -3.58
N PRO A 623 19.19 8.28 -3.43
CA PRO A 623 17.88 7.68 -3.49
C PRO A 623 16.80 8.49 -2.78
N GLU A 624 17.06 8.91 -1.55
CA GLU A 624 16.08 9.65 -0.75
C GLU A 624 15.54 10.91 -1.46
N GLN A 625 16.34 11.40 -2.43
CA GLN A 625 15.99 12.50 -3.35
C GLN A 625 15.50 12.00 -4.72
N ALA A 626 16.14 10.94 -5.22
CA ALA A 626 15.75 10.30 -6.50
C ALA A 626 14.36 9.67 -6.47
N MET A 627 13.93 9.20 -5.30
CA MET A 627 12.57 8.70 -5.11
C MET A 627 11.46 9.72 -5.32
N GLU A 628 11.77 11.01 -5.24
CA GLU A 628 10.78 12.03 -5.58
C GLU A 628 10.35 11.80 -7.04
N LEU A 629 11.35 11.58 -7.92
CA LEU A 629 11.17 11.47 -9.38
C LEU A 629 10.31 10.29 -9.85
N LEU A 630 10.03 9.35 -8.96
CA LEU A 630 9.07 8.30 -9.24
C LEU A 630 7.63 8.63 -8.74
N ASP A 631 7.37 9.82 -8.17
CA ASP A 631 6.00 10.16 -7.69
C ASP A 631 5.15 10.61 -8.89
N CYS A 632 3.92 11.05 -8.62
CA CYS A 632 3.01 11.39 -9.71
C CYS A 632 3.28 12.72 -10.43
N ASN A 633 4.15 13.58 -9.91
CA ASN A 633 4.52 14.82 -10.61
C ASN A 633 5.67 14.69 -11.61
N TYR A 634 6.32 13.54 -11.67
CA TYR A 634 7.33 13.27 -12.70
C TYR A 634 6.97 11.95 -13.42
N PRO A 635 6.13 12.05 -14.50
CA PRO A 635 5.68 10.91 -15.25
C PRO A 635 6.52 10.61 -16.51
N ASP A 636 7.45 11.48 -16.87
CA ASP A 636 8.24 11.28 -18.08
C ASP A 636 9.12 10.03 -17.95
N PRO A 637 9.27 9.25 -19.02
CA PRO A 637 10.06 8.03 -18.92
C PRO A 637 11.57 8.25 -18.88
N MET A 638 12.05 9.34 -19.47
CA MET A 638 13.47 9.66 -19.41
C MET A 638 13.86 9.97 -17.99
N VAL A 639 13.02 10.76 -17.32
CA VAL A 639 13.24 11.15 -15.93
C VAL A 639 13.25 9.91 -15.04
N ARG A 640 12.14 9.20 -15.02
CA ARG A 640 12.02 8.01 -14.21
C ARG A 640 13.18 7.05 -14.43
N GLY A 641 13.68 6.99 -15.66
CA GLY A 641 14.89 6.21 -15.96
C GLY A 641 16.10 6.67 -15.17
N PHE A 642 16.38 7.98 -15.22
CA PHE A 642 17.47 8.57 -14.44
C PHE A 642 17.29 8.22 -12.96
N ALA A 643 16.05 8.25 -12.50
CA ALA A 643 15.72 7.89 -11.12
C ALA A 643 16.02 6.41 -10.78
N VAL A 644 15.63 5.48 -11.65
CA VAL A 644 16.02 4.07 -11.46
C VAL A 644 17.57 3.97 -11.44
N ARG A 645 18.23 4.53 -12.44
CA ARG A 645 19.70 4.52 -12.51
C ARG A 645 20.36 4.95 -11.19
N CYS A 646 19.79 5.96 -10.51
CA CYS A 646 20.24 6.39 -9.18
C CYS A 646 20.13 5.22 -8.21
N LEU A 647 18.93 4.66 -8.03
CA LEU A 647 18.75 3.45 -7.20
C LEU A 647 19.75 2.32 -7.52
N GLU A 648 19.96 2.04 -8.80
CA GLU A 648 20.85 0.95 -9.19
C GLU A 648 22.25 1.11 -8.63
N LYS A 649 22.69 2.37 -8.54
CA LYS A 649 23.96 2.70 -7.92
C LYS A 649 23.80 2.74 -6.40
N TYR A 650 23.16 3.79 -5.91
CA TYR A 650 23.25 4.19 -4.51
C TYR A 650 22.37 3.40 -3.50
N LEU A 651 21.43 2.58 -3.97
CA LEU A 651 20.46 1.90 -3.05
C LEU A 651 20.84 0.49 -2.58
N THR A 652 21.25 0.40 -1.32
CA THR A 652 21.54 -0.88 -0.70
C THR A 652 20.28 -1.71 -0.42
N ASP A 653 20.40 -3.04 -0.46
CA ASP A 653 19.27 -3.93 -0.20
C ASP A 653 18.68 -3.75 1.18
N ASP A 654 19.45 -3.17 2.10
CA ASP A 654 18.90 -2.72 3.40
C ASP A 654 17.91 -1.57 3.16
N LYS A 655 18.39 -0.55 2.48
CA LYS A 655 17.63 0.67 2.26
C LYS A 655 16.43 0.44 1.33
N LEU A 656 16.49 -0.59 0.48
CA LEU A 656 15.36 -0.97 -0.40
C LEU A 656 14.19 -1.51 0.41
N SER A 657 14.39 -2.57 1.17
CA SER A 657 13.29 -3.11 2.00
C SER A 657 12.72 -2.05 2.96
N GLN A 658 13.54 -1.08 3.38
CA GLN A 658 13.05 0.05 4.19
C GLN A 658 11.99 0.88 3.48
N TYR A 659 12.31 1.23 2.23
CA TYR A 659 11.40 1.99 1.40
C TYR A 659 10.59 1.14 0.39
N LEU A 660 10.43 -0.18 0.62
CA LEU A 660 9.82 -1.04 -0.39
C LEU A 660 8.39 -0.65 -0.67
N ILE A 661 7.63 -0.43 0.40
CA ILE A 661 6.23 0.03 0.33
C ILE A 661 6.09 1.17 -0.67
N GLN A 662 6.87 2.24 -0.47
CA GLN A 662 6.79 3.44 -1.32
C GLN A 662 7.16 3.22 -2.78
N LEU A 663 8.01 2.23 -3.05
CA LEU A 663 8.34 1.77 -4.41
C LEU A 663 7.24 0.91 -5.06
N VAL A 664 6.73 -0.10 -4.36
CA VAL A 664 5.59 -0.88 -4.87
C VAL A 664 4.38 0.02 -5.12
N GLN A 665 4.14 0.95 -4.21
CA GLN A 665 3.09 1.94 -4.38
C GLN A 665 3.26 2.76 -5.66
N VAL A 666 4.48 3.20 -5.93
CA VAL A 666 4.71 4.14 -7.02
C VAL A 666 4.65 3.50 -8.42
N LEU A 667 4.52 2.17 -8.51
CA LEU A 667 4.34 1.48 -9.81
C LEU A 667 3.07 1.97 -10.48
N LYS A 668 1.97 2.03 -9.74
CA LYS A 668 0.72 2.69 -10.15
C LYS A 668 0.90 3.91 -11.04
N TYR A 669 1.80 4.79 -10.63
CA TYR A 669 2.10 6.00 -11.40
C TYR A 669 2.91 5.79 -12.70
N GLU A 670 3.34 4.55 -13.00
CA GLU A 670 3.95 4.29 -14.30
C GLU A 670 2.84 4.23 -15.36
N GLN A 671 3.17 4.58 -16.61
CA GLN A 671 2.20 4.62 -17.72
C GLN A 671 1.82 3.22 -18.22
N TYR A 672 2.82 2.36 -18.36
CA TYR A 672 2.65 1.04 -18.92
C TYR A 672 3.16 -0.05 -17.96
N LEU A 673 2.72 -1.29 -18.18
CA LEU A 673 3.10 -2.44 -17.34
C LEU A 673 4.59 -2.69 -17.28
N ASP A 674 5.18 -2.71 -18.49
CA ASP A 674 6.58 -3.00 -18.71
C ASP A 674 7.33 -1.69 -18.68
N ASN A 675 8.24 -1.56 -17.73
CA ASN A 675 9.03 -0.36 -17.50
C ASN A 675 10.26 -0.68 -16.65
N LEU A 676 11.14 0.30 -16.48
CA LEU A 676 12.47 0.06 -15.83
C LEU A 676 12.40 -0.20 -14.32
N LEU A 677 11.62 0.60 -13.58
CA LEU A 677 11.28 0.32 -12.17
C LEU A 677 10.72 -1.11 -11.92
N VAL A 678 9.79 -1.62 -12.72
CA VAL A 678 9.23 -2.95 -12.41
C VAL A 678 10.33 -4.01 -12.55
N ARG A 679 11.19 -3.84 -13.57
CA ARG A 679 12.29 -4.78 -13.81
C ARG A 679 13.32 -4.70 -12.68
N PHE A 680 13.57 -3.49 -12.16
CA PHE A 680 14.54 -3.27 -11.05
C PHE A 680 14.11 -4.02 -9.78
N LEU A 681 12.87 -3.74 -9.37
CA LEU A 681 12.28 -4.37 -8.21
C LEU A 681 12.17 -5.90 -8.41
N LEU A 682 11.59 -6.35 -9.52
CA LEU A 682 11.52 -7.80 -9.83
C LEU A 682 12.90 -8.50 -9.68
N LYS A 683 13.95 -7.82 -10.12
CA LYS A 683 15.26 -8.42 -10.08
C LYS A 683 15.75 -8.48 -8.65
N LYS A 684 15.71 -7.35 -7.94
CA LYS A 684 16.19 -7.31 -6.54
C LYS A 684 15.44 -8.29 -5.65
N ALA A 685 14.14 -8.46 -5.91
CA ALA A 685 13.30 -9.45 -5.22
C ALA A 685 13.67 -10.90 -5.53
N LEU A 686 14.03 -11.18 -6.78
CA LEU A 686 14.54 -12.53 -7.13
C LEU A 686 16.05 -12.74 -6.79
N THR A 687 16.72 -11.64 -6.48
CA THR A 687 18.08 -11.64 -5.97
C THR A 687 18.06 -12.03 -4.47
N ASN A 688 17.05 -11.56 -3.72
CA ASN A 688 17.08 -11.53 -2.25
C ASN A 688 15.71 -11.97 -1.69
N GLN A 689 15.68 -13.09 -0.99
CA GLN A 689 14.39 -13.72 -0.62
C GLN A 689 13.75 -13.06 0.58
N ARG A 690 14.45 -12.13 1.23
CA ARG A 690 13.82 -11.35 2.28
C ARG A 690 13.05 -10.21 1.61
N ILE A 691 13.63 -9.55 0.60
CA ILE A 691 12.91 -8.49 -0.14
C ILE A 691 11.73 -9.11 -0.88
N GLY A 692 12.02 -10.19 -1.58
CA GLY A 692 10.99 -11.04 -2.15
C GLY A 692 9.79 -11.20 -1.26
N HIS A 693 10.06 -11.60 -0.02
CA HIS A 693 8.98 -11.92 0.89
C HIS A 693 7.98 -10.79 1.05
N PHE A 694 8.49 -9.59 1.25
CA PHE A 694 7.60 -8.47 1.49
C PHE A 694 7.05 -7.91 0.18
N PHE A 695 7.89 -7.99 -0.84
CA PHE A 695 7.46 -7.64 -2.18
C PHE A 695 6.30 -8.51 -2.62
N PHE A 696 6.25 -9.76 -2.18
CA PHE A 696 5.09 -10.62 -2.51
C PHE A 696 3.82 -10.09 -1.84
N TRP A 697 3.88 -10.00 -0.53
CA TRP A 697 2.73 -9.61 0.27
C TRP A 697 2.23 -8.18 -0.04
N HIS A 698 3.13 -7.25 -0.36
CA HIS A 698 2.69 -5.90 -0.65
C HIS A 698 1.93 -5.77 -1.93
N LEU A 699 2.17 -6.73 -2.83
CA LEU A 699 1.43 -6.84 -4.09
C LEU A 699 0.16 -7.63 -3.81
N LYS A 700 0.31 -8.84 -3.32
CA LYS A 700 -0.84 -9.68 -2.92
C LYS A 700 -1.85 -8.98 -1.98
N SER A 701 -1.35 -8.06 -1.14
CA SER A 701 -2.16 -7.18 -0.30
C SER A 701 -3.18 -6.41 -1.12
N GLU A 702 -2.72 -5.84 -2.23
CA GLU A 702 -3.53 -4.89 -2.99
C GLU A 702 -4.32 -5.57 -4.11
N MET A 703 -4.38 -6.90 -4.11
CA MET A 703 -5.00 -7.62 -5.23
C MET A 703 -6.52 -7.48 -5.31
N HIS A 704 -7.19 -7.30 -4.19
CA HIS A 704 -8.62 -6.89 -4.21
C HIS A 704 -8.92 -5.59 -5.03
N ASN A 705 -7.98 -4.64 -5.04
CA ASN A 705 -8.15 -3.34 -5.72
C ASN A 705 -8.02 -3.40 -7.26
N LYS A 706 -9.14 -3.20 -7.96
CA LYS A 706 -9.18 -3.34 -9.43
C LYS A 706 -8.39 -2.25 -10.20
N THR A 707 -7.90 -1.23 -9.50
CA THR A 707 -6.98 -0.27 -10.13
C THR A 707 -5.72 -1.00 -10.53
N VAL A 708 -5.30 -1.99 -9.74
CA VAL A 708 -3.99 -2.61 -9.92
C VAL A 708 -4.00 -4.13 -9.98
N SER A 709 -5.18 -4.75 -9.99
CA SER A 709 -5.25 -6.21 -10.04
C SER A 709 -4.45 -6.75 -11.23
N GLN A 710 -4.66 -6.19 -12.42
CA GLN A 710 -3.98 -6.69 -13.60
C GLN A 710 -2.49 -6.51 -13.46
N ARG A 711 -2.05 -5.28 -13.20
CA ARG A 711 -0.62 -4.99 -13.12
C ARG A 711 0.11 -5.87 -12.13
N PHE A 712 -0.40 -5.88 -10.90
CA PHE A 712 0.21 -6.65 -9.81
C PHE A 712 0.02 -8.15 -9.98
N GLY A 713 -1.12 -8.54 -10.52
CA GLY A 713 -1.33 -9.94 -10.88
C GLY A 713 -0.24 -10.49 -11.79
N LEU A 714 0.11 -9.72 -12.82
CA LEU A 714 1.07 -10.18 -13.82
C LEU A 714 2.48 -10.23 -13.23
N LEU A 715 2.79 -9.22 -12.42
CA LEU A 715 4.09 -9.09 -11.77
C LEU A 715 4.33 -10.21 -10.79
N LEU A 716 3.29 -10.52 -10.02
CA LEU A 716 3.28 -11.64 -9.05
C LEU A 716 3.34 -13.02 -9.70
N GLU A 717 2.87 -13.12 -10.93
CA GLU A 717 3.12 -14.30 -11.73
C GLU A 717 4.63 -14.50 -11.96
N SER A 718 5.27 -13.47 -12.49
CA SER A 718 6.71 -13.49 -12.78
C SER A 718 7.53 -13.78 -11.54
N TYR A 719 7.25 -13.08 -10.44
CA TYR A 719 7.93 -13.35 -9.16
C TYR A 719 7.81 -14.83 -8.81
N CYS A 720 6.56 -15.29 -8.67
CA CYS A 720 6.24 -16.67 -8.26
C CYS A 720 6.85 -17.74 -9.19
N ARG A 721 6.90 -17.39 -10.47
CA ARG A 721 7.46 -18.27 -11.48
C ARG A 721 8.99 -18.46 -11.31
N ALA A 722 9.67 -17.39 -10.87
CA ALA A 722 11.13 -17.39 -10.78
C ALA A 722 11.73 -17.52 -9.36
N CYS A 723 10.92 -17.38 -8.31
CA CYS A 723 11.42 -17.35 -6.90
C CYS A 723 11.93 -18.68 -6.28
N GLY A 724 11.89 -19.77 -7.04
CA GLY A 724 12.49 -21.01 -6.57
C GLY A 724 11.58 -21.67 -5.58
N MET A 725 12.15 -22.20 -4.49
CA MET A 725 11.33 -22.94 -3.53
C MET A 725 10.41 -22.08 -2.69
N TYR A 726 10.67 -20.76 -2.64
CA TYR A 726 9.85 -19.89 -1.81
C TYR A 726 8.37 -19.89 -2.22
N LEU A 727 8.09 -20.22 -3.47
CA LEU A 727 6.70 -20.41 -3.89
C LEU A 727 5.96 -21.44 -3.03
N LYS A 728 6.67 -22.44 -2.54
CA LYS A 728 6.07 -23.43 -1.66
C LYS A 728 5.84 -22.87 -0.28
N HIS A 729 6.81 -22.12 0.22
CA HIS A 729 6.70 -21.46 1.52
C HIS A 729 5.62 -20.40 1.58
N LEU A 730 5.53 -19.60 0.52
CA LEU A 730 4.47 -18.62 0.38
C LEU A 730 3.12 -19.31 0.37
N ASN A 731 2.99 -20.42 -0.36
CA ASN A 731 1.68 -21.08 -0.43
C ASN A 731 1.21 -21.56 0.92
N ARG A 732 2.14 -22.03 1.74
CA ARG A 732 1.78 -22.48 3.08
C ARG A 732 1.38 -21.31 3.99
N GLN A 733 2.01 -20.16 3.80
CA GLN A 733 1.61 -18.94 4.49
C GLN A 733 0.26 -18.53 3.96
N VAL A 734 0.15 -18.46 2.64
CA VAL A 734 -1.08 -18.04 1.95
C VAL A 734 -2.29 -18.84 2.41
N GLU A 735 -2.13 -20.17 2.49
CA GLU A 735 -3.19 -21.08 2.94
C GLU A 735 -3.59 -20.84 4.39
N ALA A 736 -2.60 -20.54 5.22
CA ALA A 736 -2.80 -20.23 6.65
C ALA A 736 -3.63 -19.00 6.81
N MET A 737 -3.30 -17.96 6.06
CA MET A 737 -4.06 -16.70 6.12
C MET A 737 -5.52 -16.89 5.71
N GLU A 738 -5.76 -17.78 4.75
CA GLU A 738 -7.13 -18.04 4.30
C GLU A 738 -7.94 -18.76 5.33
N LYS A 739 -7.38 -19.77 5.99
CA LYS A 739 -8.09 -20.43 7.13
C LYS A 739 -8.60 -19.38 8.10
N LEU A 740 -7.71 -18.49 8.51
CA LEU A 740 -8.00 -17.41 9.49
C LEU A 740 -8.99 -16.37 8.99
N ILE A 741 -9.01 -16.16 7.68
CA ILE A 741 -9.98 -15.30 7.04
C ILE A 741 -11.36 -15.92 7.06
N ASN A 742 -11.45 -17.20 6.69
CA ASN A 742 -12.74 -17.87 6.76
C ASN A 742 -13.23 -17.98 8.17
N LEU A 743 -12.32 -18.25 9.10
CA LEU A 743 -12.68 -18.47 10.51
C LEU A 743 -13.26 -17.20 11.13
N THR A 744 -12.56 -16.09 10.94
CA THR A 744 -13.01 -14.82 11.50
C THR A 744 -14.22 -14.29 10.77
N ASP A 745 -14.35 -14.58 9.48
CA ASP A 745 -15.53 -14.13 8.74
C ASP A 745 -16.78 -14.77 9.34
N ILE A 746 -16.69 -16.03 9.79
CA ILE A 746 -17.80 -16.71 10.45
C ILE A 746 -18.03 -16.04 11.79
N LEU A 747 -17.02 -16.07 12.67
CA LEU A 747 -17.09 -15.41 14.00
C LEU A 747 -17.79 -14.04 13.98
N LYS A 748 -17.59 -13.28 12.91
CA LYS A 748 -18.15 -11.95 12.78
C LYS A 748 -19.60 -11.86 12.21
N GLN A 749 -20.23 -12.98 11.86
CA GLN A 749 -21.48 -12.93 11.11
C GLN A 749 -22.57 -13.85 11.63
N GLU A 750 -22.31 -15.15 11.65
CA GLU A 750 -23.25 -16.09 12.25
C GLU A 750 -23.12 -16.06 13.77
N LYS A 751 -21.88 -15.99 14.26
CA LYS A 751 -21.59 -16.17 15.70
C LYS A 751 -21.59 -14.87 16.55
N LYS A 752 -21.80 -13.70 15.93
CA LYS A 752 -22.10 -12.48 16.71
C LYS A 752 -23.44 -12.72 17.43
N ASP A 753 -23.67 -12.04 18.56
CA ASP A 753 -24.82 -12.32 19.45
C ASP A 753 -24.72 -13.74 20.05
N GLU A 754 -23.53 -14.09 20.53
CA GLU A 754 -23.29 -15.32 21.29
C GLU A 754 -22.21 -15.01 22.29
N THR A 755 -22.17 -15.74 23.41
CA THR A 755 -21.16 -15.46 24.46
C THR A 755 -19.78 -15.67 23.90
N GLN A 756 -18.80 -14.89 24.37
CA GLN A 756 -17.40 -15.23 24.13
C GLN A 756 -17.30 -16.74 24.32
N LYS A 757 -17.78 -17.23 25.47
CA LYS A 757 -17.77 -18.66 25.78
C LYS A 757 -18.20 -19.52 24.58
N VAL A 758 -19.31 -19.14 23.94
CA VAL A 758 -19.87 -19.84 22.76
C VAL A 758 -18.92 -19.82 21.55
N GLN A 759 -18.51 -18.61 21.16
CA GLN A 759 -17.56 -18.36 20.08
C GLN A 759 -16.25 -19.11 20.34
N MET A 760 -15.62 -18.87 21.49
CA MET A 760 -14.40 -19.60 21.91
C MET A 760 -14.54 -21.12 21.85
N LYS A 761 -15.70 -21.64 22.26
CA LYS A 761 -15.98 -23.07 22.10
C LYS A 761 -16.12 -23.47 20.63
N PHE A 762 -16.58 -22.56 19.78
CA PHE A 762 -16.58 -22.77 18.31
C PHE A 762 -15.21 -22.60 17.65
N LEU A 763 -14.37 -21.73 18.18
CA LEU A 763 -13.04 -21.47 17.60
C LEU A 763 -12.09 -22.61 17.93
N VAL A 764 -12.18 -23.16 19.13
CA VAL A 764 -11.32 -24.25 19.51
C VAL A 764 -11.80 -25.51 18.82
N GLU A 765 -13.13 -25.68 18.72
CA GLU A 765 -13.68 -26.79 17.95
C GLU A 765 -13.04 -26.85 16.57
N GLN A 766 -13.04 -25.68 15.92
CA GLN A 766 -12.57 -25.52 14.55
C GLN A 766 -11.10 -25.78 14.41
N MET A 767 -10.30 -25.15 15.25
CA MET A 767 -8.87 -25.23 15.10
C MET A 767 -8.33 -26.64 15.34
N ARG A 768 -9.07 -27.48 16.06
CA ARG A 768 -8.63 -28.87 16.22
C ARG A 768 -8.85 -29.73 14.99
N ARG A 769 -9.75 -29.34 14.11
CA ARG A 769 -9.98 -30.07 12.88
C ARG A 769 -8.66 -30.22 12.14
N PRO A 770 -8.43 -31.40 11.54
CA PRO A 770 -7.10 -31.69 11.01
C PRO A 770 -6.70 -30.83 9.80
N ASP A 771 -7.68 -30.38 9.02
CA ASP A 771 -7.42 -29.45 7.91
C ASP A 771 -6.82 -28.12 8.39
N PHE A 772 -7.23 -27.67 9.60
CA PHE A 772 -6.65 -26.48 10.24
C PHE A 772 -5.32 -26.77 10.82
N MET A 773 -5.24 -27.93 11.46
CA MET A 773 -4.02 -28.34 12.10
C MET A 773 -2.92 -28.46 11.06
N ASP A 774 -3.24 -29.04 9.90
CA ASP A 774 -2.32 -29.06 8.75
C ASP A 774 -1.89 -27.66 8.29
N ALA A 775 -2.91 -26.81 8.11
CA ALA A 775 -2.79 -25.51 7.43
C ALA A 775 -2.23 -24.39 8.28
N LEU A 776 -2.35 -24.52 9.61
CA LEU A 776 -1.91 -23.48 10.53
C LEU A 776 -0.71 -23.82 11.40
N GLN A 777 0.03 -24.90 11.10
CA GLN A 777 1.18 -25.24 11.97
C GLN A 777 2.59 -24.98 11.37
N GLY A 778 3.18 -25.89 10.63
CA GLY A 778 4.58 -25.69 10.23
C GLY A 778 4.60 -24.65 9.13
N PHE A 779 4.86 -23.39 9.47
CA PHE A 779 4.96 -22.33 8.43
C PHE A 779 5.66 -21.08 8.96
N LEU A 780 5.93 -20.13 8.06
CA LEU A 780 6.74 -18.95 8.38
C LEU A 780 5.94 -17.70 8.70
N SER A 781 6.25 -17.02 9.82
CA SER A 781 5.58 -15.74 10.16
C SER A 781 5.67 -14.87 8.96
N PRO A 782 4.52 -14.45 8.42
CA PRO A 782 4.62 -13.46 7.36
C PRO A 782 5.12 -12.11 7.87
N LEU A 783 4.95 -11.84 9.16
CA LEU A 783 5.55 -10.64 9.76
C LEU A 783 7.06 -10.65 9.66
N ASN A 784 7.65 -11.85 9.76
CA ASN A 784 9.08 -12.03 9.59
C ASN A 784 9.46 -13.49 9.30
N PRO A 785 9.73 -13.83 8.02
CA PRO A 785 9.85 -15.25 7.69
C PRO A 785 11.06 -15.94 8.34
N ALA A 786 11.90 -15.14 9.00
CA ALA A 786 12.99 -15.62 9.86
C ALA A 786 12.46 -16.45 10.98
N HIS A 787 11.36 -15.99 11.58
CA HIS A 787 10.72 -16.79 12.61
C HIS A 787 9.92 -17.86 11.90
N GLN A 788 9.95 -19.06 12.45
CA GLN A 788 9.09 -20.14 12.00
C GLN A 788 7.96 -20.29 12.98
N LEU A 789 6.97 -21.11 12.63
CA LEU A 789 5.76 -21.18 13.46
C LEU A 789 5.37 -22.55 14.00
N GLY A 790 5.60 -23.64 13.32
CA GLY A 790 5.45 -24.93 14.04
C GLY A 790 4.15 -25.15 14.81
N ASN A 791 4.18 -25.76 15.99
CA ASN A 791 2.92 -26.21 16.60
C ASN A 791 2.06 -25.11 17.19
N LEU A 792 0.74 -25.31 17.14
CA LEU A 792 -0.24 -24.33 17.60
C LEU A 792 -0.58 -24.65 19.05
N ARG A 793 -0.31 -23.72 19.95
CA ARG A 793 -0.67 -23.91 21.34
C ARG A 793 -2.07 -23.33 21.53
N LEU A 794 -3.10 -24.19 21.44
CA LEU A 794 -4.52 -23.79 21.45
C LEU A 794 -5.05 -23.23 22.77
N GLU A 795 -4.40 -23.55 23.87
CA GLU A 795 -4.88 -23.08 25.16
C GLU A 795 -4.42 -21.65 25.37
N GLU A 796 -3.36 -21.27 24.68
CA GLU A 796 -2.96 -19.87 24.67
C GLU A 796 -3.54 -19.11 23.47
N CYS A 797 -4.28 -19.81 22.60
CA CYS A 797 -5.06 -19.17 21.52
C CYS A 797 -6.43 -18.76 22.02
N ARG A 798 -6.83 -17.53 21.68
CA ARG A 798 -8.10 -16.98 22.10
C ARG A 798 -8.50 -15.74 21.30
N ILE A 799 -9.80 -15.44 21.30
CA ILE A 799 -10.37 -14.23 20.70
C ILE A 799 -10.29 -13.07 21.70
N MET A 800 -9.86 -11.92 21.24
CA MET A 800 -9.87 -10.76 22.12
C MET A 800 -11.31 -10.26 22.33
N SER A 801 -11.40 -9.33 23.27
CA SER A 801 -12.63 -8.65 23.60
C SER A 801 -13.17 -7.91 22.40
N SER A 802 -12.32 -7.13 21.73
CA SER A 802 -12.72 -6.31 20.57
C SER A 802 -13.77 -6.98 19.71
N ALA A 803 -14.73 -6.18 19.21
CA ALA A 803 -15.82 -6.70 18.36
C ALA A 803 -15.40 -6.90 16.91
N LYS A 804 -14.17 -6.50 16.60
CA LYS A 804 -13.47 -6.90 15.35
C LYS A 804 -13.09 -8.40 15.38
N ARG A 805 -13.19 -9.01 16.57
CA ARG A 805 -12.95 -10.43 16.75
C ARG A 805 -11.58 -10.82 16.24
N PRO A 806 -10.50 -10.16 16.78
CA PRO A 806 -9.12 -10.56 16.47
C PRO A 806 -8.69 -11.81 17.21
N LEU A 807 -7.92 -12.65 16.53
CA LEU A 807 -7.44 -13.87 17.09
C LEU A 807 -6.04 -13.58 17.59
N TRP A 808 -5.86 -13.86 18.87
CA TRP A 808 -4.56 -13.95 19.51
C TRP A 808 -4.14 -15.39 19.20
N LEU A 809 -3.19 -15.54 18.28
CA LEU A 809 -2.69 -16.85 17.89
C LEU A 809 -1.28 -17.03 18.45
N ASN A 810 -0.94 -18.26 18.81
CA ASN A 810 0.27 -18.58 19.56
C ASN A 810 0.92 -19.89 19.10
N TRP A 811 2.17 -19.78 18.68
CA TRP A 811 2.89 -20.86 18.07
C TRP A 811 4.14 -21.27 18.88
N GLU A 812 4.52 -22.55 18.78
CA GLU A 812 5.76 -23.06 19.36
C GLU A 812 6.88 -22.76 18.40
N ASN A 813 7.86 -21.98 18.83
CA ASN A 813 9.05 -21.75 18.01
C ASN A 813 9.81 -23.07 17.92
N PRO A 814 9.85 -23.69 16.74
CA PRO A 814 10.42 -25.02 16.68
C PRO A 814 11.94 -25.03 16.45
N ASP A 815 12.62 -23.91 16.67
CA ASP A 815 14.07 -23.85 16.50
C ASP A 815 14.78 -24.82 17.45
N ILE A 816 16.03 -25.16 17.12
CA ILE A 816 16.87 -26.05 17.93
C ILE A 816 17.14 -25.38 19.29
N MET A 817 17.36 -24.07 19.23
CA MET A 817 17.64 -23.22 20.39
C MET A 817 16.49 -22.24 20.65
N SEP A 818 15.26 -22.75 20.61
CA SEP A 818 14.06 -21.97 20.90
CB SEP A 818 12.80 -22.84 20.99
OG SEP A 818 13.06 -24.25 21.05
C SEP A 818 14.23 -21.27 22.20
O SEP A 818 14.10 -20.06 22.29
P SEP A 818 12.15 -25.39 21.80
O1P SEP A 818 11.38 -26.02 20.66
O2P SEP A 818 13.22 -26.28 22.38
O3P SEP A 818 11.31 -24.75 22.89
N GLU A 819 14.59 -22.05 23.19
CA GLU A 819 14.81 -21.60 24.56
C GLU A 819 15.73 -20.38 24.69
N LEU A 820 16.72 -20.25 23.83
CA LEU A 820 17.58 -19.06 23.86
C LEU A 820 16.92 -17.74 23.36
N LEU A 821 15.86 -17.80 22.54
CA LEU A 821 15.26 -16.59 21.93
C LEU A 821 13.82 -16.33 22.38
N PHE A 822 12.87 -17.13 21.91
CA PHE A 822 11.58 -17.19 22.59
C PHE A 822 11.06 -18.58 22.34
N GLN A 823 10.60 -19.24 23.39
CA GLN A 823 10.00 -20.58 23.27
C GLN A 823 8.63 -20.48 22.60
N ASN A 824 7.97 -19.33 22.74
CA ASN A 824 6.70 -19.08 22.10
C ASN A 824 6.68 -17.82 21.26
N ASN A 825 6.05 -17.95 20.10
CA ASN A 825 5.86 -16.91 19.11
C ASN A 825 4.36 -16.67 19.13
N GLU A 826 3.93 -15.42 19.10
CA GLU A 826 2.50 -15.13 19.19
C GLU A 826 2.21 -13.80 18.50
N ILE A 827 1.21 -13.78 17.62
CA ILE A 827 0.93 -12.63 16.75
C ILE A 827 -0.55 -12.56 16.43
N ILE A 828 -1.06 -11.34 16.21
CA ILE A 828 -2.51 -11.12 16.22
C ILE A 828 -3.05 -10.93 14.83
N PHE A 829 -4.06 -11.72 14.50
CA PHE A 829 -4.66 -11.70 13.17
C PHE A 829 -5.97 -10.93 13.26
N LYS A 830 -6.09 -9.78 12.60
CA LYS A 830 -7.25 -8.86 12.82
C LYS A 830 -8.11 -8.61 11.58
N ASN A 831 -9.19 -9.41 11.45
CA ASN A 831 -10.10 -9.21 10.34
C ASN A 831 -10.91 -7.96 10.55
N GLY A 832 -11.06 -7.20 9.47
CA GLY A 832 -11.94 -6.04 9.42
C GLY A 832 -11.37 -4.69 9.81
N ASP A 833 -10.11 -4.44 9.49
CA ASP A 833 -9.49 -3.16 9.84
C ASP A 833 -8.42 -2.82 8.88
N ASP A 834 -8.43 -1.60 8.33
CA ASP A 834 -7.48 -1.24 7.28
C ASP A 834 -6.12 -0.95 7.92
N LEU A 835 -5.22 -1.95 7.88
CA LEU A 835 -3.94 -1.83 8.57
C LEU A 835 -2.97 -0.80 7.95
N ARG A 836 -3.15 -0.41 6.70
CA ARG A 836 -2.06 0.27 6.00
C ARG A 836 -1.78 1.72 6.41
N GLN A 837 -2.72 2.36 7.08
CA GLN A 837 -2.41 3.63 7.69
C GLN A 837 -1.39 3.39 8.80
N ASP A 838 -1.76 2.56 9.77
CA ASP A 838 -0.86 2.09 10.83
C ASP A 838 0.48 1.63 10.25
N MET A 839 0.42 0.68 9.33
CA MET A 839 1.60 0.18 8.62
C MET A 839 2.62 1.29 8.24
N LEU A 840 2.08 2.37 7.65
CA LEU A 840 2.87 3.49 7.19
C LEU A 840 3.37 4.35 8.35
N THR A 841 2.51 4.72 9.29
CA THR A 841 2.96 5.50 10.45
C THR A 841 4.13 4.78 11.22
N LEU A 842 3.98 3.46 11.41
CA LEU A 842 5.00 2.66 12.04
C LEU A 842 6.29 2.75 11.27
N GLN A 843 6.24 2.43 9.98
CA GLN A 843 7.39 2.66 9.07
C GLN A 843 7.98 4.06 9.13
N ILE A 844 7.13 5.09 9.26
CA ILE A 844 7.63 6.47 9.37
C ILE A 844 8.41 6.64 10.69
N ILE A 845 7.79 6.18 11.79
CA ILE A 845 8.46 6.13 13.12
C ILE A 845 9.82 5.40 13.08
N ARG A 846 9.78 4.16 12.60
CA ARG A 846 10.99 3.35 12.34
C ARG A 846 12.09 4.15 11.65
N ILE A 847 11.70 5.03 10.73
CA ILE A 847 12.66 5.85 10.01
C ILE A 847 13.14 7.00 10.89
N MET A 848 12.23 7.69 11.59
CA MET A 848 12.60 8.81 12.50
C MET A 848 13.57 8.31 13.55
N GLU A 849 13.40 7.05 13.98
CA GLU A 849 14.28 6.44 14.94
C GLU A 849 15.66 6.37 14.29
N ASN A 850 15.78 5.65 13.18
CA ASN A 850 17.11 5.43 12.56
C ASN A 850 17.80 6.75 12.30
N ILE A 851 17.01 7.76 11.91
CA ILE A 851 17.50 9.13 11.72
C ILE A 851 18.10 9.67 13.00
N TRP A 852 17.33 9.63 14.07
CA TRP A 852 17.80 10.10 15.38
C TRP A 852 19.01 9.32 15.93
N GLN A 853 19.05 8.00 15.76
CA GLN A 853 20.04 7.19 16.47
C GLN A 853 21.43 7.25 15.82
N ASN A 854 21.46 7.48 14.50
CA ASN A 854 22.71 7.74 13.79
C ASN A 854 23.20 9.16 14.08
N GLN A 855 22.24 10.08 14.21
CA GLN A 855 22.46 11.44 14.79
C GLN A 855 23.08 11.50 16.21
N GLY A 856 23.13 10.34 16.90
CA GLY A 856 23.59 10.26 18.26
C GLY A 856 22.60 10.81 19.28
N LEU A 857 21.29 10.67 19.03
CA LEU A 857 20.24 10.98 20.03
C LEU A 857 19.41 9.71 20.27
N ASP A 858 19.80 8.92 21.28
CA ASP A 858 19.10 7.69 21.66
C ASP A 858 17.70 7.96 22.24
N LEU A 859 16.70 7.95 21.37
CA LEU A 859 15.28 7.94 21.77
C LEU A 859 14.77 6.60 21.27
N ARG A 860 14.17 5.79 22.13
CA ARG A 860 13.84 4.43 21.75
C ARG A 860 12.33 4.27 21.53
N MET A 861 12.00 4.24 20.24
CA MET A 861 10.67 3.99 19.77
C MET A 861 10.61 2.48 19.59
N LEU A 862 9.40 1.93 19.66
CA LEU A 862 9.19 0.50 19.41
C LEU A 862 8.16 0.41 18.29
N PRO A 863 8.64 0.53 17.05
CA PRO A 863 7.71 0.32 15.95
C PRO A 863 7.55 -1.18 15.77
N TYR A 864 6.55 -1.71 16.46
CA TYR A 864 6.14 -3.10 16.32
C TYR A 864 5.76 -3.45 14.86
N GLY A 865 5.72 -4.73 14.57
CA GLY A 865 5.35 -5.18 13.25
C GLY A 865 3.86 -5.08 13.02
N CYS A 866 3.50 -4.66 11.80
CA CYS A 866 2.14 -4.67 11.30
C CYS A 866 2.23 -5.07 9.84
N LEU A 867 1.42 -6.04 9.38
CA LEU A 867 1.37 -6.36 7.94
C LEU A 867 -0.03 -6.57 7.45
N SER A 868 -0.44 -5.79 6.44
CA SER A 868 -1.74 -5.97 5.75
C SER A 868 -1.57 -6.98 4.65
N ILE A 869 -2.37 -8.04 4.70
CA ILE A 869 -2.28 -9.18 3.76
C ILE A 869 -3.48 -9.22 2.83
N GLY A 870 -4.20 -8.11 2.73
CA GLY A 870 -5.48 -8.14 2.08
C GLY A 870 -6.34 -6.95 2.41
N ASP A 871 -7.63 -7.10 2.11
CA ASP A 871 -8.59 -6.01 2.22
C ASP A 871 -9.07 -5.96 3.64
N CYS A 872 -8.47 -5.06 4.39
CA CYS A 872 -8.72 -4.93 5.82
C CYS A 872 -8.54 -6.22 6.59
N VAL A 873 -7.41 -6.87 6.28
CA VAL A 873 -6.96 -8.10 6.92
C VAL A 873 -5.44 -7.98 7.11
N GLY A 874 -4.96 -8.36 8.29
CA GLY A 874 -3.55 -8.19 8.60
C GLY A 874 -3.08 -8.78 9.90
N LEU A 875 -1.79 -8.55 10.15
CA LEU A 875 -1.07 -9.13 11.25
C LEU A 875 -0.38 -8.05 12.05
N ILE A 876 -0.46 -8.17 13.37
CA ILE A 876 0.20 -7.25 14.27
C ILE A 876 1.00 -8.03 15.31
N GLU A 877 2.26 -7.61 15.47
CA GLU A 877 3.22 -8.26 16.34
C GLU A 877 2.76 -8.05 17.76
N VAL A 878 2.94 -9.07 18.60
CA VAL A 878 2.73 -8.93 20.04
C VAL A 878 4.06 -8.52 20.69
N VAL A 879 4.00 -7.44 21.43
CA VAL A 879 5.07 -7.06 22.32
C VAL A 879 4.74 -7.65 23.68
N ARG A 880 5.55 -8.61 24.15
CA ARG A 880 5.32 -9.25 25.45
C ARG A 880 5.69 -8.25 26.55
N ASN A 881 5.12 -8.48 27.73
CA ASN A 881 5.41 -7.65 28.90
C ASN A 881 5.12 -6.18 28.64
N SER A 882 3.90 -5.90 28.23
CA SER A 882 3.45 -4.54 28.05
C SER A 882 1.94 -4.41 28.24
N HIS A 883 1.54 -3.21 28.68
CA HIS A 883 0.18 -2.93 29.11
C HIS A 883 -0.20 -1.53 28.76
N THR A 884 -1.49 -1.36 28.45
CA THR A 884 -2.11 -0.06 28.44
C THR A 884 -2.04 0.56 29.82
N ILE A 885 -1.59 1.81 29.86
CA ILE A 885 -1.69 2.63 31.04
C ILE A 885 -2.95 2.26 31.82
N MET A 886 -4.07 2.10 31.11
CA MET A 886 -5.34 1.70 31.75
C MET A 886 -5.32 0.44 32.62
N GLN A 887 -4.69 -0.64 32.18
CA GLN A 887 -4.53 -1.83 33.07
C GLN A 887 -3.62 -1.53 34.28
N ILE A 888 -2.53 -0.81 34.05
CA ILE A 888 -1.69 -0.33 35.15
C ILE A 888 -2.55 0.37 36.22
N GLN A 889 -3.52 1.16 35.77
CA GLN A 889 -4.47 1.85 36.65
C GLN A 889 -5.64 1.01 37.15
N CYS A 890 -6.08 0.00 36.40
CA CYS A 890 -7.06 -1.00 36.92
C CYS A 890 -6.46 -1.97 37.93
N LYS A 891 -5.26 -2.47 37.64
CA LYS A 891 -4.55 -3.37 38.54
C LYS A 891 -4.12 -2.67 39.83
N GLY A 892 -3.55 -1.47 39.72
CA GLY A 892 -3.19 -0.62 40.88
C GLY A 892 -4.27 0.33 41.42
N GLY A 893 -5.54 0.03 41.12
CA GLY A 893 -6.65 0.91 41.48
C GLY A 893 -7.24 0.47 42.80
N LEU A 894 -7.40 1.43 43.71
CA LEU A 894 -7.85 1.16 45.09
C LEU A 894 -9.31 0.71 45.06
N LYS A 895 -9.66 -0.20 45.97
CA LYS A 895 -10.99 -0.85 46.03
C LYS A 895 -12.16 0.10 45.77
N GLY A 896 -12.16 1.25 46.45
CA GLY A 896 -13.21 2.28 46.33
C GLY A 896 -12.88 3.40 45.36
N ALA A 897 -13.90 4.16 45.00
CA ALA A 897 -13.82 5.25 44.00
C ALA A 897 -12.76 6.34 44.29
N PHE A 900 -8.70 6.79 40.15
CA PHE A 900 -7.35 6.23 40.22
C PHE A 900 -6.31 7.28 40.47
N ASN A 901 -5.18 6.79 40.96
CA ASN A 901 -4.13 7.61 41.50
C ASN A 901 -3.11 8.06 40.43
N SER A 902 -2.73 9.33 40.44
CA SER A 902 -1.76 9.88 39.47
C SER A 902 -0.38 9.20 39.54
N HIS A 903 0.00 8.76 40.73
CA HIS A 903 1.23 8.03 40.89
C HIS A 903 1.15 6.60 40.35
N THR A 904 -0.02 5.92 40.41
CA THR A 904 -0.07 4.45 40.14
C THR A 904 0.86 3.98 39.02
N LEU A 905 0.96 4.74 37.91
CA LEU A 905 1.95 4.41 36.87
C LEU A 905 3.34 4.33 37.47
N HIS A 906 3.78 5.45 38.03
CA HIS A 906 5.07 5.52 38.69
C HIS A 906 5.31 4.44 39.75
N GLN A 907 4.27 4.09 40.50
CA GLN A 907 4.36 3.05 41.55
C GLN A 907 4.45 1.66 40.93
N TRP A 908 3.67 1.43 39.87
CA TRP A 908 3.76 0.19 39.07
C TRP A 908 5.12 -0.03 38.41
N LEU A 909 5.78 1.07 38.06
CA LEU A 909 7.10 1.02 37.42
C LEU A 909 8.23 0.78 38.43
N LYS A 910 8.19 1.49 39.56
CA LYS A 910 9.07 1.18 40.72
C LYS A 910 8.98 -0.28 41.14
N ASP A 911 7.75 -0.77 41.16
CA ASP A 911 7.43 -2.16 41.50
C ASP A 911 8.29 -3.13 40.69
N LYS A 912 8.42 -2.86 39.38
CA LYS A 912 9.22 -3.70 38.47
C LYS A 912 10.70 -3.44 38.65
N ASN A 913 11.11 -2.21 38.35
CA ASN A 913 12.52 -1.84 38.34
C ASN A 913 12.97 -1.27 39.70
N LYS A 914 13.76 -2.07 40.43
CA LYS A 914 14.19 -1.74 41.80
C LYS A 914 15.70 -1.75 41.87
N GLY A 915 16.30 -0.76 42.52
CA GLY A 915 17.77 -0.67 42.59
C GLY A 915 18.28 0.43 41.67
N GLU A 916 19.44 0.20 41.06
CA GLU A 916 19.94 1.14 40.01
C GLU A 916 19.29 0.80 38.65
N ILE A 917 18.51 -0.27 38.67
CA ILE A 917 17.63 -0.64 37.58
C ILE A 917 16.54 0.44 37.41
N TYR A 918 15.87 0.84 38.49
CA TYR A 918 14.96 2.01 38.50
C TYR A 918 15.53 3.27 37.79
N ASP A 919 16.70 3.73 38.21
CA ASP A 919 17.35 4.91 37.59
C ASP A 919 17.42 4.87 36.05
N ALA A 920 17.76 3.69 35.53
CA ALA A 920 17.94 3.48 34.10
C ALA A 920 16.64 3.19 33.39
N ALA A 921 15.63 2.69 34.13
CA ALA A 921 14.27 2.46 33.60
C ALA A 921 13.49 3.74 33.40
N ILE A 922 13.75 4.74 34.25
CA ILE A 922 13.22 6.09 34.04
C ILE A 922 13.90 6.78 32.85
N ASP A 923 15.20 6.57 32.71
CA ASP A 923 15.93 7.04 31.53
C ASP A 923 15.30 6.51 30.25
N LEU A 924 14.84 5.27 30.26
CA LEU A 924 14.19 4.64 29.10
C LEU A 924 12.81 5.21 28.78
N PHE A 925 11.99 5.28 29.82
CA PHE A 925 10.69 5.95 29.76
C PHE A 925 10.85 7.39 29.31
N THR A 926 11.88 8.09 29.79
CA THR A 926 12.09 9.49 29.44
C THR A 926 12.62 9.58 28.00
N ARG A 927 13.47 8.64 27.62
CA ARG A 927 13.99 8.62 26.26
C ARG A 927 12.92 8.28 25.21
N SER A 928 12.10 7.26 25.48
CA SER A 928 11.04 6.89 24.56
C SER A 928 9.97 7.98 24.54
N CYS A 929 9.48 8.33 25.71
CA CYS A 929 8.43 9.35 25.87
C CYS A 929 8.73 10.70 25.23
N ALA A 930 10.01 11.03 25.10
CA ALA A 930 10.40 12.26 24.40
C ALA A 930 10.16 12.10 22.91
N GLY A 931 10.76 11.07 22.33
CA GLY A 931 10.68 10.80 20.89
C GLY A 931 9.25 10.61 20.43
N TYR A 932 8.50 9.81 21.17
CA TYR A 932 7.09 9.52 20.83
C TYR A 932 6.23 10.78 20.87
N CYS A 933 6.64 11.76 21.68
CA CYS A 933 5.97 13.08 21.72
C CYS A 933 6.11 13.81 20.39
N VAL A 934 7.33 13.80 19.84
CA VAL A 934 7.69 14.51 18.59
C VAL A 934 7.09 13.84 17.35
N ALA A 935 7.35 12.55 17.18
CA ALA A 935 6.78 11.78 16.05
C ALA A 935 5.29 12.00 15.99
N THR A 936 4.63 11.81 17.12
CA THR A 936 3.21 12.02 17.24
C THR A 936 2.80 13.44 16.83
N PHE A 937 3.43 14.46 17.42
CA PHE A 937 3.13 15.85 17.06
C PHE A 937 3.31 16.15 15.56
N ILE A 938 4.51 15.85 15.06
CA ILE A 938 4.85 15.99 13.62
C ILE A 938 3.89 15.30 12.64
N LEU A 939 3.65 14.01 12.83
CA LEU A 939 2.64 13.27 12.04
C LEU A 939 1.21 13.71 12.29
N GLY A 940 0.89 14.07 13.52
CA GLY A 940 -0.46 14.49 13.85
C GLY A 940 -1.41 13.31 13.89
N ILE A 941 -0.90 12.18 14.39
CA ILE A 941 -1.68 10.94 14.56
C ILE A 941 -2.83 11.19 15.54
N GLY A 942 -3.63 10.17 15.83
CA GLY A 942 -4.82 10.37 16.63
C GLY A 942 -4.57 10.86 18.04
N ASP A 943 -5.59 11.47 18.64
CA ASP A 943 -5.55 11.85 20.04
C ASP A 943 -5.19 10.61 20.89
N ARG A 944 -4.16 10.72 21.72
CA ARG A 944 -3.72 9.63 22.63
C ARG A 944 -4.45 9.64 23.98
N HIS A 945 -4.56 8.47 24.62
CA HIS A 945 -5.13 8.33 25.97
C HIS A 945 -4.78 6.96 26.61
N ASN A 946 -5.26 6.69 27.83
CA ASN A 946 -4.93 5.46 28.59
C ASN A 946 -4.95 4.13 27.84
N SER A 947 -5.93 3.93 26.96
CA SER A 947 -6.13 2.64 26.28
C SER A 947 -5.42 2.51 24.91
N ASN A 948 -4.65 3.52 24.51
CA ASN A 948 -3.73 3.36 23.37
C ASN A 948 -2.28 3.76 23.67
N ILE A 949 -1.91 3.86 24.94
CA ILE A 949 -0.52 4.16 25.31
C ILE A 949 -0.07 2.95 26.11
N MET A 950 1.10 2.42 25.75
CA MET A 950 1.64 1.23 26.36
C MET A 950 3.03 1.41 27.03
N VAL A 951 3.14 0.84 28.23
CA VAL A 951 4.38 0.86 28.99
C VAL A 951 4.80 -0.58 29.28
N LYS A 952 6.11 -0.83 29.13
CA LYS A 952 6.73 -2.12 29.36
C LYS A 952 7.35 -2.20 30.75
N ASP A 953 7.57 -3.42 31.21
CA ASP A 953 8.19 -3.71 32.52
C ASP A 953 9.50 -2.98 32.71
N ASP A 954 10.40 -3.12 31.72
CA ASP A 954 11.69 -2.43 31.74
C ASP A 954 11.59 -0.91 31.62
N GLY A 955 10.41 -0.39 31.25
CA GLY A 955 10.06 1.04 31.37
C GLY A 955 9.93 1.84 30.07
N GLN A 956 9.95 1.14 28.93
CA GLN A 956 9.79 1.78 27.63
C GLN A 956 8.33 2.06 27.41
N LEU A 957 8.09 3.22 26.80
CA LEU A 957 6.76 3.62 26.40
C LEU A 957 6.68 3.60 24.88
N PHE A 958 5.48 3.33 24.38
CA PHE A 958 5.22 3.28 22.95
C PHE A 958 3.73 3.37 22.72
N HIS A 959 3.34 3.79 21.52
CA HIS A 959 1.94 4.04 21.19
C HIS A 959 1.43 2.92 20.27
N ILE A 960 0.13 2.64 20.36
CA ILE A 960 -0.56 1.66 19.51
C ILE A 960 -1.87 2.25 18.98
N ASP A 961 -2.37 1.70 17.88
CA ASP A 961 -3.63 2.15 17.23
C ASP A 961 -3.60 3.66 16.94
N PHE A 962 -2.87 4.04 15.90
CA PHE A 962 -2.64 5.44 15.58
C PHE A 962 -3.82 6.11 14.86
N GLY A 963 -4.71 5.29 14.27
CA GLY A 963 -5.80 5.75 13.40
C GLY A 963 -5.35 6.73 12.32
N HIS A 964 -6.09 7.83 12.20
CA HIS A 964 -5.95 8.77 11.09
C HIS A 964 -4.69 9.57 11.25
N PHE A 965 -3.76 9.50 10.30
CA PHE A 965 -2.38 9.97 10.58
C PHE A 965 -2.10 11.42 10.30
N LEU A 966 -2.58 11.99 9.20
CA LEU A 966 -2.17 13.37 8.87
C LEU A 966 -3.13 14.44 9.35
N ASP A 967 -3.96 14.08 10.33
CA ASP A 967 -4.95 14.96 10.96
C ASP A 967 -6.18 14.98 10.09
N HIS A 968 -6.83 13.83 10.01
CA HIS A 968 -7.93 13.59 9.08
C HIS A 968 -9.31 13.91 9.68
N LYS A 969 -9.35 14.28 10.96
CA LYS A 969 -10.55 14.85 11.56
C LYS A 969 -10.64 16.38 11.43
N LYS A 970 -9.63 17.05 10.87
CA LYS A 970 -9.71 18.50 10.59
C LYS A 970 -10.51 18.84 9.31
N LYS A 971 -10.87 17.82 8.53
CA LYS A 971 -11.74 17.99 7.35
C LYS A 971 -13.19 18.40 7.72
N LYS A 972 -13.59 18.20 8.99
CA LYS A 972 -14.85 18.71 9.53
C LYS A 972 -14.64 20.06 10.22
N LYS A 976 -6.67 25.33 10.91
CA LYS A 976 -5.29 25.50 11.33
C LYS A 976 -5.20 25.17 12.82
N ARG A 977 -5.49 23.91 13.12
CA ARG A 977 -5.50 23.37 14.49
C ARG A 977 -4.09 23.14 15.01
N GLU A 978 -3.17 22.74 14.13
CA GLU A 978 -1.81 22.30 14.49
C GLU A 978 -1.82 21.61 15.84
N ARG A 979 -2.52 20.48 15.88
CA ARG A 979 -2.83 19.79 17.11
C ARG A 979 -1.58 19.16 17.81
N VAL A 980 -1.62 19.09 19.15
CA VAL A 980 -0.69 18.24 19.94
C VAL A 980 -1.47 17.01 20.44
N PRO A 981 -1.17 15.81 19.86
CA PRO A 981 -1.93 14.59 20.21
C PRO A 981 -1.40 13.82 21.40
N PHE A 982 -0.08 13.89 21.66
CA PHE A 982 0.45 13.31 22.88
C PHE A 982 0.61 14.46 23.85
N VAL A 983 -0.25 14.46 24.86
CA VAL A 983 -0.26 15.49 25.87
C VAL A 983 0.03 14.79 27.19
N LEU A 984 1.11 15.23 27.82
CA LEU A 984 1.74 14.53 28.92
C LEU A 984 1.06 14.88 30.21
N THR A 985 0.17 14.00 30.68
CA THR A 985 -0.51 14.21 31.96
C THR A 985 0.49 14.18 33.14
N GLN A 986 -0.04 14.49 34.32
CA GLN A 986 0.71 14.33 35.57
C GLN A 986 1.40 12.97 35.59
N ASP A 987 0.61 11.90 35.43
CA ASP A 987 1.13 10.54 35.39
C ASP A 987 2.56 10.48 34.89
N PHE A 988 2.74 10.95 33.66
CA PHE A 988 3.99 10.77 32.93
C PHE A 988 5.06 11.63 33.56
N LEU A 989 4.69 12.87 33.84
CA LEU A 989 5.63 13.88 34.34
C LEU A 989 6.25 13.49 35.67
N ILE A 990 5.42 12.96 36.58
CA ILE A 990 5.86 12.36 37.84
C ILE A 990 7.02 11.41 37.60
N VAL A 991 6.76 10.44 36.72
CA VAL A 991 7.67 9.36 36.38
C VAL A 991 8.94 9.90 35.73
N ILE A 992 8.77 10.88 34.84
CA ILE A 992 9.92 11.59 34.23
C ILE A 992 10.84 12.19 35.29
N SER A 993 10.27 12.83 36.32
CA SER A 993 11.06 13.46 37.39
C SER A 993 11.05 12.67 38.71
N LYS A 994 11.45 11.40 38.58
CA LYS A 994 11.50 10.44 39.68
C LYS A 994 10.23 10.40 40.51
N GLY A 995 10.15 11.15 41.61
CA GLY A 995 8.91 11.20 42.39
C GLY A 995 8.41 12.58 42.75
N ALA A 996 9.04 13.63 42.21
CA ALA A 996 8.91 15.00 42.75
C ALA A 996 7.49 15.56 42.68
N GLN A 997 7.30 16.71 43.32
CA GLN A 997 6.10 17.52 43.14
C GLN A 997 6.52 18.85 42.55
N GLU A 998 5.63 19.42 41.74
CA GLU A 998 5.99 20.47 40.78
C GLU A 998 7.19 19.99 39.93
N CYS A 999 6.86 18.96 39.15
CA CYS A 999 7.73 18.33 38.20
C CYS A 999 8.22 19.34 37.19
N THR A 1000 7.28 20.15 36.69
CA THR A 1000 7.57 21.29 35.81
C THR A 1000 8.94 21.92 36.03
N LYS A 1001 9.41 21.94 37.29
CA LYS A 1001 10.59 22.69 37.70
C LYS A 1001 11.77 21.83 38.20
N THR A 1002 11.97 20.64 37.61
CA THR A 1002 13.14 19.79 37.93
C THR A 1002 14.22 19.88 36.84
N ARG A 1003 15.39 19.25 37.03
CA ARG A 1003 16.36 19.09 35.93
C ARG A 1003 15.92 17.92 35.06
N GLU A 1004 15.55 16.82 35.73
CA GLU A 1004 14.88 15.67 35.10
C GLU A 1004 14.07 16.05 33.85
N PHE A 1005 13.19 17.04 34.03
CA PHE A 1005 12.30 17.59 33.00
C PHE A 1005 12.98 18.59 32.06
N GLU A 1006 13.93 19.38 32.56
CA GLU A 1006 14.79 20.20 31.71
C GLU A 1006 15.50 19.31 30.68
N ARG A 1007 15.99 18.15 31.13
CA ARG A 1007 16.66 17.19 30.23
C ARG A 1007 15.73 16.68 29.14
N PHE A 1008 14.57 16.17 29.57
CA PHE A 1008 13.47 15.71 28.70
C PHE A 1008 13.14 16.71 27.61
N GLN A 1009 12.94 17.96 28.01
CA GLN A 1009 12.64 19.04 27.06
C GLN A 1009 13.74 19.15 26.02
N GLU A 1010 14.99 19.11 26.45
CA GLU A 1010 16.08 19.23 25.51
C GLU A 1010 16.12 18.08 24.52
N MET A 1011 15.70 16.89 24.95
CA MET A 1011 15.55 15.73 24.04
C MET A 1011 14.53 16.07 22.95
N CYS A 1012 13.30 16.41 23.35
CA CYS A 1012 12.24 16.83 22.42
C CYS A 1012 12.69 17.87 21.39
N TYR A 1013 13.41 18.92 21.82
CA TYR A 1013 13.85 20.00 20.91
C TYR A 1013 14.88 19.52 19.88
N LYS A 1014 15.75 18.61 20.31
CA LYS A 1014 16.83 18.13 19.46
C LYS A 1014 16.27 17.13 18.47
N ALA A 1015 15.37 16.26 18.95
CA ALA A 1015 14.62 15.36 18.07
C ALA A 1015 13.84 16.10 16.98
N TYR A 1016 13.02 17.08 17.37
CA TYR A 1016 12.21 17.90 16.44
C TYR A 1016 13.02 18.55 15.29
N LEU A 1017 14.14 19.20 15.60
CA LEU A 1017 15.00 19.76 14.55
C LEU A 1017 15.71 18.71 13.71
N ALA A 1018 16.00 17.56 14.32
CA ALA A 1018 16.57 16.42 13.58
C ALA A 1018 15.69 16.04 12.39
N ILE A 1019 14.40 15.88 12.68
CA ILE A 1019 13.39 15.49 11.68
C ILE A 1019 13.11 16.62 10.69
N ARG A 1020 13.12 17.86 11.18
CA ARG A 1020 13.01 19.03 10.32
C ARG A 1020 14.12 19.15 9.25
N GLN A 1021 15.32 18.68 9.57
CA GLN A 1021 16.38 18.66 8.56
C GLN A 1021 16.29 17.48 7.57
N HIS A 1022 15.46 16.47 7.86
CA HIS A 1022 15.19 15.38 6.93
C HIS A 1022 13.75 15.40 6.39
N ALA A 1023 13.13 16.58 6.36
CA ALA A 1023 11.70 16.67 6.05
C ALA A 1023 11.42 16.44 4.57
N ASN A 1024 12.43 16.64 3.72
CA ASN A 1024 12.28 16.31 2.30
C ASN A 1024 11.87 14.87 2.14
N LEU A 1025 12.54 13.99 2.89
CA LEU A 1025 12.23 12.56 2.88
C LEU A 1025 10.82 12.26 3.33
N PHE A 1026 10.45 12.77 4.48
CA PHE A 1026 9.13 12.46 5.00
C PHE A 1026 8.00 12.95 4.10
N ILE A 1027 8.17 14.12 3.49
CA ILE A 1027 7.25 14.61 2.44
C ILE A 1027 7.22 13.56 1.33
N ASN A 1028 8.39 13.25 0.78
CA ASN A 1028 8.54 12.34 -0.38
C ASN A 1028 7.94 10.98 -0.16
N LEU A 1029 8.13 10.41 1.02
CA LEU A 1029 7.52 9.12 1.34
C LEU A 1029 6.02 9.27 1.27
N PHE A 1030 5.49 10.29 1.93
CA PHE A 1030 4.05 10.55 1.94
C PHE A 1030 3.49 10.82 0.55
N SER A 1031 4.24 11.55 -0.28
CA SER A 1031 3.89 11.73 -1.69
C SER A 1031 3.76 10.40 -2.42
N MET A 1032 4.78 9.56 -2.27
CA MET A 1032 4.81 8.27 -2.94
C MET A 1032 3.62 7.36 -2.57
N MET A 1033 2.97 7.66 -1.44
CA MET A 1033 1.86 6.86 -0.91
C MET A 1033 0.46 7.26 -1.39
N LEU A 1034 0.38 8.33 -2.16
CA LEU A 1034 -0.90 8.81 -2.66
C LEU A 1034 -1.54 7.72 -3.55
N GLY A 1035 -0.68 6.88 -4.14
CA GLY A 1035 -1.08 5.73 -4.93
C GLY A 1035 -2.14 4.86 -4.28
N SER A 1036 -1.91 4.41 -3.06
CA SER A 1036 -2.90 3.60 -2.32
C SER A 1036 -4.12 4.45 -2.04
N GLY A 1037 -5.27 3.84 -2.14
CA GLY A 1037 -6.52 4.54 -1.91
C GLY A 1037 -6.81 4.77 -0.44
N MET A 1038 -5.79 5.17 0.32
CA MET A 1038 -5.99 5.58 1.69
C MET A 1038 -6.69 6.93 1.59
N PRO A 1039 -7.81 7.09 2.32
CA PRO A 1039 -8.47 8.37 2.27
C PRO A 1039 -7.64 9.51 2.88
N GLU A 1040 -6.74 9.19 3.81
CA GLU A 1040 -5.89 10.21 4.45
C GLU A 1040 -4.87 10.82 3.47
N LEU A 1041 -4.58 10.08 2.39
CA LEU A 1041 -3.69 10.52 1.32
C LEU A 1041 -4.41 10.47 -0.02
N GLN A 1042 -5.20 11.51 -0.31
CA GLN A 1042 -5.84 11.67 -1.61
C GLN A 1042 -5.13 12.67 -2.51
N SER A 1043 -4.68 13.80 -1.97
CA SER A 1043 -3.77 14.69 -2.71
C SER A 1043 -2.91 15.56 -1.80
N PHE A 1044 -1.93 16.22 -2.41
CA PHE A 1044 -0.78 16.83 -1.72
C PHE A 1044 -1.07 17.76 -0.53
N ASP A 1045 -2.13 18.54 -0.59
CA ASP A 1045 -2.48 19.37 0.56
C ASP A 1045 -2.78 18.53 1.84
N ASP A 1046 -3.13 17.24 1.68
CA ASP A 1046 -3.21 16.33 2.83
C ASP A 1046 -1.85 16.30 3.52
N ILE A 1047 -0.82 16.15 2.69
CA ILE A 1047 0.59 16.08 3.11
C ILE A 1047 1.04 17.41 3.66
N ALA A 1048 0.53 18.49 3.11
CA ALA A 1048 0.97 19.81 3.53
C ALA A 1048 0.86 20.04 5.04
N TYR A 1049 -0.05 19.36 5.74
CA TYR A 1049 -0.05 19.36 7.22
C TYR A 1049 1.36 19.18 7.80
N ILE A 1050 2.14 18.25 7.24
CA ILE A 1050 3.51 17.99 7.72
C ILE A 1050 4.53 19.10 7.37
N ARG A 1051 4.08 20.20 6.77
CA ARG A 1051 4.90 21.39 6.64
C ARG A 1051 4.73 22.23 7.87
N LYS A 1052 3.47 22.57 8.17
CA LYS A 1052 3.11 23.44 9.29
C LYS A 1052 3.73 22.89 10.55
N THR A 1053 3.44 21.62 10.79
CA THR A 1053 3.84 20.90 11.98
C THR A 1053 5.37 20.93 12.14
N LEU A 1054 6.12 20.85 11.04
CA LEU A 1054 7.57 21.02 11.06
C LEU A 1054 8.01 22.47 10.87
N ALA A 1055 7.09 23.35 10.48
CA ALA A 1055 7.37 24.78 10.29
C ALA A 1055 8.59 24.97 9.39
N LEU A 1056 8.37 24.67 8.12
CA LEU A 1056 9.42 24.67 7.08
C LEU A 1056 9.47 26.03 6.35
N ASP A 1057 8.33 26.75 6.31
CA ASP A 1057 8.28 28.12 5.78
C ASP A 1057 9.07 29.12 6.67
N LYS A 1058 9.32 28.74 7.93
CA LYS A 1058 10.06 29.58 8.91
C LYS A 1058 11.56 29.26 8.88
N THR A 1059 12.33 29.83 9.82
CA THR A 1059 13.72 29.39 10.07
C THR A 1059 13.73 28.63 11.37
N GLU A 1060 14.77 27.81 11.53
CA GLU A 1060 14.82 26.83 12.61
C GLU A 1060 14.68 27.41 14.01
N GLN A 1061 15.18 28.63 14.20
CA GLN A 1061 15.07 29.30 15.50
C GLN A 1061 13.60 29.65 15.84
N GLU A 1062 12.81 29.99 14.81
CA GLU A 1062 11.38 30.16 14.98
C GLU A 1062 10.69 28.81 15.04
N ALA A 1063 11.17 27.85 14.24
CA ALA A 1063 10.67 26.48 14.29
C ALA A 1063 10.62 26.03 15.74
N LEU A 1064 11.79 26.08 16.39
CA LEU A 1064 11.91 25.72 17.81
C LEU A 1064 10.85 26.40 18.63
N GLU A 1065 10.83 27.72 18.55
CA GLU A 1065 9.90 28.55 19.34
C GLU A 1065 8.46 28.18 19.03
N TYR A 1066 8.17 27.87 17.74
CA TYR A 1066 6.84 27.38 17.31
C TYR A 1066 6.49 26.07 17.99
N PHE A 1067 7.45 25.15 18.01
CA PHE A 1067 7.24 23.87 18.67
C PHE A 1067 7.02 24.06 20.16
N MET A 1068 7.88 24.88 20.79
CA MET A 1068 7.78 25.21 22.22
C MET A 1068 6.44 25.88 22.51
N LYS A 1069 6.07 26.85 21.68
CA LYS A 1069 4.73 27.44 21.77
C LYS A 1069 3.68 26.35 21.71
N GLN A 1070 3.77 25.53 20.67
CA GLN A 1070 2.79 24.50 20.43
C GLN A 1070 2.64 23.63 21.68
N MET A 1071 3.77 23.07 22.15
CA MET A 1071 3.78 22.19 23.33
C MET A 1071 3.32 22.85 24.64
N ASN A 1072 3.56 24.15 24.78
CA ASN A 1072 3.26 24.86 26.02
C ASN A 1072 1.76 24.96 26.32
N ASP A 1073 0.98 25.33 25.31
CA ASP A 1073 -0.46 25.49 25.48
C ASP A 1073 -1.25 24.23 25.77
N ALA A 1074 -0.73 23.09 25.31
CA ALA A 1074 -1.38 21.82 25.52
C ALA A 1074 -1.19 21.37 26.97
N HIS A 1075 -0.02 21.69 27.54
CA HIS A 1075 0.34 21.30 28.90
C HIS A 1075 -0.07 22.29 30.02
N HIS A 1076 -0.44 23.51 29.64
CA HIS A 1076 -0.80 24.62 30.57
C HIS A 1076 0.39 25.16 31.40
N GLY A 1077 1.56 25.25 30.75
CA GLY A 1077 2.78 25.81 31.35
C GLY A 1077 3.99 24.88 31.33
N GLY A 1078 5.16 25.44 31.03
CA GLY A 1078 6.44 24.71 31.12
C GLY A 1078 7.59 25.16 30.22
N TRP A 1079 7.29 25.67 29.02
CA TRP A 1079 8.22 25.63 27.86
C TRP A 1079 8.70 26.98 27.24
N THR A 1080 9.90 27.44 27.63
CA THR A 1080 10.60 28.60 27.00
C THR A 1080 12.12 28.37 27.03
N THR A 1081 12.90 29.26 26.39
CA THR A 1081 14.39 29.24 26.40
C THR A 1081 14.98 27.84 26.08
N SER B 6 -6.71 50.21 2.54
CA SER B 6 -7.00 49.87 1.10
C SER B 6 -5.90 49.05 0.41
N LEU B 7 -4.63 49.26 0.77
CA LEU B 7 -3.52 48.40 0.32
C LEU B 7 -3.35 47.19 1.26
N GLN B 8 -3.59 47.42 2.54
CA GLN B 8 -3.69 46.36 3.55
C GLN B 8 -4.98 45.56 3.31
N ASP B 9 -6.10 46.28 3.19
CA ASP B 9 -7.42 45.66 2.93
C ASP B 9 -7.42 45.05 1.51
N ALA B 10 -7.61 45.86 0.47
CA ALA B 10 -7.50 45.43 -0.92
C ALA B 10 -8.35 44.23 -1.38
N GLU B 11 -9.33 43.80 -0.57
CA GLU B 11 -10.17 42.61 -0.84
C GLU B 11 -9.41 41.28 -0.98
N TRP B 12 -8.60 41.18 -2.04
CA TRP B 12 -7.85 39.95 -2.34
C TRP B 12 -6.61 39.69 -1.47
N TYR B 13 -6.10 40.71 -0.77
CA TYR B 13 -4.74 40.65 -0.17
C TYR B 13 -4.49 39.47 0.79
N ARG B 19 0.68 30.03 2.19
CA ARG B 19 0.72 28.99 1.16
C ARG B 19 -0.40 28.00 1.33
N GLU B 20 -0.48 27.44 2.53
CA GLU B 20 -1.32 26.27 2.75
C GLU B 20 -2.79 26.66 2.56
N GLU B 21 -3.22 27.65 3.34
CA GLU B 21 -4.62 28.08 3.30
C GLU B 21 -4.97 29.03 2.14
N VAL B 22 -4.00 29.33 1.26
CA VAL B 22 -4.29 29.92 -0.08
C VAL B 22 -4.83 28.88 -1.07
N ASN B 23 -4.24 27.67 -1.05
CA ASN B 23 -4.70 26.54 -1.88
C ASN B 23 -6.15 26.15 -1.57
N GLU B 24 -6.51 26.17 -0.28
CA GLU B 24 -7.85 25.79 0.17
C GLU B 24 -8.90 26.88 -0.07
N LYS B 25 -8.45 28.08 -0.46
CA LYS B 25 -9.31 29.15 -0.96
C LYS B 25 -9.30 29.26 -2.49
N LEU B 26 -8.19 28.85 -3.12
CA LEU B 26 -8.16 28.58 -4.57
C LEU B 26 -8.75 27.22 -4.96
N ARG B 27 -8.89 26.29 -4.01
CA ARG B 27 -9.45 24.95 -4.27
C ARG B 27 -10.85 25.06 -4.86
N ASP B 28 -11.07 24.42 -6.01
CA ASP B 28 -12.35 24.46 -6.72
C ASP B 28 -12.76 25.91 -7.03
N THR B 29 -11.94 26.57 -7.87
CA THR B 29 -12.32 27.85 -8.51
C THR B 29 -11.92 27.82 -9.99
N ALA B 30 -12.44 28.79 -10.77
CA ALA B 30 -12.37 28.74 -12.23
C ALA B 30 -10.97 29.07 -12.80
N ASP B 31 -10.88 29.05 -14.13
CA ASP B 31 -9.65 29.31 -14.88
C ASP B 31 -9.50 30.85 -15.04
N GLY B 32 -8.95 31.50 -14.01
CA GLY B 32 -8.93 32.97 -13.93
C GLY B 32 -8.83 33.57 -12.52
N THR B 33 -9.33 32.85 -11.52
CA THR B 33 -9.32 33.29 -10.11
C THR B 33 -7.94 33.54 -9.51
N PHE B 34 -7.82 34.58 -8.67
CA PHE B 34 -6.53 34.95 -8.05
C PHE B 34 -6.62 35.55 -6.63
N LEU B 35 -5.44 35.76 -6.06
CA LEU B 35 -5.23 36.48 -4.79
C LEU B 35 -3.73 36.84 -4.62
N VAL B 36 -3.37 37.60 -3.57
CA VAL B 36 -1.97 38.03 -3.32
C VAL B 36 -1.54 37.79 -1.86
N ARG B 37 -0.33 37.24 -1.67
CA ARG B 37 0.16 36.71 -0.39
C ARG B 37 1.49 37.30 0.11
N THR B 41 9.41 33.23 4.37
CA THR B 41 10.67 33.97 4.23
C THR B 41 10.43 35.28 3.42
N LYS B 42 10.63 36.40 4.10
CA LYS B 42 10.72 37.71 3.44
C LYS B 42 12.05 37.79 2.67
N MET B 43 13.13 37.30 3.31
CA MET B 43 14.48 37.23 2.70
C MET B 43 14.53 36.13 1.62
N HIS B 44 13.83 36.42 0.52
CA HIS B 44 13.48 35.43 -0.50
C HIS B 44 12.97 36.20 -1.74
N GLY B 45 11.99 37.08 -1.54
CA GLY B 45 11.55 38.05 -2.55
C GLY B 45 11.30 39.43 -1.96
N TYR B 47 5.61 39.93 -1.91
CA TYR B 47 4.26 39.41 -2.12
C TYR B 47 4.21 38.44 -3.30
N THR B 48 3.27 37.49 -3.24
CA THR B 48 3.13 36.40 -4.24
C THR B 48 1.72 36.28 -4.86
N LEU B 49 1.59 36.73 -6.12
CA LEU B 49 0.33 36.57 -6.88
C LEU B 49 0.09 35.07 -7.11
N THR B 50 -1.10 34.57 -6.74
CA THR B 50 -1.45 33.13 -6.89
C THR B 50 -2.69 32.90 -7.79
N LEU B 51 -2.47 32.94 -9.09
CA LEU B 51 -3.51 32.82 -10.11
C LEU B 51 -3.77 31.34 -10.43
N ARG B 52 -5.03 30.93 -10.47
CA ARG B 52 -5.43 29.54 -10.82
C ARG B 52 -5.89 29.39 -12.28
N LYS B 53 -5.44 28.32 -12.93
CA LYS B 53 -5.77 28.05 -14.33
C LYS B 53 -6.18 26.58 -14.52
N LYS B 58 -0.64 29.00 -10.62
CA LYS B 58 0.51 29.73 -11.13
C LYS B 58 0.95 30.81 -10.15
N LEU B 59 1.97 30.50 -9.34
CA LEU B 59 2.53 31.46 -8.35
C LEU B 59 3.48 32.48 -9.03
N ILE B 60 3.25 33.78 -8.79
CA ILE B 60 4.01 34.89 -9.43
C ILE B 60 4.35 35.99 -8.41
N SER B 72 9.18 42.61 -12.34
CA SER B 72 10.39 41.98 -12.87
C SER B 72 11.37 43.05 -13.42
N ASP B 73 11.48 43.21 -14.75
CA ASP B 73 12.24 44.33 -15.32
C ASP B 73 11.40 45.61 -15.50
N PRO B 74 10.26 45.55 -16.24
CA PRO B 74 9.40 46.74 -16.29
C PRO B 74 8.66 46.97 -14.96
N LEU B 75 9.35 47.62 -14.02
CA LEU B 75 8.85 47.82 -12.65
C LEU B 75 7.98 49.08 -12.44
N THR B 76 7.66 49.81 -13.53
CA THR B 76 6.93 51.10 -13.45
C THR B 76 5.46 50.91 -13.02
N PHE B 77 5.26 50.68 -11.71
CA PHE B 77 3.94 50.43 -11.13
C PHE B 77 3.90 50.93 -9.67
N VAL B 80 1.26 47.87 -4.48
CA VAL B 80 0.82 46.51 -4.83
C VAL B 80 -0.50 46.54 -5.61
N VAL B 81 -1.45 47.37 -5.19
CA VAL B 81 -2.78 47.53 -5.84
C VAL B 81 -2.65 48.07 -7.28
N GLU B 82 -1.55 48.79 -7.57
CA GLU B 82 -1.25 49.28 -8.92
C GLU B 82 -1.16 48.13 -9.91
N LEU B 83 -0.33 47.16 -9.57
CA LEU B 83 -0.02 46.07 -10.48
C LEU B 83 -1.20 45.11 -10.73
N ILE B 84 -2.04 44.88 -9.71
CA ILE B 84 -3.13 43.89 -9.79
C ILE B 84 -4.34 44.37 -10.61
N ASN B 85 -4.68 45.66 -10.53
CA ASN B 85 -5.75 46.27 -11.36
C ASN B 85 -5.42 46.18 -12.86
N HIS B 86 -4.15 46.51 -13.18
CA HIS B 86 -3.58 46.44 -14.54
C HIS B 86 -3.84 45.10 -15.28
N TYR B 87 -3.73 43.98 -14.55
CA TYR B 87 -3.87 42.60 -15.10
C TYR B 87 -5.16 41.83 -14.70
N ARG B 88 -6.15 42.54 -14.13
CA ARG B 88 -7.50 42.02 -14.01
C ARG B 88 -8.21 42.20 -15.36
N ASN B 89 -8.04 43.40 -15.94
CA ASN B 89 -8.43 43.70 -17.33
C ASN B 89 -7.66 42.84 -18.34
N GLU B 90 -6.35 42.79 -18.17
CA GLU B 90 -5.40 42.27 -19.17
C GLU B 90 -4.85 40.87 -18.86
N SER B 91 -4.63 40.10 -19.92
CA SER B 91 -3.99 38.79 -19.84
C SER B 91 -2.53 38.93 -19.42
N LEU B 92 -1.92 37.81 -19.05
CA LEU B 92 -0.50 37.74 -18.71
C LEU B 92 0.36 37.13 -19.85
N ALA B 93 -0.14 37.20 -21.08
CA ALA B 93 0.54 36.59 -22.25
C ALA B 93 1.81 37.37 -22.66
N GLN B 94 1.70 38.70 -22.71
CA GLN B 94 2.88 39.56 -23.02
C GLN B 94 3.91 39.63 -21.86
N TYR B 95 3.47 39.36 -20.63
CA TYR B 95 4.35 39.30 -19.44
C TYR B 95 5.31 38.11 -19.57
N ASN B 96 4.75 36.90 -19.54
CA ASN B 96 5.53 35.67 -19.65
C ASN B 96 4.82 34.77 -20.66
N PRO B 97 5.44 34.54 -21.85
CA PRO B 97 4.74 33.98 -23.02
C PRO B 97 3.46 33.15 -22.72
N LYS B 98 3.56 31.96 -22.12
CA LYS B 98 2.40 31.06 -21.90
C LYS B 98 1.65 31.34 -20.58
N LEU B 99 0.89 32.42 -20.59
CA LEU B 99 -0.10 32.70 -19.55
C LEU B 99 -1.28 33.44 -20.19
N ASP B 100 -1.96 32.77 -21.12
CA ASP B 100 -3.16 33.35 -21.78
C ASP B 100 -4.41 33.24 -20.87
N VAL B 101 -4.32 33.91 -19.71
CA VAL B 101 -5.34 33.89 -18.65
C VAL B 101 -5.25 35.21 -17.86
N LYS B 102 -6.41 35.78 -17.51
CA LYS B 102 -6.48 37.15 -16.96
C LYS B 102 -6.41 37.20 -15.44
N LEU B 104 -9.16 37.39 -13.59
CA LEU B 104 -10.55 37.71 -13.90
C LEU B 104 -11.36 37.76 -12.60
N TYR B 105 -11.38 36.63 -11.88
CA TYR B 105 -12.12 36.49 -10.61
C TYR B 105 -11.24 36.90 -9.42
N PRO B 106 -11.59 37.97 -8.69
CA PRO B 106 -10.68 38.45 -7.63
C PRO B 106 -11.01 37.93 -6.21
N VAL B 107 -11.70 36.80 -6.10
CA VAL B 107 -12.36 36.40 -4.84
C VAL B 107 -11.32 35.92 -3.83
N ASP B 113 -20.37 38.47 2.25
CA ASP B 113 -21.42 38.52 1.22
C ASP B 113 -22.75 37.96 1.77
N GLN B 114 -22.86 36.62 1.85
CA GLN B 114 -24.12 35.99 2.27
C GLN B 114 -24.27 35.99 3.79
N VAL B 115 -24.07 34.85 4.46
CA VAL B 115 -24.28 34.68 5.92
C VAL B 115 -25.56 35.28 6.55
N VAL B 116 -26.63 35.41 5.74
CA VAL B 116 -27.83 36.25 6.05
C VAL B 116 -27.45 37.68 6.48
N LYS B 117 -26.37 38.20 5.89
CA LYS B 117 -25.67 39.45 6.26
C LYS B 117 -25.54 39.74 7.79
N GLU B 118 -25.57 38.68 8.61
CA GLU B 118 -25.73 38.82 10.08
C GLU B 118 -24.54 39.50 10.70
N ASP B 119 -24.75 40.71 11.23
CA ASP B 119 -23.70 41.43 11.96
C ASP B 119 -23.84 41.16 13.47
N ASN B 120 -24.17 39.90 13.78
CA ASN B 120 -24.47 39.45 15.12
C ASN B 120 -23.28 38.81 15.82
N ILE B 121 -22.30 38.32 15.06
CA ILE B 121 -21.13 37.61 15.60
C ILE B 121 -21.54 36.29 16.28
N GLU B 122 -22.21 36.36 17.42
CA GLU B 122 -22.61 35.15 18.15
C GLU B 122 -23.64 34.30 17.39
N ALA B 123 -24.57 34.96 16.68
CA ALA B 123 -25.58 34.24 15.89
C ALA B 123 -25.05 33.76 14.53
N VAL B 124 -23.96 34.35 14.07
CA VAL B 124 -23.19 33.78 12.96
C VAL B 124 -22.45 32.54 13.49
N GLY B 125 -21.95 32.63 14.72
CA GLY B 125 -21.32 31.51 15.43
C GLY B 125 -22.18 30.25 15.59
N LYS B 126 -23.47 30.45 15.86
CA LYS B 126 -24.42 29.33 15.95
C LYS B 126 -24.53 28.66 14.59
N LYS B 127 -24.81 29.46 13.57
CA LYS B 127 -25.00 28.96 12.19
C LYS B 127 -23.81 28.15 11.66
N LEU B 128 -22.61 28.50 12.09
CA LEU B 128 -21.43 27.72 11.75
C LEU B 128 -21.61 26.29 12.22
N HIS B 129 -21.84 26.11 13.52
CA HIS B 129 -22.10 24.78 14.10
C HIS B 129 -23.27 24.04 13.43
N GLU B 130 -24.32 24.78 13.13
CA GLU B 130 -25.52 24.21 12.48
C GLU B 130 -25.17 23.66 11.11
N TYR B 131 -24.53 24.47 10.27
CA TYR B 131 -24.12 24.02 8.93
C TYR B 131 -23.05 22.96 9.02
N ASN B 132 -22.15 23.11 9.98
CA ASN B 132 -21.10 22.13 10.26
C ASN B 132 -21.68 20.77 10.75
N THR B 133 -22.77 20.80 11.51
CA THR B 133 -23.51 19.57 11.86
C THR B 133 -24.24 19.02 10.62
N GLN B 134 -24.81 19.91 9.80
CA GLN B 134 -25.49 19.52 8.55
C GLN B 134 -24.52 18.89 7.56
N PHE B 135 -23.33 19.47 7.47
CA PHE B 135 -22.25 18.96 6.61
C PHE B 135 -21.70 17.61 7.10
N GLN B 136 -21.35 17.55 8.39
CA GLN B 136 -20.91 16.30 9.03
C GLN B 136 -21.98 15.21 8.90
N GLU B 137 -23.25 15.59 9.15
CA GLU B 137 -24.40 14.71 8.92
C GLU B 137 -24.39 14.15 7.49
N LYS B 138 -24.12 15.03 6.53
CA LYS B 138 -24.15 14.69 5.11
C LYS B 138 -23.01 13.76 4.67
N SER B 139 -21.82 13.90 5.28
CA SER B 139 -20.65 13.05 4.95
C SER B 139 -20.83 11.58 5.31
N ARG B 140 -21.45 11.32 6.46
CA ARG B 140 -21.73 9.94 6.92
C ARG B 140 -22.63 9.21 5.93
N GLU B 141 -23.69 9.89 5.51
CA GLU B 141 -24.61 9.39 4.51
C GLU B 141 -23.87 9.10 3.19
N TYR B 142 -22.94 9.98 2.82
CA TYR B 142 -22.04 9.76 1.67
C TYR B 142 -21.06 8.61 1.92
N ASP B 143 -20.49 8.55 3.11
CA ASP B 143 -19.55 7.47 3.46
C ASP B 143 -20.21 6.09 3.50
N ARG B 144 -21.40 6.01 4.11
CA ARG B 144 -22.23 4.77 4.15
C ARG B 144 -22.45 4.18 2.76
N LEU B 145 -22.83 5.07 1.85
CA LEU B 145 -23.21 4.70 0.49
C LEU B 145 -22.01 4.31 -0.39
N TYR B 146 -20.89 5.02 -0.24
CA TYR B 146 -19.64 4.65 -0.93
C TYR B 146 -19.17 3.22 -0.55
N GLU B 147 -19.43 2.81 0.71
CA GLU B 147 -19.23 1.41 1.14
C GLU B 147 -20.16 0.47 0.35
N GLU B 148 -21.49 0.67 0.49
CA GLU B 148 -22.51 -0.14 -0.22
C GLU B 148 -22.25 -0.25 -1.71
N TYR B 149 -21.87 0.87 -2.32
CA TYR B 149 -21.44 0.94 -3.72
C TYR B 149 -20.36 -0.09 -4.01
N THR B 150 -19.29 -0.07 -3.19
CA THR B 150 -18.10 -0.90 -3.42
C THR B 150 -18.31 -2.37 -3.08
N ARG B 151 -19.12 -2.65 -2.05
CA ARG B 151 -19.62 -4.01 -1.85
C ARG B 151 -20.45 -4.44 -3.06
N THR B 152 -21.47 -3.64 -3.39
CA THR B 152 -22.36 -3.98 -4.49
C THR B 152 -21.61 -4.16 -5.82
N SER B 153 -20.47 -3.48 -5.98
CA SER B 153 -19.58 -3.74 -7.11
C SER B 153 -18.98 -5.15 -7.00
N GLN B 154 -18.48 -5.49 -5.81
CA GLN B 154 -17.85 -6.78 -5.54
C GLN B 154 -18.87 -7.90 -5.50
N GLU B 155 -19.90 -7.74 -4.66
CA GLU B 155 -20.99 -8.70 -4.53
C GLU B 155 -21.57 -9.08 -5.88
N ILE B 156 -21.86 -8.06 -6.70
CA ILE B 156 -22.26 -8.27 -8.09
C ILE B 156 -21.19 -9.11 -8.78
N GLN B 157 -19.96 -8.59 -8.88
CA GLN B 157 -18.92 -9.32 -9.64
C GLN B 157 -18.63 -10.76 -9.12
N MET B 158 -18.88 -11.00 -7.82
CA MET B 158 -18.89 -12.37 -7.27
C MET B 158 -19.99 -13.19 -7.94
N LYS B 159 -21.19 -12.62 -7.97
CA LYS B 159 -22.32 -13.26 -8.61
C LYS B 159 -22.03 -13.63 -10.06
N ARG B 160 -21.41 -12.73 -10.82
CA ARG B 160 -21.11 -12.97 -12.24
C ARG B 160 -20.25 -14.22 -12.43
N THR B 161 -19.14 -14.25 -11.71
CA THR B 161 -18.20 -15.37 -11.76
C THR B 161 -18.91 -16.66 -11.38
N ALA B 162 -19.76 -16.59 -10.34
CA ALA B 162 -20.53 -17.75 -9.87
C ALA B 162 -21.42 -18.34 -10.96
N ILE B 163 -21.98 -17.45 -11.78
CA ILE B 163 -22.79 -17.85 -12.91
C ILE B 163 -21.91 -18.51 -13.96
N GLU B 164 -20.79 -17.89 -14.31
CA GLU B 164 -19.80 -18.54 -15.20
C GLU B 164 -19.48 -19.97 -14.70
N ALA B 165 -19.38 -20.09 -13.37
CA ALA B 165 -19.10 -21.38 -12.72
C ALA B 165 -20.28 -22.32 -12.81
N PHE B 166 -21.49 -21.83 -12.60
CA PHE B 166 -22.69 -22.66 -12.85
C PHE B 166 -22.67 -23.17 -14.27
N ASN B 167 -22.57 -22.22 -15.20
CA ASN B 167 -22.55 -22.53 -16.61
C ASN B 167 -21.50 -23.58 -16.96
N GLU B 168 -20.30 -23.48 -16.37
CA GLU B 168 -19.27 -24.52 -16.55
C GLU B 168 -19.63 -25.83 -15.82
N THR B 169 -20.20 -25.73 -14.61
CA THR B 169 -20.68 -26.90 -13.87
C THR B 169 -21.62 -27.69 -14.78
N ILE B 170 -22.66 -27.00 -15.23
CA ILE B 170 -23.71 -27.55 -16.10
C ILE B 170 -23.09 -28.20 -17.32
N LYS B 171 -22.20 -27.48 -17.97
CA LYS B 171 -21.52 -28.00 -19.15
C LYS B 171 -20.82 -29.32 -18.90
N ILE B 172 -20.42 -29.58 -17.63
CA ILE B 172 -19.80 -30.86 -17.25
C ILE B 172 -20.83 -31.95 -16.97
N PHE B 173 -21.98 -31.55 -16.41
CA PHE B 173 -23.10 -32.47 -16.27
C PHE B 173 -23.75 -32.74 -17.64
N GLU B 174 -23.91 -31.70 -18.46
CA GLU B 174 -24.41 -31.85 -19.83
C GLU B 174 -23.48 -32.77 -20.65
N GLU B 175 -22.17 -32.66 -20.45
CA GLU B 175 -21.21 -33.60 -21.05
C GLU B 175 -21.35 -34.99 -20.45
N GLN B 176 -21.65 -35.08 -19.15
CA GLN B 176 -21.85 -36.38 -18.49
C GLN B 176 -23.12 -37.10 -18.94
N CYS B 177 -24.25 -36.40 -19.03
CA CYS B 177 -25.49 -37.03 -19.51
C CYS B 177 -25.28 -37.51 -20.95
N GLN B 178 -24.54 -36.73 -21.74
CA GLN B 178 -24.14 -37.15 -23.09
C GLN B 178 -23.07 -38.28 -23.05
N THR B 179 -22.14 -38.23 -22.09
CA THR B 179 -21.14 -39.29 -21.90
C THR B 179 -21.80 -40.65 -21.66
N GLN B 180 -22.90 -40.66 -20.91
CA GLN B 180 -23.53 -41.92 -20.53
C GLN B 180 -24.38 -42.47 -21.66
N GLU B 181 -25.10 -41.59 -22.38
CA GLU B 181 -25.81 -41.98 -23.61
C GLU B 181 -24.95 -42.76 -24.62
N ARG B 182 -23.66 -42.45 -24.73
CA ARG B 182 -22.76 -43.27 -25.54
C ARG B 182 -22.69 -44.68 -24.98
N TYR B 183 -22.10 -44.84 -23.81
CA TYR B 183 -21.70 -46.16 -23.30
C TYR B 183 -22.88 -46.99 -22.72
N SER B 184 -23.94 -46.31 -22.30
CA SER B 184 -25.16 -46.97 -21.81
C SER B 184 -25.90 -47.64 -22.96
N LYS B 185 -26.14 -46.88 -24.03
CA LYS B 185 -26.85 -47.41 -25.21
C LYS B 185 -26.01 -48.41 -26.03
N GLU B 186 -24.71 -48.49 -25.76
CA GLU B 186 -23.87 -49.63 -26.19
C GLU B 186 -24.13 -50.86 -25.28
N TYR B 187 -24.38 -50.62 -24.00
CA TYR B 187 -24.68 -51.68 -23.03
C TYR B 187 -26.17 -51.96 -22.82
N ILE B 188 -27.02 -51.41 -23.68
CA ILE B 188 -28.40 -51.92 -23.85
C ILE B 188 -28.40 -52.96 -24.98
N GLU B 189 -27.93 -52.58 -26.17
CA GLU B 189 -28.09 -53.41 -27.35
C GLU B 189 -27.15 -54.62 -27.34
N LYS B 190 -25.96 -54.46 -26.77
CA LYS B 190 -25.13 -55.62 -26.46
C LYS B 190 -25.85 -56.43 -25.38
N PHE B 191 -25.91 -57.75 -25.58
CA PHE B 191 -26.54 -58.72 -24.66
C PHE B 191 -28.10 -58.66 -24.63
N LYS B 192 -28.66 -57.56 -24.12
CA LYS B 192 -30.14 -57.31 -24.01
C LYS B 192 -31.01 -58.27 -23.18
N ARG B 193 -30.93 -59.59 -23.44
CA ARG B 193 -31.65 -60.60 -22.64
C ARG B 193 -31.22 -60.72 -21.16
N GLU B 194 -29.93 -60.49 -20.90
CA GLU B 194 -29.31 -60.67 -19.58
C GLU B 194 -29.46 -59.40 -18.74
N GLY B 195 -30.00 -59.53 -17.53
CA GLY B 195 -30.38 -58.37 -16.71
C GLY B 195 -31.70 -57.81 -17.20
N ASN B 196 -31.74 -57.40 -18.46
CA ASN B 196 -32.97 -57.08 -19.17
C ASN B 196 -33.48 -55.75 -18.61
N GLU B 197 -34.70 -55.68 -18.08
CA GLU B 197 -35.20 -54.44 -17.45
C GLU B 197 -34.51 -54.14 -16.11
N LYS B 198 -34.00 -55.18 -15.47
CA LYS B 198 -33.24 -54.99 -14.23
C LYS B 198 -31.96 -54.20 -14.50
N GLU B 199 -31.29 -54.46 -15.61
CA GLU B 199 -30.08 -53.71 -15.93
C GLU B 199 -30.44 -52.31 -16.36
N ILE B 200 -31.31 -52.20 -17.38
CA ILE B 200 -31.63 -50.90 -17.98
C ILE B 200 -32.38 -49.97 -17.01
N GLN B 201 -33.13 -50.51 -16.04
CA GLN B 201 -33.77 -49.69 -14.99
C GLN B 201 -32.73 -48.89 -14.21
N ARG B 202 -31.78 -49.61 -13.62
CA ARG B 202 -30.77 -48.99 -12.77
C ARG B 202 -29.74 -48.13 -13.58
N ILE B 203 -29.72 -48.30 -14.90
CA ILE B 203 -29.07 -47.37 -15.85
C ILE B 203 -29.98 -46.19 -16.19
N MET B 204 -31.25 -46.46 -16.41
CA MET B 204 -32.25 -45.42 -16.69
C MET B 204 -32.53 -44.54 -15.46
N HIS B 205 -32.36 -45.09 -14.24
CA HIS B 205 -32.58 -44.34 -12.98
C HIS B 205 -31.46 -43.34 -12.70
N ASN B 206 -30.25 -43.87 -12.75
CA ASN B 206 -29.02 -43.10 -12.79
C ASN B 206 -29.14 -41.94 -13.81
N TYR B 207 -29.51 -42.25 -15.05
CA TYR B 207 -29.79 -41.25 -16.10
C TYR B 207 -30.99 -40.32 -15.81
N ASP B 208 -31.99 -40.78 -15.06
CA ASP B 208 -33.00 -39.87 -14.52
C ASP B 208 -32.29 -38.90 -13.56
N LYS B 209 -31.76 -39.43 -12.47
CA LYS B 209 -31.01 -38.62 -11.49
C LYS B 209 -30.12 -37.57 -12.10
N LEU B 210 -29.40 -37.94 -13.16
CA LEU B 210 -28.47 -37.04 -13.87
C LEU B 210 -29.12 -35.81 -14.52
N LYS B 211 -30.15 -36.03 -15.34
CA LYS B 211 -30.84 -34.91 -15.99
C LYS B 211 -31.70 -34.09 -15.03
N SER B 212 -32.20 -34.70 -13.96
CA SER B 212 -32.98 -33.98 -12.94
C SER B 212 -32.09 -33.14 -12.02
N ARG B 213 -30.86 -33.61 -11.79
CA ARG B 213 -29.86 -32.79 -11.12
C ARG B 213 -29.58 -31.56 -12.01
N ILE B 214 -29.36 -31.79 -13.31
CA ILE B 214 -29.20 -30.69 -14.29
C ILE B 214 -30.34 -29.68 -14.21
N SER B 215 -31.57 -30.15 -14.02
CA SER B 215 -32.75 -29.29 -13.82
C SER B 215 -32.62 -28.37 -12.60
N GLU B 216 -32.15 -28.95 -11.49
CA GLU B 216 -31.93 -28.19 -10.28
C GLU B 216 -30.86 -27.11 -10.47
N ILE B 217 -29.75 -27.47 -11.11
CA ILE B 217 -28.60 -26.55 -11.27
C ILE B 217 -29.00 -25.33 -12.10
N ILE B 218 -29.67 -25.58 -13.23
CA ILE B 218 -30.09 -24.51 -14.15
C ILE B 218 -31.05 -23.58 -13.43
N ASP B 219 -32.03 -24.16 -12.74
CA ASP B 219 -32.97 -23.38 -11.91
C ASP B 219 -32.28 -22.65 -10.76
N SER B 220 -31.18 -23.23 -10.26
CA SER B 220 -30.28 -22.51 -9.35
C SER B 220 -29.63 -21.29 -10.03
N ARG B 221 -29.13 -21.47 -11.26
CA ARG B 221 -28.50 -20.37 -12.01
C ARG B 221 -29.46 -19.24 -12.37
N ARG B 222 -30.59 -19.62 -12.95
CA ARG B 222 -31.65 -18.67 -13.23
C ARG B 222 -31.91 -17.78 -12.01
N ARG B 223 -31.99 -18.40 -10.83
CA ARG B 223 -32.31 -17.70 -9.58
C ARG B 223 -31.20 -16.75 -9.11
N LEU B 224 -29.96 -17.04 -9.49
CA LEU B 224 -28.86 -16.13 -9.24
C LEU B 224 -28.98 -14.89 -10.13
N GLU B 225 -29.16 -15.13 -11.43
CA GLU B 225 -29.28 -14.07 -12.44
C GLU B 225 -30.39 -13.06 -12.17
N GLU B 226 -31.53 -13.52 -11.66
CA GLU B 226 -32.60 -12.61 -11.26
C GLU B 226 -32.20 -11.82 -10.00
N ASP B 227 -31.51 -12.48 -9.05
CA ASP B 227 -30.96 -11.79 -7.86
C ASP B 227 -29.88 -10.79 -8.26
N LEU B 228 -29.15 -11.11 -9.33
CA LEU B 228 -28.13 -10.22 -9.92
C LEU B 228 -28.68 -8.88 -10.39
N LYS B 229 -29.79 -8.91 -11.13
CA LYS B 229 -30.37 -7.67 -11.65
C LYS B 229 -31.00 -6.87 -10.50
N LYS B 230 -31.49 -7.56 -9.47
CA LYS B 230 -31.99 -6.90 -8.24
C LYS B 230 -30.88 -6.19 -7.46
N GLN B 231 -29.72 -6.82 -7.41
CA GLN B 231 -28.50 -6.16 -6.94
C GLN B 231 -28.16 -4.97 -7.84
N ALA B 232 -28.03 -5.22 -9.13
CA ALA B 232 -27.69 -4.18 -10.12
C ALA B 232 -28.67 -3.00 -10.08
N ALA B 233 -29.94 -3.29 -9.83
CA ALA B 233 -30.96 -2.25 -9.63
C ALA B 233 -30.59 -1.33 -8.47
N GLU B 234 -30.41 -1.91 -7.27
CA GLU B 234 -29.99 -1.16 -6.08
C GLU B 234 -28.67 -0.40 -6.28
N TYR B 235 -27.75 -1.01 -7.05
CA TYR B 235 -26.41 -0.45 -7.39
C TYR B 235 -26.52 0.86 -8.15
N ARG B 236 -27.40 0.87 -9.17
CA ARG B 236 -27.72 2.08 -9.92
C ARG B 236 -28.26 3.16 -8.97
N GLU B 237 -29.14 2.75 -8.06
CA GLU B 237 -29.73 3.68 -7.10
C GLU B 237 -28.73 4.21 -6.03
N ILE B 238 -27.62 3.51 -5.81
CA ILE B 238 -26.58 3.99 -4.89
C ILE B 238 -25.84 5.19 -5.49
N ASP B 239 -25.38 5.02 -6.73
CA ASP B 239 -24.71 6.08 -7.50
C ASP B 239 -25.64 7.29 -7.52
N LYS B 240 -26.88 7.04 -7.97
CA LYS B 240 -27.97 8.04 -8.07
C LYS B 240 -28.09 9.01 -6.89
N ARG B 241 -28.06 8.47 -5.67
CA ARG B 241 -28.18 9.29 -4.45
C ARG B 241 -26.85 9.87 -4.01
N MET B 242 -25.74 9.21 -4.34
CA MET B 242 -24.42 9.80 -4.17
C MET B 242 -24.25 11.06 -5.04
N ASN B 243 -24.67 10.96 -6.31
CA ASN B 243 -24.63 12.07 -7.28
C ASN B 243 -25.58 13.23 -6.96
N SER B 244 -26.56 12.97 -6.11
CA SER B 244 -27.50 13.97 -5.61
C SER B 244 -27.14 14.48 -4.21
N ILE B 245 -26.23 13.78 -3.53
CA ILE B 245 -25.68 14.23 -2.26
C ILE B 245 -24.42 15.07 -2.49
N LYS B 246 -23.57 14.65 -3.42
CA LYS B 246 -22.35 15.40 -3.78
C LYS B 246 -22.48 16.93 -3.98
N PRO B 247 -23.47 17.41 -4.75
CA PRO B 247 -23.57 18.87 -4.97
C PRO B 247 -23.95 19.67 -3.72
N ASP B 248 -24.91 19.13 -2.95
CA ASP B 248 -25.31 19.69 -1.64
C ASP B 248 -24.17 19.64 -0.65
N LEU B 249 -23.42 18.53 -0.69
CA LEU B 249 -22.23 18.39 0.14
C LEU B 249 -21.18 19.49 -0.13
N ILE B 250 -21.01 19.91 -1.39
CA ILE B 250 -20.04 20.97 -1.72
C ILE B 250 -20.55 22.36 -1.34
N GLN B 251 -21.86 22.59 -1.50
CA GLN B 251 -22.44 23.89 -1.11
C GLN B 251 -22.46 24.11 0.39
N LEU B 252 -22.92 23.07 1.11
CA LEU B 252 -22.89 23.05 2.58
C LEU B 252 -21.49 23.34 3.09
N ARG B 253 -20.52 22.66 2.50
CA ARG B 253 -19.13 22.97 2.76
C ARG B 253 -18.88 24.42 2.42
N LYS B 254 -19.18 24.81 1.19
CA LYS B 254 -18.81 26.12 0.69
C LYS B 254 -19.39 27.29 1.51
N THR B 255 -20.65 27.16 1.93
CA THR B 255 -21.25 28.18 2.81
C THR B 255 -20.42 28.26 4.10
N ARG B 256 -20.32 27.12 4.78
CA ARG B 256 -19.59 26.95 6.05
C ARG B 256 -18.18 27.53 6.07
N ASP B 257 -17.53 27.52 4.92
CA ASP B 257 -16.23 28.18 4.77
C ASP B 257 -16.35 29.70 4.89
N GLN B 258 -17.29 30.29 4.16
CA GLN B 258 -17.48 31.76 4.18
C GLN B 258 -18.08 32.26 5.48
N TYR B 259 -18.95 31.45 6.09
CA TYR B 259 -19.40 31.70 7.47
C TYR B 259 -18.20 31.78 8.43
N LEU B 260 -17.32 30.78 8.36
CA LEU B 260 -16.10 30.74 9.17
C LEU B 260 -15.05 31.77 8.73
N MET B 261 -15.07 32.20 7.48
CA MET B 261 -14.25 33.34 7.05
C MET B 261 -14.78 34.55 7.78
N TRP B 262 -16.04 34.91 7.52
CA TRP B 262 -16.67 36.13 8.06
C TRP B 262 -16.42 36.36 9.56
N LEU B 263 -16.40 35.28 10.34
CA LEU B 263 -16.08 35.32 11.77
C LEU B 263 -14.61 35.67 12.03
N THR B 264 -13.71 34.91 11.40
CA THR B 264 -12.26 35.14 11.54
C THR B 264 -11.85 36.55 11.06
N GLN B 265 -12.62 37.15 10.15
CA GLN B 265 -12.41 38.55 9.74
C GLN B 265 -12.46 39.50 10.92
N LYS B 266 -13.53 39.41 11.71
CA LYS B 266 -13.80 40.37 12.78
C LYS B 266 -12.86 40.15 13.98
N GLY B 267 -13.07 39.06 14.72
CA GLY B 267 -12.37 38.81 15.99
C GLY B 267 -11.61 37.50 15.93
N VAL B 268 -10.27 37.58 15.96
CA VAL B 268 -9.34 36.46 15.63
C VAL B 268 -9.86 35.09 16.11
N ARG B 269 -10.28 35.01 17.38
CA ARG B 269 -10.94 33.82 18.01
C ARG B 269 -10.84 32.49 17.25
N GLN B 270 -9.60 32.04 17.01
CA GLN B 270 -9.33 30.70 16.46
C GLN B 270 -9.65 29.58 17.46
N LYS B 271 -9.69 29.94 18.75
CA LYS B 271 -9.96 28.99 19.83
C LYS B 271 -11.46 28.80 20.17
N LYS B 272 -12.27 29.84 20.04
CA LYS B 272 -13.73 29.74 20.30
C LYS B 272 -14.50 28.86 19.30
N LEU B 273 -13.94 28.74 18.08
CA LEU B 273 -14.55 28.00 16.98
C LEU B 273 -14.72 26.49 17.25
N ASN B 274 -13.83 25.90 18.06
CA ASN B 274 -13.76 24.42 18.25
C ASN B 274 -15.06 23.74 18.68
N GLU B 275 -15.71 24.32 19.69
CA GLU B 275 -16.96 23.75 20.20
C GLU B 275 -17.98 23.63 19.07
N TRP B 276 -18.04 24.68 18.23
CA TRP B 276 -18.78 24.63 16.97
C TRP B 276 -18.04 23.74 16.00
C4 71L C . 1.37 20.41 -8.88
C6 71L C . 0.44 22.36 -9.87
C7 71L C . -0.59 22.37 -8.92
C8 71L C . 0.49 23.43 -10.94
C3 71L C . 0.37 20.38 -7.91
C2 71L C . -0.62 21.36 -7.92
C1 71L C . -1.71 21.35 -6.88
N5 71L C . 1.38 21.39 -9.84
N9 71L C . 2.42 19.37 -8.89
#